data_1JMB
# 
_entry.id   1JMB 
# 
_audit_conform.dict_name       mmcif_pdbx.dic 
_audit_conform.dict_version    5.399 
_audit_conform.dict_location   http://mmcif.pdb.org/dictionaries/ascii/mmcif_pdbx.dic 
# 
loop_
_database_2.database_id 
_database_2.database_code 
_database_2.pdbx_database_accession 
_database_2.pdbx_DOI 
PDB   1JMB         pdb_00001jmb 10.2210/pdb1jmb/pdb 
RCSB  RCSB013935   ?            ?                   
WWPDB D_1000013935 ?            ?                   
# 
loop_
_pdbx_audit_revision_history.ordinal 
_pdbx_audit_revision_history.data_content_type 
_pdbx_audit_revision_history.major_revision 
_pdbx_audit_revision_history.minor_revision 
_pdbx_audit_revision_history.revision_date 
1 'Structure model' 1 0 2002-01-16 
2 'Structure model' 1 1 2008-04-27 
3 'Structure model' 1 2 2011-07-13 
4 'Structure model' 1 3 2024-04-03 
5 'Structure model' 1 4 2024-11-20 
# 
_pdbx_audit_revision_details.ordinal             1 
_pdbx_audit_revision_details.revision_ordinal    1 
_pdbx_audit_revision_details.data_content_type   'Structure model' 
_pdbx_audit_revision_details.provider            repository 
_pdbx_audit_revision_details.type                'Initial release' 
_pdbx_audit_revision_details.description         ? 
_pdbx_audit_revision_details.details             ? 
# 
loop_
_pdbx_audit_revision_group.ordinal 
_pdbx_audit_revision_group.revision_ordinal 
_pdbx_audit_revision_group.data_content_type 
_pdbx_audit_revision_group.group 
1 2 'Structure model' 'Version format compliance' 
2 3 'Structure model' 'Version format compliance' 
3 4 'Structure model' 'Data collection'           
4 4 'Structure model' 'Database references'       
5 4 'Structure model' 'Derived calculations'      
6 4 'Structure model' 'Refinement description'    
7 5 'Structure model' 'Structure summary'         
# 
loop_
_pdbx_audit_revision_category.ordinal 
_pdbx_audit_revision_category.revision_ordinal 
_pdbx_audit_revision_category.data_content_type 
_pdbx_audit_revision_category.category 
1 4 'Structure model' chem_comp_atom                
2 4 'Structure model' chem_comp_bond                
3 4 'Structure model' database_2                    
4 4 'Structure model' pdbx_initial_refinement_model 
5 4 'Structure model' pdbx_struct_conn_angle        
6 4 'Structure model' struct_conn                   
7 4 'Structure model' struct_site                   
8 5 'Structure model' pdbx_entry_details            
9 5 'Structure model' pdbx_modification_feature     
# 
loop_
_pdbx_audit_revision_item.ordinal 
_pdbx_audit_revision_item.revision_ordinal 
_pdbx_audit_revision_item.data_content_type 
_pdbx_audit_revision_item.item 
1  4 'Structure model' '_database_2.pdbx_DOI'                        
2  4 'Structure model' '_database_2.pdbx_database_accession'         
3  4 'Structure model' '_pdbx_struct_conn_angle.ptnr1_auth_asym_id'  
4  4 'Structure model' '_pdbx_struct_conn_angle.ptnr1_auth_comp_id'  
5  4 'Structure model' '_pdbx_struct_conn_angle.ptnr1_auth_seq_id'   
6  4 'Structure model' '_pdbx_struct_conn_angle.ptnr1_label_alt_id'  
7  4 'Structure model' '_pdbx_struct_conn_angle.ptnr1_label_asym_id' 
8  4 'Structure model' '_pdbx_struct_conn_angle.ptnr1_label_atom_id' 
9  4 'Structure model' '_pdbx_struct_conn_angle.ptnr1_label_comp_id' 
10 4 'Structure model' '_pdbx_struct_conn_angle.ptnr1_label_seq_id'  
11 4 'Structure model' '_pdbx_struct_conn_angle.ptnr1_symmetry'      
12 4 'Structure model' '_pdbx_struct_conn_angle.ptnr3_auth_asym_id'  
13 4 'Structure model' '_pdbx_struct_conn_angle.ptnr3_auth_comp_id'  
14 4 'Structure model' '_pdbx_struct_conn_angle.ptnr3_auth_seq_id'   
15 4 'Structure model' '_pdbx_struct_conn_angle.ptnr3_label_alt_id'  
16 4 'Structure model' '_pdbx_struct_conn_angle.ptnr3_label_asym_id' 
17 4 'Structure model' '_pdbx_struct_conn_angle.ptnr3_label_atom_id' 
18 4 'Structure model' '_pdbx_struct_conn_angle.ptnr3_label_comp_id' 
19 4 'Structure model' '_pdbx_struct_conn_angle.ptnr3_label_seq_id'  
20 4 'Structure model' '_pdbx_struct_conn_angle.ptnr3_symmetry'      
21 4 'Structure model' '_pdbx_struct_conn_angle.value'               
22 4 'Structure model' '_struct_conn.pdbx_dist_value'                
23 4 'Structure model' '_struct_conn.pdbx_leaving_atom_flag'         
24 4 'Structure model' '_struct_conn.pdbx_ptnr1_label_alt_id'        
25 4 'Structure model' '_struct_conn.pdbx_ptnr2_label_alt_id'        
26 4 'Structure model' '_struct_conn.ptnr1_auth_asym_id'             
27 4 'Structure model' '_struct_conn.ptnr1_auth_comp_id'             
28 4 'Structure model' '_struct_conn.ptnr1_auth_seq_id'              
29 4 'Structure model' '_struct_conn.ptnr1_label_asym_id'            
30 4 'Structure model' '_struct_conn.ptnr1_label_atom_id'            
31 4 'Structure model' '_struct_conn.ptnr1_label_comp_id'            
32 4 'Structure model' '_struct_conn.ptnr1_label_seq_id'             
33 4 'Structure model' '_struct_conn.ptnr1_symmetry'                 
34 4 'Structure model' '_struct_conn.ptnr2_auth_asym_id'             
35 4 'Structure model' '_struct_conn.ptnr2_auth_comp_id'             
36 4 'Structure model' '_struct_conn.ptnr2_auth_seq_id'              
37 4 'Structure model' '_struct_conn.ptnr2_label_asym_id'            
38 4 'Structure model' '_struct_conn.ptnr2_label_atom_id'            
39 4 'Structure model' '_struct_conn.ptnr2_label_comp_id'            
40 4 'Structure model' '_struct_conn.ptnr2_label_seq_id'             
41 4 'Structure model' '_struct_conn.ptnr2_symmetry'                 
42 4 'Structure model' '_struct_site.pdbx_auth_asym_id'              
43 4 'Structure model' '_struct_site.pdbx_auth_comp_id'              
44 4 'Structure model' '_struct_site.pdbx_auth_seq_id'               
# 
_pdbx_database_status.status_code                     REL 
_pdbx_database_status.entry_id                        1JMB 
_pdbx_database_status.recvd_initial_deposition_date   2001-07-18 
_pdbx_database_status.deposit_site                    RCSB 
_pdbx_database_status.process_site                    RCSB 
_pdbx_database_status.SG_entry                        . 
_pdbx_database_status.pdb_format_compatible           Y 
_pdbx_database_status.status_code_mr                  ? 
_pdbx_database_status.status_code_sf                  ? 
_pdbx_database_status.status_code_cs                  ? 
_pdbx_database_status.status_code_nmr_data            ? 
_pdbx_database_status.methods_development_category    ? 
# 
loop_
_pdbx_database_related.db_name 
_pdbx_database_related.db_id 
_pdbx_database_related.details 
_pdbx_database_related.content_type 
PDB 1EC5 '1EC5 IS THE ZINC DERIVATIVE WITH ALA13 RESIDUE MUTATED TO LEU'             unspecified 
PDB 1JM0 '1JM0 IS A DIFFERENT CRYSTALLINE FORM (S.G. P212121) OF THE SAME STRUCTURE' unspecified 
# 
loop_
_audit_author.name 
_audit_author.pdbx_ordinal 
'Di Costanzo, L.' 1 
'Geremia, S.'     2 
# 
loop_
_citation.id 
_citation.title 
_citation.journal_abbrev 
_citation.journal_volume 
_citation.page_first 
_citation.page_last 
_citation.year 
_citation.journal_id_ASTM 
_citation.country 
_citation.journal_id_ISSN 
_citation.journal_id_CSD 
_citation.book_publisher 
_citation.pdbx_database_id_PubMed 
_citation.pdbx_database_id_DOI 
primary 
;Toward the de novo design of a catalytically active helix bundle: a substrate-accessible carboxylate-bridged dinuclear metal center.
;
J.Am.Chem.Soc.         123 12749 12757 2001 JACSAT US 0002-7863 0004 ? 11749531 10.1021/ja010506x                
1       'Retrostructural Analysis of Metalloproteins: Application to the Design of a Minimal Model for Diiron Proteins' 
Proc.Natl.Acad.Sci.USA 97  6298  6305  2000 PNASA6 US 0027-8424 0040 ? ?        10.1073/pnas.97.12.6298          
2       'Tertiary Templates for the Design of Diiron Proteins' Curr.Opin.Struct.Biol. 9   500   508   1999 COSBEF UK 0959-440X 
0801 ? ?        '10.1016/S0959-440X(99)80071-2'  
3       'De Novo Design and Structural Characterization of Proteins and Metalloproteins' Annu.Rev.Biochem.      68  779   819   
1999 ARBOAW US 0066-4154 0413 ? ?        10.1146/annurev.biochem.68.1.779 
# 
loop_
_citation_author.citation_id 
_citation_author.name 
_citation_author.ordinal 
_citation_author.identifier_ORCID 
primary 'Di Costanzo, L.' 1  ? 
primary 'Wade, H.'        2  ? 
primary 'Geremia, S.'     3  ? 
primary 'Randaccio, L.'   4  ? 
primary 'Pavone, V.'      5  ? 
primary 'DeGrado, W.F.'   6  ? 
primary 'Lombardi, A.'    7  ? 
1       'Lombardi, A.'    8  ? 
1       'Summa, C.M.'     9  ? 
1       'Geremia, S.'     10 ? 
1       'Randaccio, L.'   11 ? 
1       'Pavone, V.'      12 ? 
1       'DeGrado, W.F.'   13 ? 
2       'Summa, C.M.'     14 ? 
2       'Lombardi, A.'    15 ? 
2       'Lewis, M.'       16 ? 
2       'DeGrado, W.F.'   17 ? 
3       'DeGrado, W.F.'   18 ? 
3       'Summa, C.M.'     19 ? 
3       'Pavone, V.'      20 ? 
3       'Nastri, F.'      21 ? 
3       'Lombardi, A.'    22 ? 
# 
loop_
_entity.id 
_entity.type 
_entity.src_method 
_entity.pdbx_description 
_entity.formula_weight 
_entity.pdbx_number_of_molecules 
_entity.pdbx_ec 
_entity.pdbx_mutation 
_entity.pdbx_fragment 
_entity.details 
1 polymer     syn 'PROTEIN (FOUR-HELIX BUNDLE MODEL)' 5828.813 3  ? ? ? ? 
2 non-polymer syn 'MANGANESE (II) ION'                54.938   3  ? ? ? ? 
3 non-polymer syn 'DIMETHYL SULFOXIDE'                78.133   2  ? ? ? ? 
4 water       nat water                               18.015   31 ? ? ? ? 
# 
_entity_poly.entity_id                      1 
_entity_poly.type                           'polypeptide(L)' 
_entity_poly.nstd_linkage                   no 
_entity_poly.nstd_monomer                   yes 
_entity_poly.pdbx_seq_one_letter_code       '(ACE)DYLRELLKLELQAIKQYREALEYVKLPVLAKILEDEEKHIEWLETILG(NH2)' 
_entity_poly.pdbx_seq_one_letter_code_can   XDYLRELLKLELQAIKQYREALEYVKLPVLAKILEDEEKHIEWLETILGX 
_entity_poly.pdbx_strand_id                 A,B,C 
_entity_poly.pdbx_target_identifier         ? 
# 
loop_
_pdbx_entity_nonpoly.entity_id 
_pdbx_entity_nonpoly.name 
_pdbx_entity_nonpoly.comp_id 
2 'MANGANESE (II) ION' MN  
3 'DIMETHYL SULFOXIDE' DMS 
4 water                HOH 
# 
loop_
_entity_poly_seq.entity_id 
_entity_poly_seq.num 
_entity_poly_seq.mon_id 
_entity_poly_seq.hetero 
1 1  ACE n 
1 2  ASP n 
1 3  TYR n 
1 4  LEU n 
1 5  ARG n 
1 6  GLU n 
1 7  LEU n 
1 8  LEU n 
1 9  LYS n 
1 10 LEU n 
1 11 GLU n 
1 12 LEU n 
1 13 GLN n 
1 14 ALA n 
1 15 ILE n 
1 16 LYS n 
1 17 GLN n 
1 18 TYR n 
1 19 ARG n 
1 20 GLU n 
1 21 ALA n 
1 22 LEU n 
1 23 GLU n 
1 24 TYR n 
1 25 VAL n 
1 26 LYS n 
1 27 LEU n 
1 28 PRO n 
1 29 VAL n 
1 30 LEU n 
1 31 ALA n 
1 32 LYS n 
1 33 ILE n 
1 34 LEU n 
1 35 GLU n 
1 36 ASP n 
1 37 GLU n 
1 38 GLU n 
1 39 LYS n 
1 40 HIS n 
1 41 ILE n 
1 42 GLU n 
1 43 TRP n 
1 44 LEU n 
1 45 GLU n 
1 46 THR n 
1 47 ILE n 
1 48 LEU n 
1 49 GLY n 
1 50 NH2 n 
# 
_pdbx_entity_src_syn.entity_id              1 
_pdbx_entity_src_syn.pdbx_src_id            1 
_pdbx_entity_src_syn.pdbx_alt_source_flag   sample 
_pdbx_entity_src_syn.pdbx_beg_seq_num       ? 
_pdbx_entity_src_syn.pdbx_end_seq_num       ? 
_pdbx_entity_src_syn.organism_scientific    ? 
_pdbx_entity_src_syn.organism_common_name   ? 
_pdbx_entity_src_syn.ncbi_taxonomy_id       ? 
_pdbx_entity_src_syn.details                'THIS PROTEIN WAS CHEMICALLY SYNTHESIZED' 
# 
loop_
_chem_comp.id 
_chem_comp.type 
_chem_comp.mon_nstd_flag 
_chem_comp.name 
_chem_comp.pdbx_synonyms 
_chem_comp.formula 
_chem_comp.formula_weight 
ACE non-polymer         . 'ACETYL GROUP'       ? 'C2 H4 O'        44.053  
ALA 'L-peptide linking' y ALANINE              ? 'C3 H7 N O2'     89.093  
ARG 'L-peptide linking' y ARGININE             ? 'C6 H15 N4 O2 1' 175.209 
ASP 'L-peptide linking' y 'ASPARTIC ACID'      ? 'C4 H7 N O4'     133.103 
DMS non-polymer         . 'DIMETHYL SULFOXIDE' ? 'C2 H6 O S'      78.133  
GLN 'L-peptide linking' y GLUTAMINE            ? 'C5 H10 N2 O3'   146.144 
GLU 'L-peptide linking' y 'GLUTAMIC ACID'      ? 'C5 H9 N O4'     147.129 
GLY 'peptide linking'   y GLYCINE              ? 'C2 H5 N O2'     75.067  
HIS 'L-peptide linking' y HISTIDINE            ? 'C6 H10 N3 O2 1' 156.162 
HOH non-polymer         . WATER                ? 'H2 O'           18.015  
ILE 'L-peptide linking' y ISOLEUCINE           ? 'C6 H13 N O2'    131.173 
LEU 'L-peptide linking' y LEUCINE              ? 'C6 H13 N O2'    131.173 
LYS 'L-peptide linking' y LYSINE               ? 'C6 H15 N2 O2 1' 147.195 
MN  non-polymer         . 'MANGANESE (II) ION' ? 'Mn 2'           54.938  
NH2 non-polymer         . 'AMINO GROUP'        ? 'H2 N'           16.023  
PRO 'L-peptide linking' y PROLINE              ? 'C5 H9 N O2'     115.130 
THR 'L-peptide linking' y THREONINE            ? 'C4 H9 N O3'     119.119 
TRP 'L-peptide linking' y TRYPTOPHAN           ? 'C11 H12 N2 O2'  204.225 
TYR 'L-peptide linking' y TYROSINE             ? 'C9 H11 N O3'    181.189 
VAL 'L-peptide linking' y VALINE               ? 'C5 H11 N O2'    117.146 
# 
loop_
_pdbx_poly_seq_scheme.asym_id 
_pdbx_poly_seq_scheme.entity_id 
_pdbx_poly_seq_scheme.seq_id 
_pdbx_poly_seq_scheme.mon_id 
_pdbx_poly_seq_scheme.ndb_seq_num 
_pdbx_poly_seq_scheme.pdb_seq_num 
_pdbx_poly_seq_scheme.auth_seq_num 
_pdbx_poly_seq_scheme.pdb_mon_id 
_pdbx_poly_seq_scheme.auth_mon_id 
_pdbx_poly_seq_scheme.pdb_strand_id 
_pdbx_poly_seq_scheme.pdb_ins_code 
_pdbx_poly_seq_scheme.hetero 
A 1 1  ACE 1  0  0  ACE ACE A . n 
A 1 2  ASP 2  1  1  ASP ASP A . n 
A 1 3  TYR 3  2  2  TYR TYR A . n 
A 1 4  LEU 4  3  3  LEU LEU A . n 
A 1 5  ARG 5  4  4  ARG ARG A . n 
A 1 6  GLU 6  5  5  GLU GLU A . n 
A 1 7  LEU 7  6  6  LEU LEU A . n 
A 1 8  LEU 8  7  7  LEU LEU A . n 
A 1 9  LYS 9  8  8  LYS LYS A . n 
A 1 10 LEU 10 9  9  LEU LEU A . n 
A 1 11 GLU 11 10 10 GLU GLU A . n 
A 1 12 LEU 12 11 11 LEU LEU A . n 
A 1 13 GLN 13 12 12 GLN GLN A . n 
A 1 14 ALA 14 13 13 ALA ALA A . n 
A 1 15 ILE 15 14 14 ILE ILE A . n 
A 1 16 LYS 16 15 15 LYS LYS A . n 
A 1 17 GLN 17 16 16 GLN GLN A . n 
A 1 18 TYR 18 17 17 TYR TYR A . n 
A 1 19 ARG 19 18 18 ARG ARG A . n 
A 1 20 GLU 20 19 19 GLU GLU A . n 
A 1 21 ALA 21 20 20 ALA ALA A . n 
A 1 22 LEU 22 21 21 LEU LEU A . n 
A 1 23 GLU 23 22 22 GLU GLU A . n 
A 1 24 TYR 24 23 23 TYR TYR A . n 
A 1 25 VAL 25 24 24 VAL VAL A . n 
A 1 26 LYS 26 25 25 LYS LYS A . n 
A 1 27 LEU 27 26 26 LEU LEU A . n 
A 1 28 PRO 28 27 27 PRO PRO A . n 
A 1 29 VAL 29 28 28 VAL VAL A . n 
A 1 30 LEU 30 29 29 LEU LEU A . n 
A 1 31 ALA 31 30 30 ALA ALA A . n 
A 1 32 LYS 32 31 31 LYS LYS A . n 
A 1 33 ILE 33 32 32 ILE ILE A . n 
A 1 34 LEU 34 33 33 LEU LEU A . n 
A 1 35 GLU 35 34 34 GLU GLU A . n 
A 1 36 ASP 36 35 35 ASP ASP A . n 
A 1 37 GLU 37 36 36 GLU GLU A . n 
A 1 38 GLU 38 37 37 GLU GLU A . n 
A 1 39 LYS 39 38 38 LYS LYS A . n 
A 1 40 HIS 40 39 39 HIS HIS A . n 
A 1 41 ILE 41 40 40 ILE ILE A . n 
A 1 42 GLU 42 41 41 GLU GLU A . n 
A 1 43 TRP 43 42 42 TRP TRP A . n 
A 1 44 LEU 44 43 43 LEU LEU A . n 
A 1 45 GLU 45 44 44 GLU GLU A . n 
A 1 46 THR 46 45 45 THR THR A . n 
A 1 47 ILE 47 46 46 ILE ILE A . n 
A 1 48 LEU 48 47 47 LEU LEU A . n 
A 1 49 GLY 49 48 48 GLY GLY A . n 
A 1 50 NH2 50 49 49 NH2 NH2 A . n 
B 1 1  ACE 1  0  0  ACE ACE B . n 
B 1 2  ASP 2  1  1  ASP ASP B . n 
B 1 3  TYR 3  2  2  TYR TYR B . n 
B 1 4  LEU 4  3  3  LEU LEU B . n 
B 1 5  ARG 5  4  4  ARG ARG B . n 
B 1 6  GLU 6  5  5  GLU GLU B . n 
B 1 7  LEU 7  6  6  LEU LEU B . n 
B 1 8  LEU 8  7  7  LEU LEU B . n 
B 1 9  LYS 9  8  8  LYS LYS B . n 
B 1 10 LEU 10 9  9  LEU LEU B . n 
B 1 11 GLU 11 10 10 GLU GLU B . n 
B 1 12 LEU 12 11 11 LEU LEU B . n 
B 1 13 GLN 13 12 12 GLN GLN B . n 
B 1 14 ALA 14 13 13 ALA ALA B . n 
B 1 15 ILE 15 14 14 ILE ILE B . n 
B 1 16 LYS 16 15 15 LYS LYS B . n 
B 1 17 GLN 17 16 16 GLN GLN B . n 
B 1 18 TYR 18 17 17 TYR TYR B . n 
B 1 19 ARG 19 18 18 ARG ARG B . n 
B 1 20 GLU 20 19 19 GLU GLU B . n 
B 1 21 ALA 21 20 20 ALA ALA B . n 
B 1 22 LEU 22 21 21 LEU LEU B . n 
B 1 23 GLU 23 22 22 GLU GLU B . n 
B 1 24 TYR 24 23 23 TYR TYR B . n 
B 1 25 VAL 25 24 24 VAL VAL B . n 
B 1 26 LYS 26 25 25 LYS LYS B . n 
B 1 27 LEU 27 26 26 LEU LEU B . n 
B 1 28 PRO 28 27 27 PRO PRO B . n 
B 1 29 VAL 29 28 28 VAL VAL B . n 
B 1 30 LEU 30 29 29 LEU LEU B . n 
B 1 31 ALA 31 30 30 ALA ALA B . n 
B 1 32 LYS 32 31 31 LYS LYS B . n 
B 1 33 ILE 33 32 32 ILE ILE B . n 
B 1 34 LEU 34 33 33 LEU LEU B . n 
B 1 35 GLU 35 34 34 GLU GLU B . n 
B 1 36 ASP 36 35 35 ASP ASP B . n 
B 1 37 GLU 37 36 36 GLU GLU B . n 
B 1 38 GLU 38 37 37 GLU GLU B . n 
B 1 39 LYS 39 38 38 LYS LYS B . n 
B 1 40 HIS 40 39 39 HIS HIS B . n 
B 1 41 ILE 41 40 40 ILE ILE B . n 
B 1 42 GLU 42 41 41 GLU GLU B . n 
B 1 43 TRP 43 42 42 TRP TRP B . n 
B 1 44 LEU 44 43 43 LEU LEU B . n 
B 1 45 GLU 45 44 44 GLU GLU B . n 
B 1 46 THR 46 45 45 THR THR B . n 
B 1 47 ILE 47 46 46 ILE ILE B . n 
B 1 48 LEU 48 47 47 LEU LEU B . n 
B 1 49 GLY 49 48 48 GLY GLY B . n 
B 1 50 NH2 50 49 49 NH2 NH2 B . n 
C 1 1  ACE 1  0  0  ACE ACE C . n 
C 1 2  ASP 2  1  1  ASP ASP C . n 
C 1 3  TYR 3  2  2  TYR TYR C . n 
C 1 4  LEU 4  3  3  LEU LEU C . n 
C 1 5  ARG 5  4  4  ARG ARG C . n 
C 1 6  GLU 6  5  5  GLU GLU C . n 
C 1 7  LEU 7  6  6  LEU LEU C . n 
C 1 8  LEU 8  7  7  LEU LEU C . n 
C 1 9  LYS 9  8  8  LYS LYS C . n 
C 1 10 LEU 10 9  9  LEU LEU C . n 
C 1 11 GLU 11 10 10 GLU GLU C . n 
C 1 12 LEU 12 11 11 LEU LEU C . n 
C 1 13 GLN 13 12 12 GLN GLN C . n 
C 1 14 ALA 14 13 13 ALA ALA C . n 
C 1 15 ILE 15 14 14 ILE ILE C . n 
C 1 16 LYS 16 15 15 LYS LYS C . n 
C 1 17 GLN 17 16 16 GLN GLN C . n 
C 1 18 TYR 18 17 17 TYR TYR C . n 
C 1 19 ARG 19 18 18 ARG ARG C . n 
C 1 20 GLU 20 19 19 GLU GLU C . n 
C 1 21 ALA 21 20 20 ALA ALA C . n 
C 1 22 LEU 22 21 21 LEU LEU C . n 
C 1 23 GLU 23 22 22 GLU GLU C . n 
C 1 24 TYR 24 23 23 TYR TYR C . n 
C 1 25 VAL 25 24 24 VAL VAL C . n 
C 1 26 LYS 26 25 25 LYS LYS C . n 
C 1 27 LEU 27 26 26 LEU LEU C . n 
C 1 28 PRO 28 27 27 PRO PRO C . n 
C 1 29 VAL 29 28 28 VAL VAL C . n 
C 1 30 LEU 30 29 29 LEU LEU C . n 
C 1 31 ALA 31 30 30 ALA ALA C . n 
C 1 32 LYS 32 31 31 LYS LYS C . n 
C 1 33 ILE 33 32 32 ILE ILE C . n 
C 1 34 LEU 34 33 33 LEU LEU C . n 
C 1 35 GLU 35 34 34 GLU GLU C . n 
C 1 36 ASP 36 35 35 ASP ASP C . n 
C 1 37 GLU 37 36 36 GLU GLU C . n 
C 1 38 GLU 38 37 37 GLU GLU C . n 
C 1 39 LYS 39 38 38 LYS LYS C . n 
C 1 40 HIS 40 39 39 HIS HIS C . n 
C 1 41 ILE 41 40 40 ILE ILE C . n 
C 1 42 GLU 42 41 41 GLU GLU C . n 
C 1 43 TRP 43 42 42 TRP TRP C . n 
C 1 44 LEU 44 43 43 LEU LEU C . n 
C 1 45 GLU 45 44 44 GLU GLU C . n 
C 1 46 THR 46 45 45 THR THR C . n 
C 1 47 ILE 47 46 46 ILE ILE C . n 
C 1 48 LEU 48 47 47 LEU LEU C . n 
C 1 49 GLY 49 48 48 GLY GLY C . n 
C 1 50 NH2 50 49 49 NH2 NH2 C . n 
# 
loop_
_pdbx_nonpoly_scheme.asym_id 
_pdbx_nonpoly_scheme.entity_id 
_pdbx_nonpoly_scheme.mon_id 
_pdbx_nonpoly_scheme.ndb_seq_num 
_pdbx_nonpoly_scheme.pdb_seq_num 
_pdbx_nonpoly_scheme.auth_seq_num 
_pdbx_nonpoly_scheme.pdb_mon_id 
_pdbx_nonpoly_scheme.auth_mon_id 
_pdbx_nonpoly_scheme.pdb_strand_id 
_pdbx_nonpoly_scheme.pdb_ins_code 
D 2 MN  1  401 401 MN  MN  A . 
E 3 DMS 1  302 302 DMS DMS A . 
F 2 MN  1  402 402 MN  MN  B . 
G 3 DMS 1  301 301 DMS DMS B . 
H 2 MN  1  403 403 MN  MN  C . 
I 4 HOH 1  402 3   HOH HOH A . 
I 4 HOH 2  403 4   HOH HOH A . 
I 4 HOH 3  404 5   HOH HOH A . 
I 4 HOH 4  405 8   HOH HOH A . 
I 4 HOH 5  406 19  HOH HOH A . 
I 4 HOH 6  407 23  HOH HOH A . 
I 4 HOH 7  408 25  HOH HOH A . 
I 4 HOH 8  409 26  HOH HOH A . 
I 4 HOH 9  410 27  HOH HOH A . 
I 4 HOH 10 411 30  HOH HOH A . 
J 4 HOH 1  403 6   HOH HOH B . 
J 4 HOH 2  404 9   HOH HOH B . 
J 4 HOH 3  405 10  HOH HOH B . 
J 4 HOH 4  406 11  HOH HOH B . 
J 4 HOH 5  407 13  HOH HOH B . 
J 4 HOH 6  408 14  HOH HOH B . 
J 4 HOH 7  409 16  HOH HOH B . 
J 4 HOH 8  410 17  HOH HOH B . 
J 4 HOH 9  411 18  HOH HOH B . 
J 4 HOH 10 412 22  HOH HOH B . 
K 4 HOH 1  404 1   HOH HOH C . 
K 4 HOH 2  405 2   HOH HOH C . 
K 4 HOH 3  406 7   HOH HOH C . 
K 4 HOH 4  407 12  HOH HOH C . 
K 4 HOH 5  408 15  HOH HOH C . 
K 4 HOH 6  409 20  HOH HOH C . 
K 4 HOH 7  410 21  HOH HOH C . 
K 4 HOH 8  411 24  HOH HOH C . 
K 4 HOH 9  412 28  HOH HOH C . 
K 4 HOH 10 413 29  HOH HOH C . 
K 4 HOH 11 414 31  HOH HOH C . 
# 
loop_
_software.name 
_software.classification 
_software.version 
_software.citation_id 
_software.pdbx_ordinal 
AMoRE  phasing          .         ? 1 
REFMAC refinement       .         ? 2 
MOSFLM 'data reduction' .         ? 3 
CCP4   'data scaling'   '(SCALA)' ? 4 
# 
_cell.entry_id           1JMB 
_cell.length_a           37.121 
_cell.length_b           112.451 
_cell.length_c           79.877 
_cell.angle_alpha        90.00 
_cell.angle_beta         90.00 
_cell.angle_gamma        90.00 
_cell.Z_PDB              24 
_cell.pdbx_unique_axis   ? 
# 
_symmetry.entry_id                         1JMB 
_symmetry.space_group_name_H-M             'C 2 2 21' 
_symmetry.pdbx_full_space_group_name_H-M   ? 
_symmetry.cell_setting                     ? 
_symmetry.Int_Tables_number                20 
# 
_exptl.entry_id          1JMB 
_exptl.method            'X-RAY DIFFRACTION' 
_exptl.crystals_number   1 
# 
_exptl_crystal.id                    1 
_exptl_crystal.density_meas          ? 
_exptl_crystal.density_Matthews      2.38 
_exptl_crystal.density_percent_sol   48.39 
_exptl_crystal.description           ? 
# 
_exptl_crystal_grow.crystal_id      1 
_exptl_crystal_grow.method          'VAPOR DIFFUSION, HANGING DROP' 
_exptl_crystal_grow.temp            279 
_exptl_crystal_grow.temp_details    ? 
_exptl_crystal_grow.pH              7.50 
_exptl_crystal_grow.pdbx_details    'PEG 200, DMSO, Mn(CH3COO)2 , TRIS, pH 7.50, VAPOR DIFFUSION, HANGING DROP, temperature 279K' 
_exptl_crystal_grow.pdbx_pH_range   . 
# 
_diffrn.id                     1 
_diffrn.ambient_temp           100.0 
_diffrn.ambient_temp_details   ? 
_diffrn.crystal_id             1 
# 
_diffrn_detector.diffrn_id              1 
_diffrn_detector.detector               'IMAGE PLATE' 
_diffrn_detector.type                   MARRESEARCH 
_diffrn_detector.pdbx_collection_date   2000-05-01 
_diffrn_detector.details                MIRROR 
# 
_diffrn_radiation.diffrn_id                        1 
_diffrn_radiation.wavelength_id                    1 
_diffrn_radiation.pdbx_monochromatic_or_laue_m_l   M 
_diffrn_radiation.monochromator                    'SI(111)' 
_diffrn_radiation.pdbx_diffrn_protocol             'SINGLE WAVELENGTH' 
_diffrn_radiation.pdbx_scattering_type             x-ray 
# 
_diffrn_radiation_wavelength.id           1 
_diffrn_radiation_wavelength.wavelength   1.200 
_diffrn_radiation_wavelength.wt           1.0 
# 
_diffrn_source.diffrn_id                   1 
_diffrn_source.source                      SYNCHROTRON 
_diffrn_source.type                        'ELETTRA BEAMLINE 5.2R' 
_diffrn_source.pdbx_synchrotron_site       ELETTRA 
_diffrn_source.pdbx_synchrotron_beamline   5.2R 
_diffrn_source.pdbx_wavelength             1.200 
_diffrn_source.pdbx_wavelength_list        ? 
# 
_reflns.entry_id                     1JMB 
_reflns.observed_criterion_sigma_I   ? 
_reflns.observed_criterion_sigma_F   0.0 
_reflns.d_resolution_low             20.0 
_reflns.d_resolution_high            2.20 
_reflns.number_obs                   7562 
_reflns.number_all                   18643 
_reflns.percent_possible_obs         87.3 
_reflns.pdbx_Rmerge_I_obs            0.1040000 
_reflns.pdbx_Rsym_value              0.1040000 
_reflns.pdbx_netI_over_sigmaI        5.5 
_reflns.B_iso_Wilson_estimate        27.0 
_reflns.pdbx_redundancy              2.5 
_reflns.R_free_details               ? 
_reflns.limit_h_max                  ? 
_reflns.limit_h_min                  ? 
_reflns.limit_k_max                  ? 
_reflns.limit_k_min                  ? 
_reflns.limit_l_max                  ? 
_reflns.limit_l_min                  ? 
_reflns.observed_criterion_F_max     ? 
_reflns.observed_criterion_F_min     ? 
_reflns.pdbx_diffrn_id               1 
_reflns.pdbx_ordinal                 1 
# 
_reflns_shell.d_res_high             2.20 
_reflns_shell.d_res_low              2.32 
_reflns_shell.percent_possible_all   90.5 
_reflns_shell.Rmerge_I_obs           0.3290000 
_reflns_shell.pdbx_Rsym_value        0.3290000 
_reflns_shell.meanI_over_sigI_obs    2.3 
_reflns_shell.pdbx_redundancy        2.4 
_reflns_shell.percent_possible_obs   ? 
_reflns_shell.number_unique_all      ? 
_reflns_shell.pdbx_diffrn_id         ? 
_reflns_shell.pdbx_ordinal           1 
# 
_refine.entry_id                                 1JMB 
_refine.ls_number_reflns_obs                     18643 
_refine.ls_number_reflns_all                     ? 
_refine.pdbx_ls_sigma_I                          ? 
_refine.pdbx_ls_sigma_F                          0.000 
_refine.pdbx_data_cutoff_high_absF               ? 
_refine.pdbx_data_cutoff_low_absF                ? 
_refine.ls_d_res_low                             20.0 
_refine.ls_d_res_high                            2.20 
_refine.ls_percent_reflns_obs                    87.3 
_refine.ls_R_factor_obs                          ? 
_refine.ls_R_factor_all                          ? 
_refine.ls_R_factor_R_work                       0.2470000 
_refine.ls_R_factor_R_free                       0.3180000 
_refine.ls_R_factor_R_free_error                 ? 
_refine.ls_R_factor_R_free_error_details         ? 
_refine.ls_percent_reflns_R_free                 5.0 
_refine.ls_number_reflns_R_free                  361 
_refine.ls_number_parameters                     ? 
_refine.ls_number_restraints                     ? 
_refine.occupancy_min                            ? 
_refine.occupancy_max                            ? 
_refine.B_iso_mean                               41.8 
_refine.aniso_B[1][1]                            ? 
_refine.aniso_B[2][2]                            ? 
_refine.aniso_B[3][3]                            ? 
_refine.aniso_B[1][2]                            ? 
_refine.aniso_B[1][3]                            ? 
_refine.aniso_B[2][3]                            ? 
_refine.solvent_model_details                    ? 
_refine.solvent_model_param_ksol                 ? 
_refine.solvent_model_param_bsol                 ? 
_refine.pdbx_ls_cross_valid_method               THROUGHOUT 
_refine.details                                  ? 
_refine.pdbx_starting_model                      'THEORETICAL MODEL' 
_refine.pdbx_method_to_determine_struct          'MOLECULAR REPLACEMENT' 
_refine.pdbx_isotropic_thermal_model             Isotropic 
_refine.pdbx_stereochemistry_target_values       'Engh & Huber' 
_refine.pdbx_stereochem_target_val_spec_case     ? 
_refine.pdbx_R_Free_selection_details            RANDOM 
_refine.pdbx_overall_ESU_R_Free                  ? 
_refine.overall_SU_B                             ? 
_refine.ls_redundancy_reflns_obs                 ? 
_refine.B_iso_min                                ? 
_refine.B_iso_max                                ? 
_refine.correlation_coeff_Fo_to_Fc               ? 
_refine.correlation_coeff_Fo_to_Fc_free          ? 
_refine.overall_SU_R_Cruickshank_DPI             ? 
_refine.overall_SU_R_free                        ? 
_refine.overall_SU_ML                            ? 
_refine.pdbx_overall_ESU_R                       ? 
_refine.pdbx_data_cutoff_high_rms_absF           ? 
_refine.pdbx_refine_id                           'X-RAY DIFFRACTION' 
_refine.pdbx_diffrn_id                           1 
_refine.pdbx_TLS_residual_ADP_flag               ? 
_refine.pdbx_solvent_vdw_probe_radii             ? 
_refine.pdbx_solvent_ion_probe_radii             ? 
_refine.pdbx_solvent_shrinkage_radii             ? 
_refine.pdbx_overall_phase_error                 ? 
_refine.pdbx_overall_SU_R_free_Cruickshank_DPI   ? 
_refine.pdbx_overall_SU_R_Blow_DPI               ? 
_refine.pdbx_overall_SU_R_free_Blow_DPI          ? 
# 
_refine_hist.pdbx_refine_id                   'X-RAY DIFFRACTION' 
_refine_hist.cycle_id                         LAST 
_refine_hist.pdbx_number_atoms_protein        1239 
_refine_hist.pdbx_number_atoms_nucleic_acid   0 
_refine_hist.pdbx_number_atoms_ligand         15 
_refine_hist.number_atoms_solvent             31 
_refine_hist.number_atoms_total               1285 
_refine_hist.d_res_high                       2.20 
_refine_hist.d_res_low                        20.0 
# 
loop_
_refine_ls_restr.type 
_refine_ls_restr.dev_ideal 
_refine_ls_restr.dev_ideal_target 
_refine_ls_restr.weight 
_refine_ls_restr.number 
_refine_ls_restr.pdbx_refine_id 
_refine_ls_restr.pdbx_restraint_function 
p_bond_d            0.029 0.022 ? ? 'X-RAY DIFFRACTION' ? 
p_angle_d           ?     ?     ? ? 'X-RAY DIFFRACTION' ? 
p_angle_deg         ?     ?     ? ? 'X-RAY DIFFRACTION' ? 
p_planar_d          ?     ?     ? ? 'X-RAY DIFFRACTION' ? 
p_hb_or_metal_coord ?     ?     ? ? 'X-RAY DIFFRACTION' ? 
p_mcbond_it         2.389 1.500 ? ? 'X-RAY DIFFRACTION' ? 
p_mcangle_it        3.968 2.000 ? ? 'X-RAY DIFFRACTION' ? 
p_scbond_it         6.205 3.000 ? ? 'X-RAY DIFFRACTION' ? 
p_scangle_it        9.522 4.500 ? ? 'X-RAY DIFFRACTION' ? 
p_plane_restr       ?     ?     ? ? 'X-RAY DIFFRACTION' ? 
p_chiral_restr      ?     ?     ? ? 'X-RAY DIFFRACTION' ? 
p_singtor_nbd       ?     ?     ? ? 'X-RAY DIFFRACTION' ? 
p_multtor_nbd       ?     ?     ? ? 'X-RAY DIFFRACTION' ? 
p_xhyhbond_nbd      ?     ?     ? ? 'X-RAY DIFFRACTION' ? 
p_xyhbond_nbd       ?     ?     ? ? 'X-RAY DIFFRACTION' ? 
p_planar_tor        ?     ?     ? ? 'X-RAY DIFFRACTION' ? 
p_staggered_tor     ?     ?     ? ? 'X-RAY DIFFRACTION' ? 
p_orthonormal_tor   ?     ?     ? ? 'X-RAY DIFFRACTION' ? 
p_transverse_tor    ?     ?     ? ? 'X-RAY DIFFRACTION' ? 
p_special_tor       ?     ?     ? ? 'X-RAY DIFFRACTION' ? 
# 
_struct.entry_id                  1JMB 
_struct.title                     'CRYSTAL STRUCTURE OF FOUR-HELIX BUNDLE MODEL' 
_struct.pdbx_model_details        ? 
_struct.pdbx_CASP_flag            ? 
_struct.pdbx_model_type_details   ? 
# 
_struct_keywords.entry_id        1JMB 
_struct_keywords.pdbx_keywords   'DE NOVO PROTEIN' 
_struct_keywords.text            'ALPHA-HELICAL BUNDLE, PROTEIN DESIGN, DE NOVO PROTEIN' 
# 
loop_
_struct_asym.id 
_struct_asym.pdbx_blank_PDB_chainid_flag 
_struct_asym.pdbx_modified 
_struct_asym.entity_id 
_struct_asym.details 
A N N 1 ? 
B N N 1 ? 
C N N 1 ? 
D N N 2 ? 
E N N 3 ? 
F N N 2 ? 
G N N 3 ? 
H N N 2 ? 
I N N 4 ? 
J N N 4 ? 
K N N 4 ? 
# 
_struct_ref.id                         1 
_struct_ref.entity_id                  1 
_struct_ref.db_name                    PDB 
_struct_ref.db_code                    1JMB 
_struct_ref.pdbx_db_accession          1JMB 
_struct_ref.pdbx_db_isoform            ? 
_struct_ref.pdbx_seq_one_letter_code   ? 
_struct_ref.pdbx_align_begin           ? 
# 
loop_
_struct_ref_seq.align_id 
_struct_ref_seq.ref_id 
_struct_ref_seq.pdbx_PDB_id_code 
_struct_ref_seq.pdbx_strand_id 
_struct_ref_seq.seq_align_beg 
_struct_ref_seq.pdbx_seq_align_beg_ins_code 
_struct_ref_seq.seq_align_end 
_struct_ref_seq.pdbx_seq_align_end_ins_code 
_struct_ref_seq.pdbx_db_accession 
_struct_ref_seq.db_align_beg 
_struct_ref_seq.pdbx_db_align_beg_ins_code 
_struct_ref_seq.db_align_end 
_struct_ref_seq.pdbx_db_align_end_ins_code 
_struct_ref_seq.pdbx_auth_seq_align_beg 
_struct_ref_seq.pdbx_auth_seq_align_end 
1 1 1JMB A 1 ? 50 ? 1JMB 0 ? 49 ? 0 49 
2 1 1JMB B 1 ? 50 ? 1JMB 0 ? 49 ? 0 49 
3 1 1JMB C 1 ? 50 ? 1JMB 0 ? 49 ? 0 49 
# 
loop_
_pdbx_struct_assembly.id 
_pdbx_struct_assembly.details 
_pdbx_struct_assembly.method_details 
_pdbx_struct_assembly.oligomeric_details 
_pdbx_struct_assembly.oligomeric_count 
1 author_defined_assembly              ?    dimeric 2 
2 author_and_software_defined_assembly PISA dimeric 2 
# 
loop_
_pdbx_struct_assembly_prop.biol_id 
_pdbx_struct_assembly_prop.type 
_pdbx_struct_assembly_prop.value 
_pdbx_struct_assembly_prop.details 
2 'ABSA (A^2)' 2980 ? 
2 MORE         -28  ? 
2 'SSA (A^2)'  5900 ? 
# 
loop_
_pdbx_struct_assembly_gen.assembly_id 
_pdbx_struct_assembly_gen.oper_expression 
_pdbx_struct_assembly_gen.asym_id_list 
1 1,2 A,D,E,I       
2 1   B,C,F,G,H,J,K 
# 
loop_
_pdbx_struct_oper_list.id 
_pdbx_struct_oper_list.type 
_pdbx_struct_oper_list.name 
_pdbx_struct_oper_list.symmetry_operation 
_pdbx_struct_oper_list.matrix[1][1] 
_pdbx_struct_oper_list.matrix[1][2] 
_pdbx_struct_oper_list.matrix[1][3] 
_pdbx_struct_oper_list.vector[1] 
_pdbx_struct_oper_list.matrix[2][1] 
_pdbx_struct_oper_list.matrix[2][2] 
_pdbx_struct_oper_list.matrix[2][3] 
_pdbx_struct_oper_list.vector[2] 
_pdbx_struct_oper_list.matrix[3][1] 
_pdbx_struct_oper_list.matrix[3][2] 
_pdbx_struct_oper_list.matrix[3][3] 
_pdbx_struct_oper_list.vector[3] 
1 'identity operation'         1_555 x,y,z       1.0000000000  0.0000000000 0.0000000000  0.0000000000 0.0000000000 1.0000000000  0.0000000000  0.0000000000   0.0000000000  0.0000000000  1.0000000000  0.0000000000  
2 'crystal symmetry operation' 3_555 -x,y,-z+1/2 -0.0556655351 0.5164515586 -0.8545051994 0.8362312698 0.5164515586 -0.7175553553 -0.4673244051 -17.1304265512 -0.8545051994 -0.4673244051 -0.2267791096 -9.4292620912 
# 
loop_
_struct_biol.id 
_struct_biol.pdbx_parent_biol_id 
_struct_biol.details 
1 ? ? 
2 ? ? 
# 
loop_
_struct_conf.conf_type_id 
_struct_conf.id 
_struct_conf.pdbx_PDB_helix_id 
_struct_conf.beg_label_comp_id 
_struct_conf.beg_label_asym_id 
_struct_conf.beg_label_seq_id 
_struct_conf.pdbx_beg_PDB_ins_code 
_struct_conf.end_label_comp_id 
_struct_conf.end_label_asym_id 
_struct_conf.end_label_seq_id 
_struct_conf.pdbx_end_PDB_ins_code 
_struct_conf.beg_auth_comp_id 
_struct_conf.beg_auth_asym_id 
_struct_conf.beg_auth_seq_id 
_struct_conf.end_auth_comp_id 
_struct_conf.end_auth_asym_id 
_struct_conf.end_auth_seq_id 
_struct_conf.pdbx_PDB_helix_class 
_struct_conf.details 
_struct_conf.pdbx_PDB_helix_length 
HELX_P HELX_P1 1 ASP A 2  ? LYS A 26 ? ASP A 1  LYS A 25 1 ? 25 
HELX_P HELX_P2 2 LEU A 27 ? LEU A 48 ? LEU A 26 LEU A 47 1 ? 22 
HELX_P HELX_P3 3 ASP B 2  ? LYS B 26 ? ASP B 1  LYS B 25 1 ? 25 
HELX_P HELX_P4 4 LEU B 27 ? LEU B 48 ? LEU B 26 LEU B 47 1 ? 22 
HELX_P HELX_P5 5 TYR C 3  ? LYS C 26 ? TYR C 2  LYS C 25 1 ? 24 
HELX_P HELX_P6 6 LEU C 27 ? LEU C 48 ? LEU C 26 LEU C 47 1 ? 22 
# 
_struct_conf_type.id          HELX_P 
_struct_conf_type.criteria    ? 
_struct_conf_type.reference   ? 
# 
loop_
_struct_conn.id 
_struct_conn.conn_type_id 
_struct_conn.pdbx_leaving_atom_flag 
_struct_conn.pdbx_PDB_id 
_struct_conn.ptnr1_label_asym_id 
_struct_conn.ptnr1_label_comp_id 
_struct_conn.ptnr1_label_seq_id 
_struct_conn.ptnr1_label_atom_id 
_struct_conn.pdbx_ptnr1_label_alt_id 
_struct_conn.pdbx_ptnr1_PDB_ins_code 
_struct_conn.pdbx_ptnr1_standard_comp_id 
_struct_conn.ptnr1_symmetry 
_struct_conn.ptnr2_label_asym_id 
_struct_conn.ptnr2_label_comp_id 
_struct_conn.ptnr2_label_seq_id 
_struct_conn.ptnr2_label_atom_id 
_struct_conn.pdbx_ptnr2_label_alt_id 
_struct_conn.pdbx_ptnr2_PDB_ins_code 
_struct_conn.ptnr1_auth_asym_id 
_struct_conn.ptnr1_auth_comp_id 
_struct_conn.ptnr1_auth_seq_id 
_struct_conn.ptnr2_auth_asym_id 
_struct_conn.ptnr2_auth_comp_id 
_struct_conn.ptnr2_auth_seq_id 
_struct_conn.ptnr2_symmetry 
_struct_conn.pdbx_ptnr3_label_atom_id 
_struct_conn.pdbx_ptnr3_label_seq_id 
_struct_conn.pdbx_ptnr3_label_comp_id 
_struct_conn.pdbx_ptnr3_label_asym_id 
_struct_conn.pdbx_ptnr3_label_alt_id 
_struct_conn.pdbx_ptnr3_PDB_ins_code 
_struct_conn.details 
_struct_conn.pdbx_dist_value 
_struct_conn.pdbx_value_order 
_struct_conn.pdbx_role 
covale1  covale both ? A ACE 1  C   ? ? ? 1_555 A ASP 2  N   ? ? A ACE 0   A ASP 1   1_555 ? ? ? ? ? ? ? 1.321 ? ? 
covale2  covale both ? A GLY 49 C   ? ? ? 1_555 A NH2 50 N   ? ? A GLY 48  A NH2 49  1_555 ? ? ? ? ? ? ? 1.329 ? ? 
covale3  covale both ? B ACE 1  C   ? ? ? 1_555 B ASP 2  N   ? ? B ACE 0   B ASP 1   1_555 ? ? ? ? ? ? ? 1.339 ? ? 
covale4  covale both ? B GLY 49 C   ? ? ? 1_555 B NH2 50 N   ? ? B GLY 48  B NH2 49  1_555 ? ? ? ? ? ? ? 1.328 ? ? 
covale5  covale both ? C ACE 1  C   ? ? ? 1_555 C ASP 2  N   ? ? C ACE 0   C ASP 1   1_555 ? ? ? ? ? ? ? 1.327 ? ? 
covale6  covale both ? C GLY 49 C   ? ? ? 1_555 C NH2 50 N   ? ? C GLY 48  C NH2 49  1_555 ? ? ? ? ? ? ? 1.316 ? ? 
metalc1  metalc ?    ? A GLU 11 OE2 ? ? ? 1_555 D MN  .  MN  ? ? A GLU 10  A MN  401 1_555 ? ? ? ? ? ? ? 2.301 ? ? 
metalc2  metalc ?    ? A GLU 11 OE1 ? ? ? 1_555 D MN  .  MN  ? ? A GLU 10  A MN  401 1_555 ? ? ? ? ? ? ? 2.222 ? ? 
metalc3  metalc ?    ? A GLU 37 OE1 ? ? ? 1_555 D MN  .  MN  ? ? A GLU 36  A MN  401 1_555 ? ? ? ? ? ? ? 2.054 ? ? 
metalc4  metalc ?    ? A GLU 37 OE2 ? ? ? 3_555 D MN  .  MN  ? ? A GLU 36  A MN  401 1_555 ? ? ? ? ? ? ? 1.911 ? ? 
metalc5  metalc ?    ? A HIS 40 ND1 ? ? ? 1_555 D MN  .  MN  ? ? A HIS 39  A MN  401 1_555 ? ? ? ? ? ? ? 2.219 ? ? 
metalc6  metalc ?    ? E DMS .  O   ? ? ? 1_555 D MN  .  MN  ? ? A DMS 302 A MN  401 1_555 ? ? ? ? ? ? ? 2.360 ? ? 
metalc7  metalc ?    ? E DMS .  O   ? ? ? 3_555 D MN  .  MN  ? ? A DMS 302 A MN  401 1_555 ? ? ? ? ? ? ? 2.680 ? ? 
metalc8  metalc ?    ? B GLU 11 OE2 ? ? ? 1_555 F MN  .  MN  ? ? B GLU 10  B MN  402 1_555 ? ? ? ? ? ? ? 2.458 ? ? 
metalc9  metalc ?    ? B GLU 11 OE1 ? ? ? 1_555 F MN  .  MN  ? ? B GLU 10  B MN  402 1_555 ? ? ? ? ? ? ? 1.923 ? ? 
metalc10 metalc ?    ? B GLU 37 OE1 ? ? ? 1_555 F MN  .  MN  ? ? B GLU 36  B MN  402 1_555 ? ? ? ? ? ? ? 2.212 ? ? 
metalc11 metalc ?    ? B GLU 37 OE2 ? ? ? 1_555 H MN  .  MN  ? ? B GLU 36  C MN  403 1_555 ? ? ? ? ? ? ? 1.974 ? ? 
metalc12 metalc ?    ? B HIS 40 ND1 ? ? ? 1_555 F MN  .  MN  ? ? B HIS 39  B MN  402 1_555 ? ? ? ? ? ? ? 2.232 ? ? 
metalc13 metalc ?    ? G DMS .  O   A ? ? 1_555 F MN  .  MN  ? ? B DMS 301 B MN  402 1_555 ? ? ? ? ? ? ? 2.603 ? ? 
metalc14 metalc ?    ? G DMS .  O   B ? ? 1_555 F MN  .  MN  ? ? B DMS 301 B MN  402 1_555 ? ? ? ? ? ? ? 2.485 ? ? 
metalc15 metalc ?    ? G DMS .  O   B ? ? 1_555 H MN  .  MN  ? ? B DMS 301 C MN  403 1_555 ? ? ? ? ? ? ? 2.606 ? ? 
metalc16 metalc ?    ? G DMS .  O   A ? ? 1_555 H MN  .  MN  ? ? B DMS 301 C MN  403 1_555 ? ? ? ? ? ? ? 2.732 ? ? 
metalc17 metalc ?    ? F MN  .  MN  ? ? ? 1_555 C GLU 37 OE2 ? ? B MN  402 C GLU 36  1_555 ? ? ? ? ? ? ? 2.027 ? ? 
metalc18 metalc ?    ? C GLU 11 OE2 ? ? ? 1_555 H MN  .  MN  ? ? C GLU 10  C MN  403 1_555 ? ? ? ? ? ? ? 2.439 ? ? 
metalc19 metalc ?    ? C GLU 11 OE1 ? ? ? 1_555 H MN  .  MN  ? ? C GLU 10  C MN  403 1_555 ? ? ? ? ? ? ? 1.997 ? ? 
metalc20 metalc ?    ? C GLU 37 OE1 ? ? ? 1_555 H MN  .  MN  ? ? C GLU 36  C MN  403 1_555 ? ? ? ? ? ? ? 2.129 ? ? 
metalc21 metalc ?    ? C HIS 40 ND1 ? ? ? 1_555 H MN  .  MN  ? ? C HIS 39  C MN  403 1_555 ? ? ? ? ? ? ? 1.968 ? ? 
# 
loop_
_struct_conn_type.id 
_struct_conn_type.criteria 
_struct_conn_type.reference 
covale ? ? 
metalc ? ? 
# 
loop_
_pdbx_struct_conn_angle.id 
_pdbx_struct_conn_angle.ptnr1_label_atom_id 
_pdbx_struct_conn_angle.ptnr1_label_alt_id 
_pdbx_struct_conn_angle.ptnr1_label_asym_id 
_pdbx_struct_conn_angle.ptnr1_label_comp_id 
_pdbx_struct_conn_angle.ptnr1_label_seq_id 
_pdbx_struct_conn_angle.ptnr1_auth_atom_id 
_pdbx_struct_conn_angle.ptnr1_auth_asym_id 
_pdbx_struct_conn_angle.ptnr1_auth_comp_id 
_pdbx_struct_conn_angle.ptnr1_auth_seq_id 
_pdbx_struct_conn_angle.ptnr1_PDB_ins_code 
_pdbx_struct_conn_angle.ptnr1_symmetry 
_pdbx_struct_conn_angle.ptnr2_label_atom_id 
_pdbx_struct_conn_angle.ptnr2_label_alt_id 
_pdbx_struct_conn_angle.ptnr2_label_asym_id 
_pdbx_struct_conn_angle.ptnr2_label_comp_id 
_pdbx_struct_conn_angle.ptnr2_label_seq_id 
_pdbx_struct_conn_angle.ptnr2_auth_atom_id 
_pdbx_struct_conn_angle.ptnr2_auth_asym_id 
_pdbx_struct_conn_angle.ptnr2_auth_comp_id 
_pdbx_struct_conn_angle.ptnr2_auth_seq_id 
_pdbx_struct_conn_angle.ptnr2_PDB_ins_code 
_pdbx_struct_conn_angle.ptnr2_symmetry 
_pdbx_struct_conn_angle.ptnr3_label_atom_id 
_pdbx_struct_conn_angle.ptnr3_label_alt_id 
_pdbx_struct_conn_angle.ptnr3_label_asym_id 
_pdbx_struct_conn_angle.ptnr3_label_comp_id 
_pdbx_struct_conn_angle.ptnr3_label_seq_id 
_pdbx_struct_conn_angle.ptnr3_auth_atom_id 
_pdbx_struct_conn_angle.ptnr3_auth_asym_id 
_pdbx_struct_conn_angle.ptnr3_auth_comp_id 
_pdbx_struct_conn_angle.ptnr3_auth_seq_id 
_pdbx_struct_conn_angle.ptnr3_PDB_ins_code 
_pdbx_struct_conn_angle.ptnr3_symmetry 
_pdbx_struct_conn_angle.value 
_pdbx_struct_conn_angle.value_esd 
1  OE2 ? A GLU 11 ? A GLU 10  ? 1_555 MN ? D MN . ? A MN 401 ? 1_555 OE1 ? A GLU 11 ? A GLU 10  ? 1_555 59.1  ? 
2  OE2 ? A GLU 11 ? A GLU 10  ? 1_555 MN ? D MN . ? A MN 401 ? 1_555 OE1 ? A GLU 37 ? A GLU 36  ? 1_555 140.5 ? 
3  OE1 ? A GLU 11 ? A GLU 10  ? 1_555 MN ? D MN . ? A MN 401 ? 1_555 OE1 ? A GLU 37 ? A GLU 36  ? 1_555 81.4  ? 
4  OE2 ? A GLU 11 ? A GLU 10  ? 1_555 MN ? D MN . ? A MN 401 ? 1_555 OE2 ? A GLU 37 ? A GLU 36  ? 3_555 91.6  ? 
5  OE1 ? A GLU 11 ? A GLU 10  ? 1_555 MN ? D MN . ? A MN 401 ? 1_555 OE2 ? A GLU 37 ? A GLU 36  ? 3_555 145.4 ? 
6  OE1 ? A GLU 37 ? A GLU 36  ? 1_555 MN ? D MN . ? A MN 401 ? 1_555 OE2 ? A GLU 37 ? A GLU 36  ? 3_555 125.1 ? 
7  OE2 ? A GLU 11 ? A GLU 10  ? 1_555 MN ? D MN . ? A MN 401 ? 1_555 ND1 ? A HIS 40 ? A HIS 39  ? 1_555 106.8 ? 
8  OE1 ? A GLU 11 ? A GLU 10  ? 1_555 MN ? D MN . ? A MN 401 ? 1_555 ND1 ? A HIS 40 ? A HIS 39  ? 1_555 114.7 ? 
9  OE1 ? A GLU 37 ? A GLU 36  ? 1_555 MN ? D MN . ? A MN 401 ? 1_555 ND1 ? A HIS 40 ? A HIS 39  ? 1_555 89.1  ? 
10 OE2 ? A GLU 37 ? A GLU 36  ? 3_555 MN ? D MN . ? A MN 401 ? 1_555 ND1 ? A HIS 40 ? A HIS 39  ? 1_555 89.8  ? 
11 OE2 ? A GLU 11 ? A GLU 10  ? 1_555 MN ? D MN . ? A MN 401 ? 1_555 O   ? E DMS .  ? A DMS 302 ? 1_555 91.6  ? 
12 OE1 ? A GLU 11 ? A GLU 10  ? 1_555 MN ? D MN . ? A MN 401 ? 1_555 O   ? E DMS .  ? A DMS 302 ? 1_555 98.9  ? 
13 OE1 ? A GLU 37 ? A GLU 36  ? 1_555 MN ? D MN . ? A MN 401 ? 1_555 O   ? E DMS .  ? A DMS 302 ? 1_555 94.2  ? 
14 OE2 ? A GLU 37 ? A GLU 36  ? 3_555 MN ? D MN . ? A MN 401 ? 1_555 O   ? E DMS .  ? A DMS 302 ? 1_555 61.2  ? 
15 ND1 ? A HIS 40 ? A HIS 39  ? 1_555 MN ? D MN . ? A MN 401 ? 1_555 O   ? E DMS .  ? A DMS 302 ? 1_555 146.4 ? 
16 OE2 ? A GLU 11 ? A GLU 10  ? 1_555 MN ? D MN . ? A MN 401 ? 1_555 O   ? E DMS .  ? A DMS 302 ? 3_555 102.9 ? 
17 OE1 ? A GLU 11 ? A GLU 10  ? 1_555 MN ? D MN . ? A MN 401 ? 1_555 O   ? E DMS .  ? A DMS 302 ? 3_555 92.1  ? 
18 OE1 ? A GLU 37 ? A GLU 36  ? 1_555 MN ? D MN . ? A MN 401 ? 1_555 O   ? E DMS .  ? A DMS 302 ? 3_555 76.2  ? 
19 OE2 ? A GLU 37 ? A GLU 36  ? 3_555 MN ? D MN . ? A MN 401 ? 1_555 O   ? E DMS .  ? A DMS 302 ? 3_555 76.0  ? 
20 ND1 ? A HIS 40 ? A HIS 39  ? 1_555 MN ? D MN . ? A MN 401 ? 1_555 O   ? E DMS .  ? A DMS 302 ? 3_555 147.3 ? 
21 O   ? E DMS .  ? A DMS 302 ? 1_555 MN ? D MN . ? A MN 401 ? 1_555 O   ? E DMS .  ? A DMS 302 ? 3_555 18.5  ? 
22 OE2 ? B GLU 11 ? B GLU 10  ? 1_555 MN ? F MN . ? B MN 402 ? 1_555 OE1 ? B GLU 11 ? B GLU 10  ? 1_555 55.1  ? 
23 OE2 ? B GLU 11 ? B GLU 10  ? 1_555 MN ? F MN . ? B MN 402 ? 1_555 OE1 ? B GLU 37 ? B GLU 36  ? 1_555 136.2 ? 
24 OE1 ? B GLU 11 ? B GLU 10  ? 1_555 MN ? F MN . ? B MN 402 ? 1_555 OE1 ? B GLU 37 ? B GLU 36  ? 1_555 81.9  ? 
25 OE2 ? B GLU 11 ? B GLU 10  ? 1_555 MN ? F MN . ? B MN 402 ? 1_555 ND1 ? B HIS 40 ? B HIS 39  ? 1_555 98.4  ? 
26 OE1 ? B GLU 11 ? B GLU 10  ? 1_555 MN ? F MN . ? B MN 402 ? 1_555 ND1 ? B HIS 40 ? B HIS 39  ? 1_555 108.1 ? 
27 OE1 ? B GLU 37 ? B GLU 36  ? 1_555 MN ? F MN . ? B MN 402 ? 1_555 ND1 ? B HIS 40 ? B HIS 39  ? 1_555 86.9  ? 
28 OE2 ? B GLU 11 ? B GLU 10  ? 1_555 MN ? F MN . ? B MN 402 ? 1_555 O   A G DMS .  ? B DMS 301 ? 1_555 102.4 ? 
29 OE1 ? B GLU 11 ? B GLU 10  ? 1_555 MN ? F MN . ? B MN 402 ? 1_555 O   A G DMS .  ? B DMS 301 ? 1_555 84.4  ? 
30 OE1 ? B GLU 37 ? B GLU 36  ? 1_555 MN ? F MN . ? B MN 402 ? 1_555 O   A G DMS .  ? B DMS 301 ? 1_555 78.4  ? 
31 ND1 ? B HIS 40 ? B HIS 39  ? 1_555 MN ? F MN . ? B MN 402 ? 1_555 O   A G DMS .  ? B DMS 301 ? 1_555 159.2 ? 
32 OE2 ? B GLU 11 ? B GLU 10  ? 1_555 MN ? F MN . ? B MN 402 ? 1_555 O   B G DMS .  ? B DMS 301 ? 1_555 104.6 ? 
33 OE1 ? B GLU 11 ? B GLU 10  ? 1_555 MN ? F MN . ? B MN 402 ? 1_555 O   B G DMS .  ? B DMS 301 ? 1_555 88.9  ? 
34 OE1 ? B GLU 37 ? B GLU 36  ? 1_555 MN ? F MN . ? B MN 402 ? 1_555 O   B G DMS .  ? B DMS 301 ? 1_555 79.7  ? 
35 ND1 ? B HIS 40 ? B HIS 39  ? 1_555 MN ? F MN . ? B MN 402 ? 1_555 O   B G DMS .  ? B DMS 301 ? 1_555 156.7 ? 
36 O   A G DMS .  ? B DMS 301 ? 1_555 MN ? F MN . ? B MN 402 ? 1_555 O   B G DMS .  ? B DMS 301 ? 1_555 4.5   ? 
37 OE2 ? B GLU 11 ? B GLU 10  ? 1_555 MN ? F MN . ? B MN 402 ? 1_555 OE2 ? C GLU 37 ? C GLU 36  ? 1_555 97.4  ? 
38 OE1 ? B GLU 11 ? B GLU 10  ? 1_555 MN ? F MN . ? B MN 402 ? 1_555 OE2 ? C GLU 37 ? C GLU 36  ? 1_555 147.1 ? 
39 OE1 ? B GLU 37 ? B GLU 36  ? 1_555 MN ? F MN . ? B MN 402 ? 1_555 OE2 ? C GLU 37 ? C GLU 36  ? 1_555 126.0 ? 
40 ND1 ? B HIS 40 ? B HIS 39  ? 1_555 MN ? F MN . ? B MN 402 ? 1_555 OE2 ? C GLU 37 ? C GLU 36  ? 1_555 92.2  ? 
41 O   A G DMS .  ? B DMS 301 ? 1_555 MN ? F MN . ? B MN 402 ? 1_555 OE2 ? C GLU 37 ? C GLU 36  ? 1_555 84.9  ? 
42 O   B G DMS .  ? B DMS 301 ? 1_555 MN ? F MN . ? B MN 402 ? 1_555 OE2 ? C GLU 37 ? C GLU 36  ? 1_555 80.7  ? 
43 OE2 ? B GLU 37 ? B GLU 36  ? 1_555 MN ? H MN . ? C MN 403 ? 1_555 O   B G DMS .  ? B DMS 301 ? 1_555 71.4  ? 
44 OE2 ? B GLU 37 ? B GLU 36  ? 1_555 MN ? H MN . ? C MN 403 ? 1_555 O   A G DMS .  ? B DMS 301 ? 1_555 68.3  ? 
45 O   B G DMS .  ? B DMS 301 ? 1_555 MN ? H MN . ? C MN 403 ? 1_555 O   A G DMS .  ? B DMS 301 ? 1_555 4.2   ? 
46 OE2 ? B GLU 37 ? B GLU 36  ? 1_555 MN ? H MN . ? C MN 403 ? 1_555 OE2 ? C GLU 11 ? C GLU 10  ? 1_555 89.4  ? 
47 O   B G DMS .  ? B DMS 301 ? 1_555 MN ? H MN . ? C MN 403 ? 1_555 OE2 ? C GLU 11 ? C GLU 10  ? 1_555 103.0 ? 
48 O   A G DMS .  ? B DMS 301 ? 1_555 MN ? H MN . ? C MN 403 ? 1_555 OE2 ? C GLU 11 ? C GLU 10  ? 1_555 99.8  ? 
49 OE2 ? B GLU 37 ? B GLU 36  ? 1_555 MN ? H MN . ? C MN 403 ? 1_555 OE1 ? C GLU 11 ? C GLU 10  ? 1_555 136.3 ? 
50 O   B G DMS .  ? B DMS 301 ? 1_555 MN ? H MN . ? C MN 403 ? 1_555 OE1 ? C GLU 11 ? C GLU 10  ? 1_555 87.5  ? 
51 O   A G DMS .  ? B DMS 301 ? 1_555 MN ? H MN . ? C MN 403 ? 1_555 OE1 ? C GLU 11 ? C GLU 10  ? 1_555 88.1  ? 
52 OE2 ? C GLU 11 ? C GLU 10  ? 1_555 MN ? H MN . ? C MN 403 ? 1_555 OE1 ? C GLU 11 ? C GLU 10  ? 1_555 57.8  ? 
53 OE2 ? B GLU 37 ? B GLU 36  ? 1_555 MN ? H MN . ? C MN 403 ? 1_555 OE1 ? C GLU 37 ? C GLU 36  ? 1_555 136.2 ? 
54 O   B G DMS .  ? B DMS 301 ? 1_555 MN ? H MN . ? C MN 403 ? 1_555 OE1 ? C GLU 37 ? C GLU 36  ? 1_555 82.2  ? 
55 O   A G DMS .  ? B DMS 301 ? 1_555 MN ? H MN . ? C MN 403 ? 1_555 OE1 ? C GLU 37 ? C GLU 36  ? 1_555 86.4  ? 
56 OE2 ? C GLU 11 ? C GLU 10  ? 1_555 MN ? H MN . ? C MN 403 ? 1_555 OE1 ? C GLU 37 ? C GLU 36  ? 1_555 131.1 ? 
57 OE1 ? C GLU 11 ? C GLU 10  ? 1_555 MN ? H MN . ? C MN 403 ? 1_555 OE1 ? C GLU 37 ? C GLU 36  ? 1_555 74.1  ? 
58 OE2 ? B GLU 37 ? B GLU 36  ? 1_555 MN ? H MN . ? C MN 403 ? 1_555 ND1 ? C HIS 40 ? C HIS 39  ? 1_555 100.1 ? 
59 O   B G DMS .  ? B DMS 301 ? 1_555 MN ? H MN . ? C MN 403 ? 1_555 ND1 ? C HIS 40 ? C HIS 39  ? 1_555 147.9 ? 
60 O   A G DMS .  ? B DMS 301 ? 1_555 MN ? H MN . ? C MN 403 ? 1_555 ND1 ? C HIS 40 ? C HIS 39  ? 1_555 149.9 ? 
61 OE2 ? C GLU 11 ? C GLU 10  ? 1_555 MN ? H MN . ? C MN 403 ? 1_555 ND1 ? C HIS 40 ? C HIS 39  ? 1_555 107.9 ? 
62 OE1 ? C GLU 11 ? C GLU 10  ? 1_555 MN ? H MN . ? C MN 403 ? 1_555 ND1 ? C HIS 40 ? C HIS 39  ? 1_555 116.2 ? 
63 OE1 ? C GLU 37 ? C GLU 36  ? 1_555 MN ? H MN . ? C MN 403 ? 1_555 ND1 ? C HIS 40 ? C HIS 39  ? 1_555 84.1  ? 
# 
loop_
_pdbx_modification_feature.ordinal 
_pdbx_modification_feature.label_comp_id 
_pdbx_modification_feature.label_asym_id 
_pdbx_modification_feature.label_seq_id 
_pdbx_modification_feature.label_alt_id 
_pdbx_modification_feature.modified_residue_label_comp_id 
_pdbx_modification_feature.modified_residue_label_asym_id 
_pdbx_modification_feature.modified_residue_label_seq_id 
_pdbx_modification_feature.modified_residue_label_alt_id 
_pdbx_modification_feature.auth_comp_id 
_pdbx_modification_feature.auth_asym_id 
_pdbx_modification_feature.auth_seq_id 
_pdbx_modification_feature.PDB_ins_code 
_pdbx_modification_feature.symmetry 
_pdbx_modification_feature.modified_residue_auth_comp_id 
_pdbx_modification_feature.modified_residue_auth_asym_id 
_pdbx_modification_feature.modified_residue_auth_seq_id 
_pdbx_modification_feature.modified_residue_PDB_ins_code 
_pdbx_modification_feature.modified_residue_symmetry 
_pdbx_modification_feature.comp_id_linking_atom 
_pdbx_modification_feature.modified_residue_id_linking_atom 
_pdbx_modification_feature.modified_residue_id 
_pdbx_modification_feature.ref_pcm_id 
_pdbx_modification_feature.ref_comp_id 
_pdbx_modification_feature.type 
_pdbx_modification_feature.category 
1 ACE A 1  ? ASP A 2  ? ACE A 0  ? 1_555 ASP A 1  ? 1_555 . . ASP 9  ACE None 'Terminal acetylation' 
2 ACE B 1  ? ASP B 2  ? ACE B 0  ? 1_555 ASP B 1  ? 1_555 . . ASP 9  ACE None 'Terminal acetylation' 
3 ACE C 1  ? ASP C 2  ? ACE C 0  ? 1_555 ASP C 1  ? 1_555 . . ASP 9  ACE None 'Terminal acetylation' 
4 NH2 A 50 ? GLY A 49 ? NH2 A 49 ? 1_555 GLY A 48 ? 1_555 . . GLY 12 NH2 None 'Terminal amidation'   
5 NH2 B 50 ? GLY B 49 ? NH2 B 49 ? 1_555 GLY B 48 ? 1_555 . . GLY 12 NH2 None 'Terminal amidation'   
6 NH2 C 50 ? GLY C 49 ? NH2 C 49 ? 1_555 GLY C 48 ? 1_555 . . GLY 12 NH2 None 'Terminal amidation'   
# 
loop_
_struct_site.id 
_struct_site.pdbx_evidence_code 
_struct_site.pdbx_auth_asym_id 
_struct_site.pdbx_auth_comp_id 
_struct_site.pdbx_auth_seq_id 
_struct_site.pdbx_auth_ins_code 
_struct_site.pdbx_num_residues 
_struct_site.details 
AC1 Software A MN  401 ? 6  'BINDING SITE FOR RESIDUE MN A 401'  
AC2 Software B MN  402 ? 5  'BINDING SITE FOR RESIDUE MN B 402'  
AC3 Software C MN  403 ? 5  'BINDING SITE FOR RESIDUE MN C 403'  
AC4 Software B DMS 301 ? 9  'BINDING SITE FOR RESIDUE DMS B 301' 
AC5 Software A DMS 302 ? 10 'BINDING SITE FOR RESIDUE DMS A 302' 
# 
loop_
_struct_site_gen.id 
_struct_site_gen.site_id 
_struct_site_gen.pdbx_num_res 
_struct_site_gen.label_comp_id 
_struct_site_gen.label_asym_id 
_struct_site_gen.label_seq_id 
_struct_site_gen.pdbx_auth_ins_code 
_struct_site_gen.auth_comp_id 
_struct_site_gen.auth_asym_id 
_struct_site_gen.auth_seq_id 
_struct_site_gen.label_atom_id 
_struct_site_gen.label_alt_id 
_struct_site_gen.symmetry 
_struct_site_gen.details 
1  AC1 6  GLU A 11 ? GLU A 10  . ? 1_555 ? 
2  AC1 6  GLU A 37 ? GLU A 36  . ? 1_555 ? 
3  AC1 6  GLU A 37 ? GLU A 36  . ? 3_555 ? 
4  AC1 6  HIS A 40 ? HIS A 39  . ? 1_555 ? 
5  AC1 6  DMS E .  ? DMS A 302 . ? 1_555 ? 
6  AC1 6  DMS E .  ? DMS A 302 . ? 3_555 ? 
7  AC2 5  GLU B 11 ? GLU B 10  . ? 1_555 ? 
8  AC2 5  GLU B 37 ? GLU B 36  . ? 1_555 ? 
9  AC2 5  HIS B 40 ? HIS B 39  . ? 1_555 ? 
10 AC2 5  DMS G .  ? DMS B 301 . ? 1_555 ? 
11 AC2 5  GLU C 37 ? GLU C 36  . ? 1_555 ? 
12 AC3 5  GLU B 37 ? GLU B 36  . ? 1_555 ? 
13 AC3 5  DMS G .  ? DMS B 301 . ? 1_555 ? 
14 AC3 5  GLU C 11 ? GLU C 10  . ? 1_555 ? 
15 AC3 5  GLU C 37 ? GLU C 36  . ? 1_555 ? 
16 AC3 5  HIS C 40 ? HIS C 39  . ? 1_555 ? 
17 AC4 9  LEU B 10 ? LEU B 9   . ? 1_555 ? 
18 AC4 9  GLU B 11 ? GLU B 10  . ? 1_555 ? 
19 AC4 9  ALA B 14 ? ALA B 13  . ? 1_555 ? 
20 AC4 9  GLU B 37 ? GLU B 36  . ? 1_555 ? 
21 AC4 9  MN  F .  ? MN  B 402 . ? 1_555 ? 
22 AC4 9  GLU C 11 ? GLU C 10  . ? 1_555 ? 
23 AC4 9  ALA C 14 ? ALA C 13  . ? 1_555 ? 
24 AC4 9  GLU C 37 ? GLU C 36  . ? 1_555 ? 
25 AC4 9  MN  H .  ? MN  C 403 . ? 1_555 ? 
26 AC5 10 LEU A 10 ? LEU A 9   . ? 3_555 ? 
27 AC5 10 LEU A 10 ? LEU A 9   . ? 1_555 ? 
28 AC5 10 GLU A 11 ? GLU A 10  . ? 3_555 ? 
29 AC5 10 GLU A 11 ? GLU A 10  . ? 1_555 ? 
30 AC5 10 ALA A 14 ? ALA A 13  . ? 1_555 ? 
31 AC5 10 ALA A 14 ? ALA A 13  . ? 3_555 ? 
32 AC5 10 GLU A 37 ? GLU A 36  . ? 3_555 ? 
33 AC5 10 GLU A 37 ? GLU A 36  . ? 1_555 ? 
34 AC5 10 MN  D .  ? MN  A 401 . ? 1_555 ? 
35 AC5 10 MN  D .  ? MN  A 401 . ? 3_555 ? 
# 
_pdbx_entry_details.entry_id                   1JMB 
_pdbx_entry_details.compound_details           ? 
_pdbx_entry_details.source_details             ? 
_pdbx_entry_details.nonpolymer_details         ? 
_pdbx_entry_details.sequence_details           ? 
_pdbx_entry_details.has_ligand_of_interest     ? 
_pdbx_entry_details.has_protein_modification   Y 
# 
loop_
_pdbx_validate_rmsd_angle.id 
_pdbx_validate_rmsd_angle.PDB_model_num 
_pdbx_validate_rmsd_angle.auth_atom_id_1 
_pdbx_validate_rmsd_angle.auth_asym_id_1 
_pdbx_validate_rmsd_angle.auth_comp_id_1 
_pdbx_validate_rmsd_angle.auth_seq_id_1 
_pdbx_validate_rmsd_angle.PDB_ins_code_1 
_pdbx_validate_rmsd_angle.label_alt_id_1 
_pdbx_validate_rmsd_angle.auth_atom_id_2 
_pdbx_validate_rmsd_angle.auth_asym_id_2 
_pdbx_validate_rmsd_angle.auth_comp_id_2 
_pdbx_validate_rmsd_angle.auth_seq_id_2 
_pdbx_validate_rmsd_angle.PDB_ins_code_2 
_pdbx_validate_rmsd_angle.label_alt_id_2 
_pdbx_validate_rmsd_angle.auth_atom_id_3 
_pdbx_validate_rmsd_angle.auth_asym_id_3 
_pdbx_validate_rmsd_angle.auth_comp_id_3 
_pdbx_validate_rmsd_angle.auth_seq_id_3 
_pdbx_validate_rmsd_angle.PDB_ins_code_3 
_pdbx_validate_rmsd_angle.label_alt_id_3 
_pdbx_validate_rmsd_angle.angle_value 
_pdbx_validate_rmsd_angle.angle_target_value 
_pdbx_validate_rmsd_angle.angle_deviation 
_pdbx_validate_rmsd_angle.angle_standard_deviation 
_pdbx_validate_rmsd_angle.linker_flag 
1  1 CB  A ASP 1  ? ? CG A ASP 1  ? ? OD2 A ASP 1  ? ? 124.60 118.30 6.30   0.90 N 
2  1 CA  A LEU 9  ? ? CB A LEU 9  ? ? CG  A LEU 9  ? ? 132.55 115.30 17.25  2.30 N 
3  1 CA  A TYR 23 ? ? CB A TYR 23 ? ? CG  A TYR 23 ? ? 130.74 113.40 17.34  1.90 N 
4  1 CG1 A VAL 28 ? ? CB A VAL 28 ? ? CG2 A VAL 28 ? ? 100.07 110.90 -10.83 1.60 N 
5  1 CA  A GLU 44 ? ? CB A GLU 44 ? ? CG  A GLU 44 ? ? 127.22 113.40 13.82  2.20 N 
6  1 CA  A GLY 48 ? ? C  A GLY 48 ? ? N   A NH2 49 ? ? 134.52 117.20 17.32  2.20 Y 
7  1 O   A GLY 48 ? ? C  A GLY 48 ? ? N   A NH2 49 ? ? 108.84 122.70 -13.86 1.60 Y 
8  1 C   B ACE 0  ? ? N  B ASP 1  ? ? CA  B ASP 1  ? ? 142.47 121.70 20.77  2.50 Y 
9  1 NE  B ARG 4  ? ? CZ B ARG 4  ? ? NH2 B ARG 4  ? ? 125.85 120.30 5.55   0.50 N 
10 1 OE1 B GLU 10 ? ? CD B GLU 10 ? ? OE2 B GLU 10 ? ? 114.92 123.30 -8.38  1.20 N 
11 1 CG  B GLU 10 ? ? CD B GLU 10 ? ? OE1 B GLU 10 ? ? 134.56 118.30 16.26  2.00 N 
12 1 CB  B LEU 21 ? ? CG B LEU 21 ? ? CD1 B LEU 21 ? ? 93.71  111.00 -17.29 1.70 N 
13 1 CB  B LEU 21 ? ? CG B LEU 21 ? ? CD2 B LEU 21 ? ? 130.91 111.00 19.91  1.70 N 
14 1 CA  B TYR 23 ? ? CB B TYR 23 ? ? CG  B TYR 23 ? ? 125.56 113.40 12.16  1.90 N 
15 1 CA  B LEU 33 ? ? CB B LEU 33 ? ? CG  B LEU 33 ? ? 129.12 115.30 13.82  2.30 N 
16 1 CB  B LEU 33 ? ? CG B LEU 33 ? ? CD1 B LEU 33 ? ? 123.38 111.00 12.38  1.70 N 
17 1 N   B GLU 37 ? ? CA B GLU 37 ? ? CB  B GLU 37 ? ? 99.69  110.60 -10.91 1.80 N 
18 1 OE1 B GLU 44 ? ? CD B GLU 44 ? ? OE2 B GLU 44 ? ? 133.58 123.30 10.28  1.20 N 
19 1 N   B ILE 46 ? ? CA B ILE 46 ? ? CB  B ILE 46 ? ? 96.28  110.80 -14.52 2.30 N 
20 1 NE  C ARG 4  ? ? CZ C ARG 4  ? ? NH1 C ARG 4  ? ? 125.34 120.30 5.04   0.50 N 
21 1 NE  C ARG 4  ? ? CZ C ARG 4  ? ? NH2 C ARG 4  ? ? 115.03 120.30 -5.27  0.50 N 
22 1 CB  C LEU 11 ? ? CG C LEU 11 ? ? CD1 C LEU 11 ? ? 124.01 111.00 13.01  1.70 N 
23 1 CB  C TYR 17 ? ? CG C TYR 17 ? ? CD2 C TYR 17 ? ? 114.98 121.00 -6.02  0.60 N 
24 1 NE  C ARG 18 ? ? CZ C ARG 18 ? ? NH1 C ARG 18 ? ? 125.15 120.30 4.85   0.50 N 
25 1 NE  C ARG 18 ? ? CZ C ARG 18 ? ? NH2 C ARG 18 ? ? 114.87 120.30 -5.43  0.50 N 
26 1 CB  C VAL 24 ? ? CA C VAL 24 ? ? C   C VAL 24 ? ? 97.26  111.40 -14.14 1.90 N 
27 1 CG1 C VAL 24 ? ? CB C VAL 24 ? ? CG2 C VAL 24 ? ? 120.77 110.90 9.87   1.60 N 
28 1 CB  C LEU 26 ? ? CG C LEU 26 ? ? CD1 C LEU 26 ? ? 121.93 111.00 10.93  1.70 N 
29 1 CB  C LEU 29 ? ? CG C LEU 29 ? ? CD1 C LEU 29 ? ? 124.83 111.00 13.83  1.70 N 
30 1 CB  C LEU 29 ? ? CG C LEU 29 ? ? CD2 C LEU 29 ? ? 122.86 111.00 11.86  1.70 N 
31 1 CB  C LEU 33 ? ? CG C LEU 33 ? ? CD2 C LEU 33 ? ? 100.27 111.00 -10.73 1.70 N 
32 1 CB  C GLU 41 ? ? CA C GLU 41 ? ? C   C GLU 41 ? ? 123.22 110.40 12.82  2.00 N 
33 1 OE1 C GLU 41 ? ? CD C GLU 41 ? ? OE2 C GLU 41 ? ? 113.71 123.30 -9.59  1.20 N 
34 1 CB  C LEU 47 ? ? CG C LEU 47 ? ? CD1 C LEU 47 ? ? 121.81 111.00 10.81  1.70 N 
# 
loop_
_pdbx_validate_torsion.id 
_pdbx_validate_torsion.PDB_model_num 
_pdbx_validate_torsion.auth_comp_id 
_pdbx_validate_torsion.auth_asym_id 
_pdbx_validate_torsion.auth_seq_id 
_pdbx_validate_torsion.PDB_ins_code 
_pdbx_validate_torsion.label_alt_id 
_pdbx_validate_torsion.phi 
_pdbx_validate_torsion.psi 
1 1 LYS A 25 ? ? 7.57    89.06   
2 1 LEU A 47 ? ? -89.84  -159.92 
3 1 VAL B 24 ? ? -142.67 -15.19  
4 1 LEU B 47 ? ? -83.36  -151.82 
5 1 LYS C 25 ? ? 54.42   0.40    
# 
loop_
_chem_comp_atom.comp_id 
_chem_comp_atom.atom_id 
_chem_comp_atom.type_symbol 
_chem_comp_atom.pdbx_aromatic_flag 
_chem_comp_atom.pdbx_stereo_config 
_chem_comp_atom.pdbx_ordinal 
ACE C    C  N N 1   
ACE O    O  N N 2   
ACE CH3  C  N N 3   
ACE H    H  N N 4   
ACE H1   H  N N 5   
ACE H2   H  N N 6   
ACE H3   H  N N 7   
ALA N    N  N N 8   
ALA CA   C  N S 9   
ALA C    C  N N 10  
ALA O    O  N N 11  
ALA CB   C  N N 12  
ALA OXT  O  N N 13  
ALA H    H  N N 14  
ALA H2   H  N N 15  
ALA HA   H  N N 16  
ALA HB1  H  N N 17  
ALA HB2  H  N N 18  
ALA HB3  H  N N 19  
ALA HXT  H  N N 20  
ARG N    N  N N 21  
ARG CA   C  N S 22  
ARG C    C  N N 23  
ARG O    O  N N 24  
ARG CB   C  N N 25  
ARG CG   C  N N 26  
ARG CD   C  N N 27  
ARG NE   N  N N 28  
ARG CZ   C  N N 29  
ARG NH1  N  N N 30  
ARG NH2  N  N N 31  
ARG OXT  O  N N 32  
ARG H    H  N N 33  
ARG H2   H  N N 34  
ARG HA   H  N N 35  
ARG HB2  H  N N 36  
ARG HB3  H  N N 37  
ARG HG2  H  N N 38  
ARG HG3  H  N N 39  
ARG HD2  H  N N 40  
ARG HD3  H  N N 41  
ARG HE   H  N N 42  
ARG HH11 H  N N 43  
ARG HH12 H  N N 44  
ARG HH21 H  N N 45  
ARG HH22 H  N N 46  
ARG HXT  H  N N 47  
ASP N    N  N N 48  
ASP CA   C  N S 49  
ASP C    C  N N 50  
ASP O    O  N N 51  
ASP CB   C  N N 52  
ASP CG   C  N N 53  
ASP OD1  O  N N 54  
ASP OD2  O  N N 55  
ASP OXT  O  N N 56  
ASP H    H  N N 57  
ASP H2   H  N N 58  
ASP HA   H  N N 59  
ASP HB2  H  N N 60  
ASP HB3  H  N N 61  
ASP HD2  H  N N 62  
ASP HXT  H  N N 63  
DMS S    S  N N 64  
DMS O    O  N N 65  
DMS C1   C  N N 66  
DMS C2   C  N N 67  
DMS H11  H  N N 68  
DMS H12  H  N N 69  
DMS H13  H  N N 70  
DMS H21  H  N N 71  
DMS H22  H  N N 72  
DMS H23  H  N N 73  
GLN N    N  N N 74  
GLN CA   C  N S 75  
GLN C    C  N N 76  
GLN O    O  N N 77  
GLN CB   C  N N 78  
GLN CG   C  N N 79  
GLN CD   C  N N 80  
GLN OE1  O  N N 81  
GLN NE2  N  N N 82  
GLN OXT  O  N N 83  
GLN H    H  N N 84  
GLN H2   H  N N 85  
GLN HA   H  N N 86  
GLN HB2  H  N N 87  
GLN HB3  H  N N 88  
GLN HG2  H  N N 89  
GLN HG3  H  N N 90  
GLN HE21 H  N N 91  
GLN HE22 H  N N 92  
GLN HXT  H  N N 93  
GLU N    N  N N 94  
GLU CA   C  N S 95  
GLU C    C  N N 96  
GLU O    O  N N 97  
GLU CB   C  N N 98  
GLU CG   C  N N 99  
GLU CD   C  N N 100 
GLU OE1  O  N N 101 
GLU OE2  O  N N 102 
GLU OXT  O  N N 103 
GLU H    H  N N 104 
GLU H2   H  N N 105 
GLU HA   H  N N 106 
GLU HB2  H  N N 107 
GLU HB3  H  N N 108 
GLU HG2  H  N N 109 
GLU HG3  H  N N 110 
GLU HE2  H  N N 111 
GLU HXT  H  N N 112 
GLY N    N  N N 113 
GLY CA   C  N N 114 
GLY C    C  N N 115 
GLY O    O  N N 116 
GLY OXT  O  N N 117 
GLY H    H  N N 118 
GLY H2   H  N N 119 
GLY HA2  H  N N 120 
GLY HA3  H  N N 121 
GLY HXT  H  N N 122 
HIS N    N  N N 123 
HIS CA   C  N S 124 
HIS C    C  N N 125 
HIS O    O  N N 126 
HIS CB   C  N N 127 
HIS CG   C  Y N 128 
HIS ND1  N  Y N 129 
HIS CD2  C  Y N 130 
HIS CE1  C  Y N 131 
HIS NE2  N  Y N 132 
HIS OXT  O  N N 133 
HIS H    H  N N 134 
HIS H2   H  N N 135 
HIS HA   H  N N 136 
HIS HB2  H  N N 137 
HIS HB3  H  N N 138 
HIS HD1  H  N N 139 
HIS HD2  H  N N 140 
HIS HE1  H  N N 141 
HIS HE2  H  N N 142 
HIS HXT  H  N N 143 
HOH O    O  N N 144 
HOH H1   H  N N 145 
HOH H2   H  N N 146 
ILE N    N  N N 147 
ILE CA   C  N S 148 
ILE C    C  N N 149 
ILE O    O  N N 150 
ILE CB   C  N S 151 
ILE CG1  C  N N 152 
ILE CG2  C  N N 153 
ILE CD1  C  N N 154 
ILE OXT  O  N N 155 
ILE H    H  N N 156 
ILE H2   H  N N 157 
ILE HA   H  N N 158 
ILE HB   H  N N 159 
ILE HG12 H  N N 160 
ILE HG13 H  N N 161 
ILE HG21 H  N N 162 
ILE HG22 H  N N 163 
ILE HG23 H  N N 164 
ILE HD11 H  N N 165 
ILE HD12 H  N N 166 
ILE HD13 H  N N 167 
ILE HXT  H  N N 168 
LEU N    N  N N 169 
LEU CA   C  N S 170 
LEU C    C  N N 171 
LEU O    O  N N 172 
LEU CB   C  N N 173 
LEU CG   C  N N 174 
LEU CD1  C  N N 175 
LEU CD2  C  N N 176 
LEU OXT  O  N N 177 
LEU H    H  N N 178 
LEU H2   H  N N 179 
LEU HA   H  N N 180 
LEU HB2  H  N N 181 
LEU HB3  H  N N 182 
LEU HG   H  N N 183 
LEU HD11 H  N N 184 
LEU HD12 H  N N 185 
LEU HD13 H  N N 186 
LEU HD21 H  N N 187 
LEU HD22 H  N N 188 
LEU HD23 H  N N 189 
LEU HXT  H  N N 190 
LYS N    N  N N 191 
LYS CA   C  N S 192 
LYS C    C  N N 193 
LYS O    O  N N 194 
LYS CB   C  N N 195 
LYS CG   C  N N 196 
LYS CD   C  N N 197 
LYS CE   C  N N 198 
LYS NZ   N  N N 199 
LYS OXT  O  N N 200 
LYS H    H  N N 201 
LYS H2   H  N N 202 
LYS HA   H  N N 203 
LYS HB2  H  N N 204 
LYS HB3  H  N N 205 
LYS HG2  H  N N 206 
LYS HG3  H  N N 207 
LYS HD2  H  N N 208 
LYS HD3  H  N N 209 
LYS HE2  H  N N 210 
LYS HE3  H  N N 211 
LYS HZ1  H  N N 212 
LYS HZ2  H  N N 213 
LYS HZ3  H  N N 214 
LYS HXT  H  N N 215 
MN  MN   MN N N 216 
NH2 N    N  N N 217 
NH2 HN1  H  N N 218 
NH2 HN2  H  N N 219 
PRO N    N  N N 220 
PRO CA   C  N S 221 
PRO C    C  N N 222 
PRO O    O  N N 223 
PRO CB   C  N N 224 
PRO CG   C  N N 225 
PRO CD   C  N N 226 
PRO OXT  O  N N 227 
PRO H    H  N N 228 
PRO HA   H  N N 229 
PRO HB2  H  N N 230 
PRO HB3  H  N N 231 
PRO HG2  H  N N 232 
PRO HG3  H  N N 233 
PRO HD2  H  N N 234 
PRO HD3  H  N N 235 
PRO HXT  H  N N 236 
THR N    N  N N 237 
THR CA   C  N S 238 
THR C    C  N N 239 
THR O    O  N N 240 
THR CB   C  N R 241 
THR OG1  O  N N 242 
THR CG2  C  N N 243 
THR OXT  O  N N 244 
THR H    H  N N 245 
THR H2   H  N N 246 
THR HA   H  N N 247 
THR HB   H  N N 248 
THR HG1  H  N N 249 
THR HG21 H  N N 250 
THR HG22 H  N N 251 
THR HG23 H  N N 252 
THR HXT  H  N N 253 
TRP N    N  N N 254 
TRP CA   C  N S 255 
TRP C    C  N N 256 
TRP O    O  N N 257 
TRP CB   C  N N 258 
TRP CG   C  Y N 259 
TRP CD1  C  Y N 260 
TRP CD2  C  Y N 261 
TRP NE1  N  Y N 262 
TRP CE2  C  Y N 263 
TRP CE3  C  Y N 264 
TRP CZ2  C  Y N 265 
TRP CZ3  C  Y N 266 
TRP CH2  C  Y N 267 
TRP OXT  O  N N 268 
TRP H    H  N N 269 
TRP H2   H  N N 270 
TRP HA   H  N N 271 
TRP HB2  H  N N 272 
TRP HB3  H  N N 273 
TRP HD1  H  N N 274 
TRP HE1  H  N N 275 
TRP HE3  H  N N 276 
TRP HZ2  H  N N 277 
TRP HZ3  H  N N 278 
TRP HH2  H  N N 279 
TRP HXT  H  N N 280 
TYR N    N  N N 281 
TYR CA   C  N S 282 
TYR C    C  N N 283 
TYR O    O  N N 284 
TYR CB   C  N N 285 
TYR CG   C  Y N 286 
TYR CD1  C  Y N 287 
TYR CD2  C  Y N 288 
TYR CE1  C  Y N 289 
TYR CE2  C  Y N 290 
TYR CZ   C  Y N 291 
TYR OH   O  N N 292 
TYR OXT  O  N N 293 
TYR H    H  N N 294 
TYR H2   H  N N 295 
TYR HA   H  N N 296 
TYR HB2  H  N N 297 
TYR HB3  H  N N 298 
TYR HD1  H  N N 299 
TYR HD2  H  N N 300 
TYR HE1  H  N N 301 
TYR HE2  H  N N 302 
TYR HH   H  N N 303 
TYR HXT  H  N N 304 
VAL N    N  N N 305 
VAL CA   C  N S 306 
VAL C    C  N N 307 
VAL O    O  N N 308 
VAL CB   C  N N 309 
VAL CG1  C  N N 310 
VAL CG2  C  N N 311 
VAL OXT  O  N N 312 
VAL H    H  N N 313 
VAL H2   H  N N 314 
VAL HA   H  N N 315 
VAL HB   H  N N 316 
VAL HG11 H  N N 317 
VAL HG12 H  N N 318 
VAL HG13 H  N N 319 
VAL HG21 H  N N 320 
VAL HG22 H  N N 321 
VAL HG23 H  N N 322 
VAL HXT  H  N N 323 
# 
loop_
_chem_comp_bond.comp_id 
_chem_comp_bond.atom_id_1 
_chem_comp_bond.atom_id_2 
_chem_comp_bond.value_order 
_chem_comp_bond.pdbx_aromatic_flag 
_chem_comp_bond.pdbx_stereo_config 
_chem_comp_bond.pdbx_ordinal 
ACE C   O    doub N N 1   
ACE C   CH3  sing N N 2   
ACE C   H    sing N N 3   
ACE CH3 H1   sing N N 4   
ACE CH3 H2   sing N N 5   
ACE CH3 H3   sing N N 6   
ALA N   CA   sing N N 7   
ALA N   H    sing N N 8   
ALA N   H2   sing N N 9   
ALA CA  C    sing N N 10  
ALA CA  CB   sing N N 11  
ALA CA  HA   sing N N 12  
ALA C   O    doub N N 13  
ALA C   OXT  sing N N 14  
ALA CB  HB1  sing N N 15  
ALA CB  HB2  sing N N 16  
ALA CB  HB3  sing N N 17  
ALA OXT HXT  sing N N 18  
ARG N   CA   sing N N 19  
ARG N   H    sing N N 20  
ARG N   H2   sing N N 21  
ARG CA  C    sing N N 22  
ARG CA  CB   sing N N 23  
ARG CA  HA   sing N N 24  
ARG C   O    doub N N 25  
ARG C   OXT  sing N N 26  
ARG CB  CG   sing N N 27  
ARG CB  HB2  sing N N 28  
ARG CB  HB3  sing N N 29  
ARG CG  CD   sing N N 30  
ARG CG  HG2  sing N N 31  
ARG CG  HG3  sing N N 32  
ARG CD  NE   sing N N 33  
ARG CD  HD2  sing N N 34  
ARG CD  HD3  sing N N 35  
ARG NE  CZ   sing N N 36  
ARG NE  HE   sing N N 37  
ARG CZ  NH1  sing N N 38  
ARG CZ  NH2  doub N N 39  
ARG NH1 HH11 sing N N 40  
ARG NH1 HH12 sing N N 41  
ARG NH2 HH21 sing N N 42  
ARG NH2 HH22 sing N N 43  
ARG OXT HXT  sing N N 44  
ASP N   CA   sing N N 45  
ASP N   H    sing N N 46  
ASP N   H2   sing N N 47  
ASP CA  C    sing N N 48  
ASP CA  CB   sing N N 49  
ASP CA  HA   sing N N 50  
ASP C   O    doub N N 51  
ASP C   OXT  sing N N 52  
ASP CB  CG   sing N N 53  
ASP CB  HB2  sing N N 54  
ASP CB  HB3  sing N N 55  
ASP CG  OD1  doub N N 56  
ASP CG  OD2  sing N N 57  
ASP OD2 HD2  sing N N 58  
ASP OXT HXT  sing N N 59  
DMS S   O    doub N N 60  
DMS S   C1   sing N N 61  
DMS S   C2   sing N N 62  
DMS C1  H11  sing N N 63  
DMS C1  H12  sing N N 64  
DMS C1  H13  sing N N 65  
DMS C2  H21  sing N N 66  
DMS C2  H22  sing N N 67  
DMS C2  H23  sing N N 68  
GLN N   CA   sing N N 69  
GLN N   H    sing N N 70  
GLN N   H2   sing N N 71  
GLN CA  C    sing N N 72  
GLN CA  CB   sing N N 73  
GLN CA  HA   sing N N 74  
GLN C   O    doub N N 75  
GLN C   OXT  sing N N 76  
GLN CB  CG   sing N N 77  
GLN CB  HB2  sing N N 78  
GLN CB  HB3  sing N N 79  
GLN CG  CD   sing N N 80  
GLN CG  HG2  sing N N 81  
GLN CG  HG3  sing N N 82  
GLN CD  OE1  doub N N 83  
GLN CD  NE2  sing N N 84  
GLN NE2 HE21 sing N N 85  
GLN NE2 HE22 sing N N 86  
GLN OXT HXT  sing N N 87  
GLU N   CA   sing N N 88  
GLU N   H    sing N N 89  
GLU N   H2   sing N N 90  
GLU CA  C    sing N N 91  
GLU CA  CB   sing N N 92  
GLU CA  HA   sing N N 93  
GLU C   O    doub N N 94  
GLU C   OXT  sing N N 95  
GLU CB  CG   sing N N 96  
GLU CB  HB2  sing N N 97  
GLU CB  HB3  sing N N 98  
GLU CG  CD   sing N N 99  
GLU CG  HG2  sing N N 100 
GLU CG  HG3  sing N N 101 
GLU CD  OE1  doub N N 102 
GLU CD  OE2  sing N N 103 
GLU OE2 HE2  sing N N 104 
GLU OXT HXT  sing N N 105 
GLY N   CA   sing N N 106 
GLY N   H    sing N N 107 
GLY N   H2   sing N N 108 
GLY CA  C    sing N N 109 
GLY CA  HA2  sing N N 110 
GLY CA  HA3  sing N N 111 
GLY C   O    doub N N 112 
GLY C   OXT  sing N N 113 
GLY OXT HXT  sing N N 114 
HIS N   CA   sing N N 115 
HIS N   H    sing N N 116 
HIS N   H2   sing N N 117 
HIS CA  C    sing N N 118 
HIS CA  CB   sing N N 119 
HIS CA  HA   sing N N 120 
HIS C   O    doub N N 121 
HIS C   OXT  sing N N 122 
HIS CB  CG   sing N N 123 
HIS CB  HB2  sing N N 124 
HIS CB  HB3  sing N N 125 
HIS CG  ND1  sing Y N 126 
HIS CG  CD2  doub Y N 127 
HIS ND1 CE1  doub Y N 128 
HIS ND1 HD1  sing N N 129 
HIS CD2 NE2  sing Y N 130 
HIS CD2 HD2  sing N N 131 
HIS CE1 NE2  sing Y N 132 
HIS CE1 HE1  sing N N 133 
HIS NE2 HE2  sing N N 134 
HIS OXT HXT  sing N N 135 
HOH O   H1   sing N N 136 
HOH O   H2   sing N N 137 
ILE N   CA   sing N N 138 
ILE N   H    sing N N 139 
ILE N   H2   sing N N 140 
ILE CA  C    sing N N 141 
ILE CA  CB   sing N N 142 
ILE CA  HA   sing N N 143 
ILE C   O    doub N N 144 
ILE C   OXT  sing N N 145 
ILE CB  CG1  sing N N 146 
ILE CB  CG2  sing N N 147 
ILE CB  HB   sing N N 148 
ILE CG1 CD1  sing N N 149 
ILE CG1 HG12 sing N N 150 
ILE CG1 HG13 sing N N 151 
ILE CG2 HG21 sing N N 152 
ILE CG2 HG22 sing N N 153 
ILE CG2 HG23 sing N N 154 
ILE CD1 HD11 sing N N 155 
ILE CD1 HD12 sing N N 156 
ILE CD1 HD13 sing N N 157 
ILE OXT HXT  sing N N 158 
LEU N   CA   sing N N 159 
LEU N   H    sing N N 160 
LEU N   H2   sing N N 161 
LEU CA  C    sing N N 162 
LEU CA  CB   sing N N 163 
LEU CA  HA   sing N N 164 
LEU C   O    doub N N 165 
LEU C   OXT  sing N N 166 
LEU CB  CG   sing N N 167 
LEU CB  HB2  sing N N 168 
LEU CB  HB3  sing N N 169 
LEU CG  CD1  sing N N 170 
LEU CG  CD2  sing N N 171 
LEU CG  HG   sing N N 172 
LEU CD1 HD11 sing N N 173 
LEU CD1 HD12 sing N N 174 
LEU CD1 HD13 sing N N 175 
LEU CD2 HD21 sing N N 176 
LEU CD2 HD22 sing N N 177 
LEU CD2 HD23 sing N N 178 
LEU OXT HXT  sing N N 179 
LYS N   CA   sing N N 180 
LYS N   H    sing N N 181 
LYS N   H2   sing N N 182 
LYS CA  C    sing N N 183 
LYS CA  CB   sing N N 184 
LYS CA  HA   sing N N 185 
LYS C   O    doub N N 186 
LYS C   OXT  sing N N 187 
LYS CB  CG   sing N N 188 
LYS CB  HB2  sing N N 189 
LYS CB  HB3  sing N N 190 
LYS CG  CD   sing N N 191 
LYS CG  HG2  sing N N 192 
LYS CG  HG3  sing N N 193 
LYS CD  CE   sing N N 194 
LYS CD  HD2  sing N N 195 
LYS CD  HD3  sing N N 196 
LYS CE  NZ   sing N N 197 
LYS CE  HE2  sing N N 198 
LYS CE  HE3  sing N N 199 
LYS NZ  HZ1  sing N N 200 
LYS NZ  HZ2  sing N N 201 
LYS NZ  HZ3  sing N N 202 
LYS OXT HXT  sing N N 203 
NH2 N   HN1  sing N N 204 
NH2 N   HN2  sing N N 205 
PRO N   CA   sing N N 206 
PRO N   CD   sing N N 207 
PRO N   H    sing N N 208 
PRO CA  C    sing N N 209 
PRO CA  CB   sing N N 210 
PRO CA  HA   sing N N 211 
PRO C   O    doub N N 212 
PRO C   OXT  sing N N 213 
PRO CB  CG   sing N N 214 
PRO CB  HB2  sing N N 215 
PRO CB  HB3  sing N N 216 
PRO CG  CD   sing N N 217 
PRO CG  HG2  sing N N 218 
PRO CG  HG3  sing N N 219 
PRO CD  HD2  sing N N 220 
PRO CD  HD3  sing N N 221 
PRO OXT HXT  sing N N 222 
THR N   CA   sing N N 223 
THR N   H    sing N N 224 
THR N   H2   sing N N 225 
THR CA  C    sing N N 226 
THR CA  CB   sing N N 227 
THR CA  HA   sing N N 228 
THR C   O    doub N N 229 
THR C   OXT  sing N N 230 
THR CB  OG1  sing N N 231 
THR CB  CG2  sing N N 232 
THR CB  HB   sing N N 233 
THR OG1 HG1  sing N N 234 
THR CG2 HG21 sing N N 235 
THR CG2 HG22 sing N N 236 
THR CG2 HG23 sing N N 237 
THR OXT HXT  sing N N 238 
TRP N   CA   sing N N 239 
TRP N   H    sing N N 240 
TRP N   H2   sing N N 241 
TRP CA  C    sing N N 242 
TRP CA  CB   sing N N 243 
TRP CA  HA   sing N N 244 
TRP C   O    doub N N 245 
TRP C   OXT  sing N N 246 
TRP CB  CG   sing N N 247 
TRP CB  HB2  sing N N 248 
TRP CB  HB3  sing N N 249 
TRP CG  CD1  doub Y N 250 
TRP CG  CD2  sing Y N 251 
TRP CD1 NE1  sing Y N 252 
TRP CD1 HD1  sing N N 253 
TRP CD2 CE2  doub Y N 254 
TRP CD2 CE3  sing Y N 255 
TRP NE1 CE2  sing Y N 256 
TRP NE1 HE1  sing N N 257 
TRP CE2 CZ2  sing Y N 258 
TRP CE3 CZ3  doub Y N 259 
TRP CE3 HE3  sing N N 260 
TRP CZ2 CH2  doub Y N 261 
TRP CZ2 HZ2  sing N N 262 
TRP CZ3 CH2  sing Y N 263 
TRP CZ3 HZ3  sing N N 264 
TRP CH2 HH2  sing N N 265 
TRP OXT HXT  sing N N 266 
TYR N   CA   sing N N 267 
TYR N   H    sing N N 268 
TYR N   H2   sing N N 269 
TYR CA  C    sing N N 270 
TYR CA  CB   sing N N 271 
TYR CA  HA   sing N N 272 
TYR C   O    doub N N 273 
TYR C   OXT  sing N N 274 
TYR CB  CG   sing N N 275 
TYR CB  HB2  sing N N 276 
TYR CB  HB3  sing N N 277 
TYR CG  CD1  doub Y N 278 
TYR CG  CD2  sing Y N 279 
TYR CD1 CE1  sing Y N 280 
TYR CD1 HD1  sing N N 281 
TYR CD2 CE2  doub Y N 282 
TYR CD2 HD2  sing N N 283 
TYR CE1 CZ   doub Y N 284 
TYR CE1 HE1  sing N N 285 
TYR CE2 CZ   sing Y N 286 
TYR CE2 HE2  sing N N 287 
TYR CZ  OH   sing N N 288 
TYR OH  HH   sing N N 289 
TYR OXT HXT  sing N N 290 
VAL N   CA   sing N N 291 
VAL N   H    sing N N 292 
VAL N   H2   sing N N 293 
VAL CA  C    sing N N 294 
VAL CA  CB   sing N N 295 
VAL CA  HA   sing N N 296 
VAL C   O    doub N N 297 
VAL C   OXT  sing N N 298 
VAL CB  CG1  sing N N 299 
VAL CB  CG2  sing N N 300 
VAL CB  HB   sing N N 301 
VAL CG1 HG11 sing N N 302 
VAL CG1 HG12 sing N N 303 
VAL CG1 HG13 sing N N 304 
VAL CG2 HG21 sing N N 305 
VAL CG2 HG22 sing N N 306 
VAL CG2 HG23 sing N N 307 
VAL OXT HXT  sing N N 308 
# 
_pdbx_initial_refinement_model.accession_code   ? 
_pdbx_initial_refinement_model.id               1 
_pdbx_initial_refinement_model.entity_id_list   ? 
_pdbx_initial_refinement_model.type             'in silico model' 
_pdbx_initial_refinement_model.source_name      Other 
_pdbx_initial_refinement_model.details          'THEORETICAL MODEL' 
# 
_atom_sites.entry_id                    1JMB 
_atom_sites.fract_transf_matrix[1][1]   0.01346092 
_atom_sites.fract_transf_matrix[1][2]   0.01015107 
_atom_sites.fract_transf_matrix[1][3]   0.02101116 
_atom_sites.fract_transf_matrix[2][1]   0.00611077 
_atom_sites.fract_transf_matrix[2][2]   0.00334195 
_atom_sites.fract_transf_matrix[2][3]   -0.00552949 
_atom_sites.fract_transf_matrix[3][1]   -0.00660252 
_atom_sites.fract_transf_matrix[3][2]   0.01059899 
_atom_sites.fract_transf_matrix[3][3]   -0.00089072 
_atom_sites.fract_transf_vector[1]      0.180378 
_atom_sites.fract_transf_vector[2]      0.343055 
_atom_sites.fract_transf_vector[3]      0.339339 
# 
loop_
_atom_type.symbol 
C  
MN 
N  
O  
S  
# 
loop_
_atom_site.group_PDB 
_atom_site.id 
_atom_site.type_symbol 
_atom_site.label_atom_id 
_atom_site.label_alt_id 
_atom_site.label_comp_id 
_atom_site.label_asym_id 
_atom_site.label_entity_id 
_atom_site.label_seq_id 
_atom_site.pdbx_PDB_ins_code 
_atom_site.Cartn_x 
_atom_site.Cartn_y 
_atom_site.Cartn_z 
_atom_site.occupancy 
_atom_site.B_iso_or_equiv 
_atom_site.pdbx_formal_charge 
_atom_site.auth_seq_id 
_atom_site.auth_comp_id 
_atom_site.auth_asym_id 
_atom_site.auth_atom_id 
_atom_site.pdbx_PDB_model_num 
HETATM 1    C  C   . ACE A 1 1  ? -14.596 2.375   -0.203  1.00 75.17 ? 0   ACE A C   1 
HETATM 2    O  O   . ACE A 1 1  ? -15.057 2.970   -1.186  1.00 77.46 ? 0   ACE A O   1 
HETATM 3    C  CH3 . ACE A 1 1  ? -15.321 2.169   1.093   1.00 76.23 ? 0   ACE A CH3 1 
ATOM   4    N  N   . ASP A 1 2  ? -13.447 1.724   -0.236  1.00 72.07 ? 1   ASP A N   1 
ATOM   5    C  CA  . ASP A 1 2  ? -12.562 1.620   -1.393  1.00 69.54 ? 1   ASP A CA  1 
ATOM   6    C  C   . ASP A 1 2  ? -11.461 0.857   -0.657  1.00 66.92 ? 1   ASP A C   1 
ATOM   7    O  O   . ASP A 1 2  ? -10.642 0.088   -1.161  1.00 66.74 ? 1   ASP A O   1 
ATOM   8    C  CB  . ASP A 1 2  ? -12.123 2.996   -1.907  1.00 69.25 ? 1   ASP A CB  1 
ATOM   9    C  CG  . ASP A 1 2  ? -11.137 3.646   -0.978  1.00 66.46 ? 1   ASP A CG  1 
ATOM   10   O  OD1 . ASP A 1 2  ? -11.491 3.646   0.217   1.00 64.57 ? 1   ASP A OD1 1 
ATOM   11   O  OD2 . ASP A 1 2  ? -10.042 4.138   -1.335  1.00 65.32 ? 1   ASP A OD2 1 
ATOM   12   N  N   . TYR A 1 3  ? -11.500 1.117   0.636   1.00 63.18 ? 2   TYR A N   1 
ATOM   13   C  CA  . TYR A 1 3  ? -10.684 0.354   1.534   1.00 62.25 ? 2   TYR A CA  1 
ATOM   14   C  C   . TYR A 1 3  ? -11.514 -0.913  1.723   1.00 60.59 ? 2   TYR A C   1 
ATOM   15   O  O   . TYR A 1 3  ? -10.928 -1.994  1.874   1.00 63.44 ? 2   TYR A O   1 
ATOM   16   C  CB  . TYR A 1 3  ? -10.460 1.174   2.806   1.00 62.62 ? 2   TYR A CB  1 
ATOM   17   C  CG  . TYR A 1 3  ? -11.646 1.349   3.722   1.00 62.51 ? 2   TYR A CG  1 
ATOM   18   C  CD1 . TYR A 1 3  ? -11.865 0.457   4.770   1.00 62.67 ? 2   TYR A CD1 1 
ATOM   19   C  CD2 . TYR A 1 3  ? -12.536 2.408   3.536   1.00 62.46 ? 2   TYR A CD2 1 
ATOM   20   C  CE1 . TYR A 1 3  ? -12.929 0.610   5.626   1.00 61.95 ? 2   TYR A CE1 1 
ATOM   21   C  CE2 . TYR A 1 3  ? -13.620 2.575   4.378   1.00 64.00 ? 2   TYR A CE2 1 
ATOM   22   C  CZ  . TYR A 1 3  ? -13.789 1.669   5.411   1.00 67.01 ? 2   TYR A CZ  1 
ATOM   23   O  OH  . TYR A 1 3  ? -14.838 1.763   6.285   1.00 69.09 ? 2   TYR A OH  1 
ATOM   24   N  N   . LEU A 1 4  ? -12.835 -0.748  1.716   1.00 56.26 ? 3   LEU A N   1 
ATOM   25   C  CA  . LEU A 1 4  ? -13.815 -1.822  1.654   1.00 54.67 ? 3   LEU A CA  1 
ATOM   26   C  C   . LEU A 1 4  ? -13.758 -2.475  0.260   1.00 53.55 ? 3   LEU A C   1 
ATOM   27   O  O   . LEU A 1 4  ? -14.145 -3.633  0.117   1.00 55.76 ? 3   LEU A O   1 
ATOM   28   C  CB  . LEU A 1 4  ? -15.238 -1.311  1.970   1.00 53.94 ? 3   LEU A CB  1 
ATOM   29   C  CG  . LEU A 1 4  ? -15.628 -0.971  3.410   1.00 53.40 ? 3   LEU A CG  1 
ATOM   30   C  CD1 . LEU A 1 4  ? -16.771 0.006   3.601   1.00 55.90 ? 3   LEU A CD1 1 
ATOM   31   C  CD2 . LEU A 1 4  ? -15.846 -2.201  4.297   1.00 55.09 ? 3   LEU A CD2 1 
ATOM   32   N  N   . ARG A 1 5  ? -13.294 -1.803  -0.788  1.00 50.21 ? 4   ARG A N   1 
ATOM   33   C  CA  . ARG A 1 5  ? -13.184 -2.486  -2.073  1.00 49.08 ? 4   ARG A CA  1 
ATOM   34   C  C   . ARG A 1 5  ? -11.841 -3.242  -2.054  1.00 48.42 ? 4   ARG A C   1 
ATOM   35   O  O   . ARG A 1 5  ? -11.689 -4.264  -2.705  1.00 49.27 ? 4   ARG A O   1 
ATOM   36   C  CB  . ARG A 1 5  ? -13.358 -1.508  -3.251  1.00 48.07 ? 4   ARG A CB  1 
ATOM   37   C  CG  . ARG A 1 5  ? -14.491 -1.806  -4.279  1.00 52.00 ? 4   ARG A CG  1 
ATOM   38   C  CD  . ARG A 1 5  ? -15.132 -0.643  -5.107  1.00 57.11 ? 4   ARG A CD  1 
ATOM   39   N  NE  . ARG A 1 5  ? -15.391 0.411   -4.138  1.00 60.25 ? 4   ARG A NE  1 
ATOM   40   C  CZ  . ARG A 1 5  ? -16.471 1.141   -3.923  1.00 56.46 ? 4   ARG A CZ  1 
ATOM   41   N  NH1 . ARG A 1 5  ? -17.552 1.003   -4.668  1.00 63.19 ? 4   ARG A NH1 1 
ATOM   42   N  NH2 . ARG A 1 5  ? -16.430 2.030   -2.924  1.00 60.96 ? 4   ARG A NH2 1 
ATOM   43   N  N   . GLU A 1 6  ? -10.834 -2.797  -1.320  1.00 47.98 ? 5   GLU A N   1 
ATOM   44   C  CA  . GLU A 1 6  ? -9.564  -3.514  -1.267  1.00 52.50 ? 5   GLU A CA  1 
ATOM   45   C  C   . GLU A 1 6  ? -9.762  -4.852  -0.553  1.00 52.89 ? 5   GLU A C   1 
ATOM   46   O  O   . GLU A 1 6  ? -9.177  -5.862  -0.940  1.00 51.42 ? 5   GLU A O   1 
ATOM   47   C  CB  . GLU A 1 6  ? -8.483  -2.705  -0.522  1.00 52.06 ? 5   GLU A CB  1 
ATOM   48   C  CG  . GLU A 1 6  ? -7.149  -2.630  -1.258  1.00 60.31 ? 5   GLU A CG  1 
ATOM   49   C  CD  . GLU A 1 6  ? -7.245  -2.344  -2.759  1.00 65.08 ? 5   GLU A CD  1 
ATOM   50   O  OE1 . GLU A 1 6  ? -8.240  -2.702  -3.439  1.00 69.58 ? 5   GLU A OE1 1 
ATOM   51   O  OE2 . GLU A 1 6  ? -6.306  -1.740  -3.325  1.00 67.21 ? 5   GLU A OE2 1 
ATOM   52   N  N   . LEU A 1 7  ? -10.610 -4.804  0.480   1.00 53.26 ? 6   LEU A N   1 
ATOM   53   C  CA  . LEU A 1 7  ? -10.999 -5.941  1.311   1.00 51.63 ? 6   LEU A CA  1 
ATOM   54   C  C   . LEU A 1 7  ? -11.728 -7.031  0.500   1.00 50.93 ? 6   LEU A C   1 
ATOM   55   O  O   . LEU A 1 7  ? -11.380 -8.203  0.574   1.00 52.54 ? 6   LEU A O   1 
ATOM   56   C  CB  . LEU A 1 7  ? -11.720 -5.381  2.540   1.00 50.35 ? 6   LEU A CB  1 
ATOM   57   C  CG  . LEU A 1 7  ? -11.167 -5.416  3.960   1.00 47.57 ? 6   LEU A CG  1 
ATOM   58   C  CD1 . LEU A 1 7  ? -9.740  -5.932  3.800   1.00 54.47 ? 6   LEU A CD1 1 
ATOM   59   C  CD2 . LEU A 1 7  ? -11.365 -4.190  4.845   1.00 41.60 ? 6   LEU A CD2 1 
ATOM   60   N  N   . LEU A 1 8  ? -12.734 -6.682  -0.291  1.00 51.07 ? 7   LEU A N   1 
ATOM   61   C  CA  . LEU A 1 8  ? -13.513 -7.595  -1.133  1.00 51.43 ? 7   LEU A CA  1 
ATOM   62   C  C   . LEU A 1 8  ? -12.758 -8.356  -2.245  1.00 50.60 ? 7   LEU A C   1 
ATOM   63   O  O   . LEU A 1 8  ? -13.035 -9.522  -2.545  1.00 47.55 ? 7   LEU A O   1 
ATOM   64   C  CB  . LEU A 1 8  ? -14.703 -6.808  -1.708  1.00 49.48 ? 7   LEU A CB  1 
ATOM   65   C  CG  . LEU A 1 8  ? -15.436 -7.407  -2.911  1.00 47.77 ? 7   LEU A CG  1 
ATOM   66   C  CD1 . LEU A 1 8  ? -16.697 -8.204  -2.585  1.00 49.74 ? 7   LEU A CD1 1 
ATOM   67   C  CD2 . LEU A 1 8  ? -15.760 -6.313  -3.926  1.00 46.83 ? 7   LEU A CD2 1 
ATOM   68   N  N   . LYS A 1 9  ? -11.810 -7.658  -2.868  1.00 51.07 ? 8   LYS A N   1 
ATOM   69   C  CA  . LYS A 1 9  ? -10.934 -8.266  -3.858  1.00 49.87 ? 8   LYS A CA  1 
ATOM   70   C  C   . LYS A 1 9  ? -10.040 -9.265  -3.091  1.00 49.20 ? 8   LYS A C   1 
ATOM   71   O  O   . LYS A 1 9  ? -9.879  -10.391 -3.540  1.00 47.81 ? 8   LYS A O   1 
ATOM   72   C  CB  . LYS A 1 9  ? -10.097 -7.198  -4.560  1.00 50.35 ? 8   LYS A CB  1 
ATOM   73   C  CG  . LYS A 1 9  ? -10.634 -6.571  -5.833  1.00 56.55 ? 8   LYS A CG  1 
ATOM   74   C  CD  . LYS A 1 9  ? -11.689 -5.461  -5.715  1.00 59.75 ? 8   LYS A CD  1 
ATOM   75   C  CE  . LYS A 1 9  ? -12.480 -5.333  -7.011  1.00 57.60 ? 8   LYS A CE  1 
ATOM   76   N  NZ  . LYS A 1 9  ? -12.922 -3.899  -7.073  1.00 67.55 ? 8   LYS A NZ  1 
ATOM   77   N  N   . LEU A 1 10 ? -9.492  -8.835  -1.954  1.00 48.15 ? 9   LEU A N   1 
ATOM   78   C  CA  . LEU A 1 10 ? -8.714  -9.628  -1.014  1.00 49.11 ? 9   LEU A CA  1 
ATOM   79   C  C   . LEU A 1 10 ? -9.426  -10.912 -0.613  1.00 49.28 ? 9   LEU A C   1 
ATOM   80   O  O   . LEU A 1 10 ? -8.823  -11.988 -0.579  1.00 52.96 ? 9   LEU A O   1 
ATOM   81   C  CB  . LEU A 1 10 ? -8.229  -8.833  0.205   1.00 47.03 ? 9   LEU A CB  1 
ATOM   82   C  CG  . LEU A 1 10 ? -6.857  -8.251  0.589   1.00 47.71 ? 9   LEU A CG  1 
ATOM   83   C  CD1 . LEU A 1 10 ? -6.679  -7.820  2.089   1.00 36.93 ? 9   LEU A CD1 1 
ATOM   84   C  CD2 . LEU A 1 10 ? -5.795  -9.262  0.235   1.00 48.39 ? 9   LEU A CD2 1 
ATOM   85   N  N   . GLU A 1 11 ? -10.709 -10.835 -0.305  1.00 46.83 ? 10  GLU A N   1 
ATOM   86   C  CA  . GLU A 1 11 ? -11.485 -12.037 -0.056  1.00 46.18 ? 10  GLU A CA  1 
ATOM   87   C  C   . GLU A 1 11 ? -11.747 -12.823 -1.338  1.00 47.44 ? 10  GLU A C   1 
ATOM   88   O  O   . GLU A 1 11 ? -11.924 -14.038 -1.375  1.00 47.06 ? 10  GLU A O   1 
ATOM   89   C  CB  . GLU A 1 11 ? -12.867 -11.651 0.479   1.00 41.19 ? 10  GLU A CB  1 
ATOM   90   C  CG  . GLU A 1 11 ? -12.759 -10.973 1.825   1.00 38.90 ? 10  GLU A CG  1 
ATOM   91   C  CD  . GLU A 1 11 ? -12.500 -11.923 2.985   1.00 34.53 ? 10  GLU A CD  1 
ATOM   92   O  OE1 . GLU A 1 11 ? -12.702 -13.161 2.831   1.00 33.34 ? 10  GLU A OE1 1 
ATOM   93   O  OE2 . GLU A 1 11 ? -12.095 -11.400 4.064   1.00 34.55 ? 10  GLU A OE2 1 
ATOM   94   N  N   . LEU A 1 12 ? -11.796 -12.083 -2.431  1.00 51.28 ? 11  LEU A N   1 
ATOM   95   C  CA  . LEU A 1 12 ? -12.284 -12.700 -3.648  1.00 52.39 ? 11  LEU A CA  1 
ATOM   96   C  C   . LEU A 1 12 ? -11.151 -13.577 -4.105  1.00 51.87 ? 11  LEU A C   1 
ATOM   97   O  O   . LEU A 1 12 ? -11.418 -14.670 -4.571  1.00 54.21 ? 11  LEU A O   1 
ATOM   98   C  CB  . LEU A 1 12 ? -12.604 -11.651 -4.703  1.00 54.46 ? 11  LEU A CB  1 
ATOM   99   C  CG  . LEU A 1 12 ? -14.002 -11.934 -5.234  1.00 54.66 ? 11  LEU A CG  1 
ATOM   100  C  CD1 . LEU A 1 12 ? -14.300 -13.375 -4.984  1.00 62.73 ? 11  LEU A CD1 1 
ATOM   101  C  CD2 . LEU A 1 12 ? -14.897 -11.121 -4.343  1.00 63.96 ? 11  LEU A CD2 1 
ATOM   102  N  N   . GLN A 1 13 ? -9.927  -13.096 -3.964  1.00 52.15 ? 12  GLN A N   1 
ATOM   103  C  CA  . GLN A 1 13 ? -8.726  -13.897 -4.167  1.00 54.82 ? 12  GLN A CA  1 
ATOM   104  C  C   . GLN A 1 13 ? -8.538  -15.088 -3.205  1.00 55.03 ? 12  GLN A C   1 
ATOM   105  O  O   . GLN A 1 13 ? -8.007  -16.135 -3.584  1.00 59.05 ? 12  GLN A O   1 
ATOM   106  C  CB  . GLN A 1 13 ? -7.534  -12.939 -4.115  1.00 54.00 ? 12  GLN A CB  1 
ATOM   107  C  CG  . GLN A 1 13 ? -6.230  -13.683 -4.158  1.00 62.64 ? 12  GLN A CG  1 
ATOM   108  C  CD  . GLN A 1 13 ? -5.200  -13.077 -5.100  1.00 72.50 ? 12  GLN A CD  1 
ATOM   109  O  OE1 . GLN A 1 13 ? -5.303  -13.155 -6.339  1.00 71.55 ? 12  GLN A OE1 1 
ATOM   110  N  NE2 . GLN A 1 13 ? -4.185  -12.465 -4.488  1.00 68.47 ? 12  GLN A NE2 1 
ATOM   111  N  N   . ALA A 1 14 ? -8.968  -14.927 -1.959  1.00 53.70 ? 13  ALA A N   1 
ATOM   112  C  CA  . ALA A 1 14 ? -8.685  -15.937 -0.974  1.00 52.02 ? 13  ALA A CA  1 
ATOM   113  C  C   . ALA A 1 14 ? -9.549  -17.131 -1.313  1.00 52.30 ? 13  ALA A C   1 
ATOM   114  O  O   . ALA A 1 14 ? -9.049  -18.228 -1.138  1.00 53.06 ? 13  ALA A O   1 
ATOM   115  C  CB  . ALA A 1 14 ? -9.120  -15.430 0.396   1.00 54.87 ? 13  ALA A CB  1 
ATOM   116  N  N   . ILE A 1 15 ? -10.802 -16.909 -1.712  1.00 52.70 ? 14  ILE A N   1 
ATOM   117  C  CA  . ILE A 1 15 ? -11.785 -17.890 -2.162  1.00 53.16 ? 14  ILE A CA  1 
ATOM   118  C  C   . ILE A 1 15 ? -11.320 -18.547 -3.461  1.00 52.07 ? 14  ILE A C   1 
ATOM   119  O  O   . ILE A 1 15 ? -11.659 -19.707 -3.674  1.00 48.35 ? 14  ILE A O   1 
ATOM   120  C  CB  . ILE A 1 15 ? -13.121 -17.148 -2.396  1.00 54.85 ? 14  ILE A CB  1 
ATOM   121  C  CG1 . ILE A 1 15 ? -13.898 -17.072 -1.085  1.00 55.60 ? 14  ILE A CG1 1 
ATOM   122  C  CG2 . ILE A 1 15 ? -14.055 -17.782 -3.430  1.00 54.99 ? 14  ILE A CG2 1 
ATOM   123  C  CD1 . ILE A 1 15 ? -15.321 -16.663 -1.363  1.00 56.94 ? 14  ILE A CD1 1 
ATOM   124  N  N   . LYS A 1 16 ? -10.578 -17.866 -4.327  1.00 51.20 ? 15  LYS A N   1 
ATOM   125  C  CA  . LYS A 1 16 ? -10.133 -18.522 -5.551  1.00 51.33 ? 15  LYS A CA  1 
ATOM   126  C  C   . LYS A 1 16 ? -9.109  -19.623 -5.237  1.00 50.73 ? 15  LYS A C   1 
ATOM   127  O  O   . LYS A 1 16 ? -9.116  -20.757 -5.743  1.00 46.45 ? 15  LYS A O   1 
ATOM   128  C  CB  . LYS A 1 16 ? -9.401  -17.506 -6.419  1.00 52.17 ? 15  LYS A CB  1 
ATOM   129  C  CG  . LYS A 1 16 ? -8.452  -18.141 -7.428  1.00 54.30 ? 15  LYS A CG  1 
ATOM   130  C  CD  . LYS A 1 16 ? -9.168  -18.183 -8.778  1.00 64.00 ? 15  LYS A CD  1 
ATOM   131  C  CE  . LYS A 1 16 ? -8.120  -17.995 -9.869  1.00 70.09 ? 15  LYS A CE  1 
ATOM   132  N  NZ  . LYS A 1 16 ? -6.879  -18.829 -9.704  1.00 65.02 ? 15  LYS A NZ  1 
ATOM   133  N  N   . GLN A 1 17 ? -8.216  -19.196 -4.354  1.00 50.86 ? 16  GLN A N   1 
ATOM   134  C  CA  . GLN A 1 17 ? -7.112  -20.010 -3.898  1.00 52.92 ? 16  GLN A CA  1 
ATOM   135  C  C   . GLN A 1 17 ? -7.399  -21.138 -2.895  1.00 51.48 ? 16  GLN A C   1 
ATOM   136  O  O   . GLN A 1 17 ? -6.626  -22.088 -2.777  1.00 50.95 ? 16  GLN A O   1 
ATOM   137  C  CB  . GLN A 1 17 ? -6.027  -19.040 -3.410  1.00 52.80 ? 16  GLN A CB  1 
ATOM   138  C  CG  . GLN A 1 17 ? -4.812  -19.116 -4.343  1.00 56.10 ? 16  GLN A CG  1 
ATOM   139  C  CD  . GLN A 1 17 ? -3.709  -18.113 -4.046  1.00 65.68 ? 16  GLN A CD  1 
ATOM   140  O  OE1 . GLN A 1 17 ? -3.332  -17.315 -4.907  1.00 69.09 ? 16  GLN A OE1 1 
ATOM   141  N  NE2 . GLN A 1 17 ? -3.177  -18.153 -2.826  1.00 67.40 ? 16  GLN A NE2 1 
ATOM   142  N  N   . TYR A 1 18 ? -8.501  -21.022 -2.169  1.00 49.85 ? 17  TYR A N   1 
ATOM   143  C  CA  . TYR A 1 18 ? -8.895  -21.963 -1.144  1.00 50.48 ? 17  TYR A CA  1 
ATOM   144  C  C   . TYR A 1 18 ? -9.710  -23.039 -1.858  1.00 51.70 ? 17  TYR A C   1 
ATOM   145  O  O   . TYR A 1 18 ? -9.670  -24.236 -1.575  1.00 51.41 ? 17  TYR A O   1 
ATOM   146  C  CB  . TYR A 1 18 ? -9.739  -21.228 -0.101  1.00 48.65 ? 17  TYR A CB  1 
ATOM   147  C  CG  . TYR A 1 18 ? -9.054  -20.781 1.183   1.00 44.90 ? 17  TYR A CG  1 
ATOM   148  C  CD1 . TYR A 1 18 ? -9.081  -19.459 1.553   1.00 37.12 ? 17  TYR A CD1 1 
ATOM   149  C  CD2 . TYR A 1 18 ? -8.396  -21.658 2.025   1.00 41.74 ? 17  TYR A CD2 1 
ATOM   150  C  CE1 . TYR A 1 18 ? -8.480  -19.006 2.676   1.00 41.71 ? 17  TYR A CE1 1 
ATOM   151  C  CE2 . TYR A 1 18 ? -7.792  -21.198 3.170   1.00 39.79 ? 17  TYR A CE2 1 
ATOM   152  C  CZ  . TYR A 1 18 ? -7.834  -19.881 3.492   1.00 43.85 ? 17  TYR A CZ  1 
ATOM   153  O  OH  . TYR A 1 18 ? -7.243  -19.389 4.642   1.00 51.21 ? 17  TYR A OH  1 
ATOM   154  N  N   . ARG A 1 19 ? -10.491 -22.566 -2.808  1.00 52.15 ? 18  ARG A N   1 
ATOM   155  C  CA  . ARG A 1 19 ? -11.235 -23.438 -3.684  1.00 54.72 ? 18  ARG A CA  1 
ATOM   156  C  C   . ARG A 1 19 ? -10.298 -24.432 -4.363  1.00 54.09 ? 18  ARG A C   1 
ATOM   157  O  O   . ARG A 1 19 ? -10.599 -25.610 -4.529  1.00 54.30 ? 18  ARG A O   1 
ATOM   158  C  CB  . ARG A 1 19 ? -11.831 -22.536 -4.766  1.00 55.94 ? 18  ARG A CB  1 
ATOM   159  C  CG  . ARG A 1 19 ? -13.288 -22.841 -5.046  1.00 60.15 ? 18  ARG A CG  1 
ATOM   160  C  CD  . ARG A 1 19 ? -14.203 -22.107 -4.088  1.00 69.60 ? 18  ARG A CD  1 
ATOM   161  N  NE  . ARG A 1 19 ? -15.533 -21.978 -4.686  1.00 78.05 ? 18  ARG A NE  1 
ATOM   162  C  CZ  . ARG A 1 19 ? -16.664 -22.287 -4.068  1.00 79.76 ? 18  ARG A CZ  1 
ATOM   163  N  NH1 . ARG A 1 19 ? -16.618 -22.738 -2.822  1.00 80.99 ? 18  ARG A NH1 1 
ATOM   164  N  NH2 . ARG A 1 19 ? -17.838 -22.149 -4.675  1.00 82.81 ? 18  ARG A NH2 1 
ATOM   165  N  N   . GLU A 1 20 ? -9.146  -23.905 -4.755  1.00 53.80 ? 19  GLU A N   1 
ATOM   166  C  CA  . GLU A 1 20 ? -8.170  -24.594 -5.568  1.00 54.13 ? 19  GLU A CA  1 
ATOM   167  C  C   . GLU A 1 20 ? -7.386  -25.542 -4.672  1.00 54.02 ? 19  GLU A C   1 
ATOM   168  O  O   . GLU A 1 20 ? -6.983  -26.631 -5.123  1.00 54.15 ? 19  GLU A O   1 
ATOM   169  C  CB  . GLU A 1 20 ? -7.248  -23.561 -6.213  1.00 55.18 ? 19  GLU A CB  1 
ATOM   170  C  CG  . GLU A 1 20 ? -7.538  -23.314 -7.688  1.00 61.53 ? 19  GLU A CG  1 
ATOM   171  C  CD  . GLU A 1 20 ? -6.664  -22.205 -8.247  1.00 67.14 ? 19  GLU A CD  1 
ATOM   172  O  OE1 . GLU A 1 20 ? -5.456  -22.161 -7.884  1.00 67.62 ? 19  GLU A OE1 1 
ATOM   173  O  OE2 . GLU A 1 20 ? -7.244  -21.420 -9.040  1.00 65.28 ? 19  GLU A OE2 1 
ATOM   174  N  N   . ALA A 1 21 ? -7.229  -25.065 -3.438  1.00 51.45 ? 20  ALA A N   1 
ATOM   175  C  CA  . ALA A 1 21 ? -6.469  -25.675 -2.374  1.00 50.92 ? 20  ALA A CA  1 
ATOM   176  C  C   . ALA A 1 21 ? -7.299  -26.880 -1.985  1.00 49.85 ? 20  ALA A C   1 
ATOM   177  O  O   . ALA A 1 21 ? -6.787  -27.963 -1.755  1.00 50.91 ? 20  ALA A O   1 
ATOM   178  C  CB  . ALA A 1 21 ? -6.337  -24.710 -1.231  1.00 53.89 ? 20  ALA A CB  1 
ATOM   179  N  N   . LEU A 1 22 ? -8.602  -26.686 -1.963  1.00 49.19 ? 21  LEU A N   1 
ATOM   180  C  CA  . LEU A 1 22 ? -9.602  -27.711 -1.686  1.00 50.44 ? 21  LEU A CA  1 
ATOM   181  C  C   . LEU A 1 22 ? -9.764  -28.663 -2.885  1.00 53.05 ? 21  LEU A C   1 
ATOM   182  O  O   . LEU A 1 22 ? -10.244 -29.818 -2.909  1.00 54.38 ? 21  LEU A O   1 
ATOM   183  C  CB  . LEU A 1 22 ? -10.860 -26.916 -1.327  1.00 47.00 ? 21  LEU A CB  1 
ATOM   184  C  CG  . LEU A 1 22 ? -11.894 -27.361 -0.301  1.00 45.41 ? 21  LEU A CG  1 
ATOM   185  C  CD1 . LEU A 1 22 ? -13.210 -27.570 -1.069  1.00 36.90 ? 21  LEU A CD1 1 
ATOM   186  C  CD2 . LEU A 1 22 ? -11.369 -28.644 0.395   1.00 44.49 ? 21  LEU A CD2 1 
ATOM   187  N  N   . GLU A 1 23 ? -9.305  -28.141 -4.007  1.00 57.64 ? 22  GLU A N   1 
ATOM   188  C  CA  . GLU A 1 23 ? -9.440  -28.978 -5.194  1.00 59.77 ? 22  GLU A CA  1 
ATOM   189  C  C   . GLU A 1 23 ? -8.495  -30.170 -5.143  1.00 58.70 ? 22  GLU A C   1 
ATOM   190  O  O   . GLU A 1 23 ? -8.900  -31.268 -5.548  1.00 59.46 ? 22  GLU A O   1 
ATOM   191  C  CB  . GLU A 1 23 ? -9.172  -28.205 -6.482  1.00 59.08 ? 22  GLU A CB  1 
ATOM   192  C  CG  . GLU A 1 23 ? -9.869  -28.938 -7.611  1.00 63.09 ? 22  GLU A CG  1 
ATOM   193  C  CD  . GLU A 1 23 ? -10.540 -27.976 -8.575  1.00 70.78 ? 22  GLU A CD  1 
ATOM   194  O  OE1 . GLU A 1 23 ? -11.757 -27.750 -8.431  1.00 74.57 ? 22  GLU A OE1 1 
ATOM   195  O  OE2 . GLU A 1 23 ? -9.892  -27.431 -9.495  1.00 71.33 ? 22  GLU A OE2 1 
ATOM   196  N  N   . TYR A 1 24 ? -7.273  -29.920 -4.678  1.00 58.22 ? 23  TYR A N   1 
ATOM   197  C  CA  . TYR A 1 24 ? -6.286  -30.983 -4.641  1.00 57.55 ? 23  TYR A CA  1 
ATOM   198  C  C   . TYR A 1 24 ? -6.133  -31.592 -3.243  1.00 56.86 ? 23  TYR A C   1 
ATOM   199  O  O   . TYR A 1 24 ? -5.632  -32.721 -3.193  1.00 56.62 ? 23  TYR A O   1 
ATOM   200  C  CB  . TYR A 1 24 ? -4.851  -30.617 -5.059  1.00 59.97 ? 23  TYR A CB  1 
ATOM   201  C  CG  . TYR A 1 24 ? -4.337  -29.637 -6.122  1.00 63.13 ? 23  TYR A CG  1 
ATOM   202  C  CD1 . TYR A 1 24 ? -4.906  -28.381 -6.331  1.00 62.59 ? 23  TYR A CD1 1 
ATOM   203  C  CD2 . TYR A 1 24 ? -3.204  -29.966 -6.889  1.00 59.32 ? 23  TYR A CD2 1 
ATOM   204  C  CE1 . TYR A 1 24 ? -4.388  -27.496 -7.279  1.00 59.81 ? 23  TYR A CE1 1 
ATOM   205  C  CE2 . TYR A 1 24 ? -2.684  -29.106 -7.828  1.00 57.24 ? 23  TYR A CE2 1 
ATOM   206  C  CZ  . TYR A 1 24 ? -3.286  -27.867 -8.021  1.00 64.47 ? 23  TYR A CZ  1 
ATOM   207  O  OH  . TYR A 1 24 ? -2.808  -26.960 -8.945  1.00 71.57 ? 23  TYR A OH  1 
ATOM   208  N  N   . VAL A 1 25 ? -6.507  -30.974 -2.120  1.00 53.51 ? 24  VAL A N   1 
ATOM   209  C  CA  . VAL A 1 25 ? -6.142  -31.646 -0.873  1.00 52.90 ? 24  VAL A CA  1 
ATOM   210  C  C   . VAL A 1 25 ? -7.297  -32.015 0.046   1.00 53.20 ? 24  VAL A C   1 
ATOM   211  O  O   . VAL A 1 25 ? -7.031  -32.271 1.224   1.00 54.31 ? 24  VAL A O   1 
ATOM   212  C  CB  . VAL A 1 25 ? -5.104  -30.849 -0.084  1.00 51.78 ? 24  VAL A CB  1 
ATOM   213  C  CG1 . VAL A 1 25 ? -5.813  -29.951 0.897   1.00 57.31 ? 24  VAL A CG1 1 
ATOM   214  C  CG2 . VAL A 1 25 ? -4.159  -31.793 0.642   1.00 49.24 ? 24  VAL A CG2 1 
ATOM   215  N  N   . LYS A 1 26 ? -8.530  -32.074 -0.460  1.00 52.79 ? 25  LYS A N   1 
ATOM   216  C  CA  . LYS A 1 26 ? -9.741  -32.448 0.273   1.00 52.75 ? 25  LYS A CA  1 
ATOM   217  C  C   . LYS A 1 26 ? -9.456  -32.590 1.747   1.00 51.34 ? 25  LYS A C   1 
ATOM   218  O  O   . LYS A 1 26 ? -9.092  -33.660 2.216   1.00 56.52 ? 25  LYS A O   1 
ATOM   219  C  CB  . LYS A 1 26 ? -10.310 -33.752 -0.273  1.00 55.52 ? 25  LYS A CB  1 
ATOM   220  C  CG  . LYS A 1 26 ? -11.785 -34.026 0.095   1.00 62.14 ? 25  LYS A CG  1 
ATOM   221  C  CD  . LYS A 1 26 ? -12.741 -34.026 -1.098  1.00 68.61 ? 25  LYS A CD  1 
ATOM   222  C  CE  . LYS A 1 26 ? -14.190 -33.783 -0.647  1.00 74.98 ? 25  LYS A CE  1 
ATOM   223  N  NZ  . LYS A 1 26 ? -14.717 -32.412 -0.959  1.00 73.49 ? 25  LYS A NZ  1 
ATOM   224  N  N   . LEU A 1 27 ? -9.583  -31.496 2.475   1.00 46.37 ? 26  LEU A N   1 
ATOM   225  C  CA  . LEU A 1 27 ? -9.306  -31.363 3.888   1.00 43.06 ? 26  LEU A CA  1 
ATOM   226  C  C   . LEU A 1 27 ? -10.547 -30.626 4.363   1.00 39.33 ? 26  LEU A C   1 
ATOM   227  O  O   . LEU A 1 27 ? -10.752 -29.496 3.960   1.00 40.99 ? 26  LEU A O   1 
ATOM   228  C  CB  . LEU A 1 27 ? -8.094  -30.450 4.095   1.00 44.60 ? 26  LEU A CB  1 
ATOM   229  C  CG  . LEU A 1 27 ? -6.646  -30.930 3.932   1.00 45.82 ? 26  LEU A CG  1 
ATOM   230  C  CD1 . LEU A 1 27 ? -5.715  -29.868 4.507   1.00 51.55 ? 26  LEU A CD1 1 
ATOM   231  C  CD2 . LEU A 1 27 ? -6.377  -32.282 4.628   1.00 36.32 ? 26  LEU A CD2 1 
ATOM   232  N  N   . PRO A 1 28 ? -11.405 -31.209 5.193   1.00 36.37 ? 27  PRO A N   1 
ATOM   233  C  CA  . PRO A 1 28 ? -12.549 -30.444 5.710   1.00 35.13 ? 27  PRO A CA  1 
ATOM   234  C  C   . PRO A 1 28 ? -12.286 -29.027 6.256   1.00 35.66 ? 27  PRO A C   1 
ATOM   235  O  O   . PRO A 1 28 ? -13.028 -28.079 5.978   1.00 36.37 ? 27  PRO A O   1 
ATOM   236  C  CB  . PRO A 1 28 ? -13.279 -31.404 6.648   1.00 31.46 ? 27  PRO A CB  1 
ATOM   237  C  CG  . PRO A 1 28 ? -12.775 -32.736 6.114   1.00 28.97 ? 27  PRO A CG  1 
ATOM   238  C  CD  . PRO A 1 28 ? -11.350 -32.592 5.693   1.00 34.59 ? 27  PRO A CD  1 
ATOM   239  N  N   . VAL A 1 29 ? -11.202 -28.853 7.003   1.00 35.35 ? 28  VAL A N   1 
ATOM   240  C  CA  . VAL A 1 29 ? -10.913 -27.526 7.542   1.00 33.99 ? 28  VAL A CA  1 
ATOM   241  C  C   . VAL A 1 29 ? -10.975 -26.474 6.439   1.00 34.14 ? 28  VAL A C   1 
ATOM   242  O  O   . VAL A 1 29 ? -11.404 -25.350 6.695   1.00 31.73 ? 28  VAL A O   1 
ATOM   243  C  CB  . VAL A 1 29 ? -9.578  -27.513 8.352   1.00 33.33 ? 28  VAL A CB  1 
ATOM   244  C  CG1 . VAL A 1 29 ? -8.407  -27.635 7.407   1.00 37.14 ? 28  VAL A CG1 1 
ATOM   245  C  CG2 . VAL A 1 29 ? -9.286  -26.175 8.959   1.00 26.86 ? 28  VAL A CG2 1 
ATOM   246  N  N   . LEU A 1 30 ? -10.545 -26.864 5.243   1.00 35.23 ? 29  LEU A N   1 
ATOM   247  C  CA  . LEU A 1 30 ? -10.541 -25.987 4.088   1.00 34.68 ? 29  LEU A CA  1 
ATOM   248  C  C   . LEU A 1 30 ? -11.935 -25.641 3.543   1.00 34.46 ? 29  LEU A C   1 
ATOM   249  O  O   . LEU A 1 30 ? -12.193 -24.531 3.087   1.00 30.35 ? 29  LEU A O   1 
ATOM   250  C  CB  . LEU A 1 30 ? -9.598  -26.564 3.030   1.00 33.31 ? 29  LEU A CB  1 
ATOM   251  C  CG  . LEU A 1 30 ? -8.259  -25.819 2.902   1.00 36.16 ? 29  LEU A CG  1 
ATOM   252  C  CD1 . LEU A 1 30 ? -7.654  -25.434 4.219   1.00 28.39 ? 29  LEU A CD1 1 
ATOM   253  C  CD2 . LEU A 1 30 ? -7.227  -26.548 2.054   1.00 43.83 ? 29  LEU A CD2 1 
ATOM   254  N  N   . ALA A 1 31 ? -12.887 -26.560 3.581   1.00 36.23 ? 30  ALA A N   1 
ATOM   255  C  CA  . ALA A 1 31 ? -14.195 -26.223 3.053   1.00 37.78 ? 30  ALA A CA  1 
ATOM   256  C  C   . ALA A 1 31 ? -14.831 -25.240 3.992   1.00 40.25 ? 30  ALA A C   1 
ATOM   257  O  O   . ALA A 1 31 ? -15.741 -24.482 3.611   1.00 44.94 ? 30  ALA A O   1 
ATOM   258  C  CB  . ALA A 1 31 ? -15.177 -27.437 2.868   1.00 37.78 ? 30  ALA A CB  1 
ATOM   259  N  N   . LYS A 1 32 ? -14.360 -25.268 5.227   1.00 40.46 ? 31  LYS A N   1 
ATOM   260  C  CA  . LYS A 1 32 ? -14.986 -24.474 6.270   1.00 39.14 ? 31  LYS A CA  1 
ATOM   261  C  C   . LYS A 1 32 ? -14.385 -23.086 6.169   1.00 39.14 ? 31  LYS A C   1 
ATOM   262  O  O   . LYS A 1 32 ? -15.105 -22.089 6.254   1.00 38.95 ? 31  LYS A O   1 
ATOM   263  C  CB  . LYS A 1 32 ? -14.662 -25.016 7.648   1.00 42.40 ? 31  LYS A CB  1 
ATOM   264  C  CG  . LYS A 1 32 ? -15.676 -24.676 8.720   1.00 48.34 ? 31  LYS A CG  1 
ATOM   265  C  CD  . LYS A 1 32 ? -14.779 -24.464 9.954   1.00 60.23 ? 31  LYS A CD  1 
ATOM   266  C  CE  . LYS A 1 32 ? -15.523 -24.454 11.317  1.00 70.03 ? 31  LYS A CE  1 
ATOM   267  N  NZ  . LYS A 1 32 ? -14.982 -25.528 12.218  1.00 67.69 ? 31  LYS A NZ  1 
ATOM   268  N  N   . ILE A 1 33 ? -13.069 -23.009 5.992   1.00 37.12 ? 32  ILE A N   1 
ATOM   269  C  CA  . ILE A 1 33 ? -12.533 -21.674 5.815   1.00 33.85 ? 32  ILE A CA  1 
ATOM   270  C  C   . ILE A 1 33 ? -13.251 -20.954 4.657   1.00 34.77 ? 32  ILE A C   1 
ATOM   271  O  O   . ILE A 1 33 ? -13.616 -19.785 4.743   1.00 36.32 ? 32  ILE A O   1 
ATOM   272  C  CB  . ILE A 1 33 ? -11.062 -21.735 5.622   1.00 31.55 ? 32  ILE A CB  1 
ATOM   273  C  CG1 . ILE A 1 33 ? -10.442 -21.947 6.967   1.00 24.41 ? 32  ILE A CG1 1 
ATOM   274  C  CG2 . ILE A 1 33 ? -10.619 -20.327 5.210   1.00 25.45 ? 32  ILE A CG2 1 
ATOM   275  C  CD1 . ILE A 1 33 ? -8.865  -22.162 6.921   1.00 27.48 ? 32  ILE A CD1 1 
ATOM   276  N  N   . LEU A 1 34 ? -13.477 -21.679 3.575   1.00 35.94 ? 33  LEU A N   1 
ATOM   277  C  CA  . LEU A 1 34 ? -14.164 -21.280 2.369   1.00 37.60 ? 33  LEU A CA  1 
ATOM   278  C  C   . LEU A 1 34 ? -15.582 -20.796 2.648   1.00 36.68 ? 33  LEU A C   1 
ATOM   279  O  O   . LEU A 1 34 ? -16.110 -19.875 2.042   1.00 36.16 ? 33  LEU A O   1 
ATOM   280  C  CB  . LEU A 1 34 ? -14.306 -22.554 1.553   1.00 37.46 ? 33  LEU A CB  1 
ATOM   281  C  CG  . LEU A 1 34 ? -14.274 -22.503 0.021   1.00 46.25 ? 33  LEU A CG  1 
ATOM   282  C  CD1 . LEU A 1 34 ? -14.890 -23.708 -0.714  1.00 36.95 ? 33  LEU A CD1 1 
ATOM   283  C  CD2 . LEU A 1 34 ? -14.616 -21.126 -0.582  1.00 37.34 ? 33  LEU A CD2 1 
ATOM   284  N  N   . GLU A 1 35 ? -16.225 -21.447 3.599   1.00 39.50 ? 34  GLU A N   1 
ATOM   285  C  CA  . GLU A 1 35 ? -17.603 -21.117 3.991   1.00 38.87 ? 34  GLU A CA  1 
ATOM   286  C  C   . GLU A 1 35 ? -17.688 -19.686 4.502   1.00 37.33 ? 34  GLU A C   1 
ATOM   287  O  O   . GLU A 1 35 ? -18.575 -18.913 4.105   1.00 39.88 ? 34  GLU A O   1 
ATOM   288  C  CB  . GLU A 1 35 ? -18.141 -21.987 5.143   1.00 38.39 ? 34  GLU A CB  1 
ATOM   289  C  CG  . GLU A 1 35 ? -19.269 -22.974 4.865   1.00 52.74 ? 34  GLU A CG  1 
ATOM   290  C  CD  . GLU A 1 35 ? -20.010 -23.399 6.132   1.00 59.18 ? 34  GLU A CD  1 
ATOM   291  O  OE1 . GLU A 1 35 ? -21.060 -22.812 6.474   1.00 62.21 ? 34  GLU A OE1 1 
ATOM   292  O  OE2 . GLU A 1 35 ? -19.547 -24.340 6.811   1.00 58.35 ? 34  GLU A OE2 1 
ATOM   293  N  N   . ASP A 1 36 ? -16.761 -19.426 5.419   1.00 35.56 ? 35  ASP A N   1 
ATOM   294  C  CA  . ASP A 1 36 ? -16.528 -18.139 6.068   1.00 33.11 ? 35  ASP A CA  1 
ATOM   295  C  C   . ASP A 1 36 ? -16.131 -17.021 5.090   1.00 26.00 ? 35  ASP A C   1 
ATOM   296  O  O   . ASP A 1 36 ? -16.703 -15.954 5.084   1.00 25.29 ? 35  ASP A O   1 
ATOM   297  C  CB  . ASP A 1 36 ? -15.409 -18.213 7.112   1.00 28.61 ? 35  ASP A CB  1 
ATOM   298  C  CG  . ASP A 1 36 ? -15.777 -18.849 8.399   1.00 35.33 ? 35  ASP A CG  1 
ATOM   299  O  OD1 . ASP A 1 36 ? -16.941 -19.221 8.619   1.00 30.03 ? 35  ASP A OD1 1 
ATOM   300  O  OD2 . ASP A 1 36 ? -14.859 -18.999 9.230   1.00 39.46 ? 35  ASP A OD2 1 
ATOM   301  N  N   . GLU A 1 37 ? -15.118 -17.234 4.282   1.00 28.55 ? 36  GLU A N   1 
ATOM   302  C  CA  . GLU A 1 37 ? -14.798 -16.334 3.180   1.00 30.76 ? 36  GLU A CA  1 
ATOM   303  C  C   . GLU A 1 37 ? -16.020 -16.117 2.270   1.00 31.57 ? 36  GLU A C   1 
ATOM   304  O  O   . GLU A 1 37 ? -16.242 -15.077 1.661   1.00 29.52 ? 36  GLU A O   1 
ATOM   305  C  CB  . GLU A 1 37 ? -13.645 -17.006 2.423   1.00 26.73 ? 36  GLU A CB  1 
ATOM   306  C  CG  . GLU A 1 37 ? -12.413 -17.426 3.216   1.00 25.99 ? 36  GLU A CG  1 
ATOM   307  C  CD  . GLU A 1 37 ? -11.937 -16.409 4.232   1.00 31.58 ? 36  GLU A CD  1 
ATOM   308  O  OE1 . GLU A 1 37 ? -12.713 -15.436 4.449   1.00 27.81 ? 36  GLU A OE1 1 
ATOM   309  O  OE2 . GLU A 1 37 ? -10.779 -16.586 4.718   1.00 25.46 ? 36  GLU A OE2 1 
ATOM   310  N  N   . GLU A 1 38 ? -16.889 -17.116 2.128   1.00 36.04 ? 37  GLU A N   1 
ATOM   311  C  CA  . GLU A 1 38 ? -18.032 -16.804 1.278   1.00 37.33 ? 37  GLU A CA  1 
ATOM   312  C  C   . GLU A 1 38 ? -18.918 -15.783 1.965   1.00 39.53 ? 37  GLU A C   1 
ATOM   313  O  O   . GLU A 1 38 ? -19.541 -14.922 1.347   1.00 40.29 ? 37  GLU A O   1 
ATOM   314  C  CB  . GLU A 1 38 ? -18.722 -18.073 0.810   1.00 37.81 ? 37  GLU A CB  1 
ATOM   315  C  CG  . GLU A 1 38 ? -18.045 -18.715 -0.391  1.00 41.88 ? 37  GLU A CG  1 
ATOM   316  C  CD  . GLU A 1 38 ? -18.630 -20.125 -0.532  1.00 54.18 ? 37  GLU A CD  1 
ATOM   317  O  OE1 . GLU A 1 38 ? -19.691 -20.360 0.119   1.00 50.19 ? 37  GLU A OE1 1 
ATOM   318  O  OE2 . GLU A 1 38 ? -18.087 -21.011 -1.246  1.00 45.93 ? 37  GLU A OE2 1 
ATOM   319  N  N   . LYS A 1 39 ? -18.958 -15.878 3.295   1.00 41.77 ? 38  LYS A N   1 
ATOM   320  C  CA  . LYS A 1 39 ? -19.821 -15.000 4.090   1.00 38.09 ? 38  LYS A CA  1 
ATOM   321  C  C   . LYS A 1 39 ? -19.101 -13.686 4.168   1.00 37.02 ? 38  LYS A C   1 
ATOM   322  O  O   . LYS A 1 39 ? -19.732 -12.658 4.143   1.00 37.63 ? 38  LYS A O   1 
ATOM   323  C  CB  . LYS A 1 39 ? -20.024 -15.669 5.436   1.00 37.58 ? 38  LYS A CB  1 
ATOM   324  C  CG  . LYS A 1 39 ? -20.424 -14.727 6.503   1.00 33.72 ? 38  LYS A CG  1 
ATOM   325  C  CD  . LYS A 1 39 ? -20.245 -15.359 7.923   1.00 40.86 ? 38  LYS A CD  1 
ATOM   326  C  CE  . LYS A 1 39 ? -18.753 -15.484 8.410   1.00 29.35 ? 38  LYS A CE  1 
ATOM   327  N  NZ  . LYS A 1 39 ? -18.803 -15.786 9.849   1.00 40.18 ? 38  LYS A NZ  1 
ATOM   328  N  N   . HIS A 1 40 ? -17.770 -13.675 4.221   1.00 38.92 ? 39  HIS A N   1 
ATOM   329  C  CA  . HIS A 1 40 ? -17.077 -12.392 4.269   1.00 36.26 ? 39  HIS A CA  1 
ATOM   330  C  C   . HIS A 1 40 ? -17.468 -11.487 3.103   1.00 35.10 ? 39  HIS A C   1 
ATOM   331  O  O   . HIS A 1 40 ? -17.758 -10.302 3.224   1.00 34.16 ? 39  HIS A O   1 
ATOM   332  C  CB  . HIS A 1 40 ? -15.575 -12.495 4.550   1.00 32.37 ? 39  HIS A CB  1 
ATOM   333  C  CG  . HIS A 1 40 ? -15.301 -13.127 5.874   1.00 33.03 ? 39  HIS A CG  1 
ATOM   334  N  ND1 . HIS A 1 40 ? -14.039 -13.489 6.307   1.00 33.98 ? 39  HIS A ND1 1 
ATOM   335  C  CD2 . HIS A 1 40 ? -16.168 -13.486 6.851   1.00 36.19 ? 39  HIS A CD2 1 
ATOM   336  C  CE1 . HIS A 1 40 ? -14.155 -14.048 7.501   1.00 40.88 ? 39  HIS A CE1 1 
ATOM   337  N  NE2 . HIS A 1 40 ? -15.430 -14.053 7.863   1.00 32.81 ? 39  HIS A NE2 1 
ATOM   338  N  N   . ILE A 1 41 ? -17.424 -12.118 1.941   1.00 37.59 ? 40  ILE A N   1 
ATOM   339  C  CA  . ILE A 1 41 ? -17.875 -11.539 0.695   1.00 36.74 ? 40  ILE A CA  1 
ATOM   340  C  C   . ILE A 1 41 ? -19.312 -10.977 0.608   1.00 36.19 ? 40  ILE A C   1 
ATOM   341  O  O   . ILE A 1 41 ? -19.468 -9.836  0.209   1.00 33.55 ? 40  ILE A O   1 
ATOM   342  C  CB  . ILE A 1 41 ? -17.542 -12.614 -0.349  1.00 34.82 ? 40  ILE A CB  1 
ATOM   343  C  CG1 . ILE A 1 41 ? -16.032 -12.623 -0.520  1.00 35.66 ? 40  ILE A CG1 1 
ATOM   344  C  CG2 . ILE A 1 41 ? -18.051 -12.233 -1.706  1.00 31.56 ? 40  ILE A CG2 1 
ATOM   345  C  CD1 . ILE A 1 41 ? -15.486 -13.583 -1.609  1.00 38.17 ? 40  ILE A CD1 1 
ATOM   346  N  N   . GLU A 1 42 ? -20.342 -11.742 0.969   1.00 36.57 ? 41  GLU A N   1 
ATOM   347  C  CA  . GLU A 1 42 ? -21.688 -11.214 1.201   1.00 37.71 ? 41  GLU A CA  1 
ATOM   348  C  C   . GLU A 1 42 ? -21.634 -9.902  1.972   1.00 36.46 ? 41  GLU A C   1 
ATOM   349  O  O   . GLU A 1 42 ? -22.086 -8.920  1.397   1.00 40.18 ? 41  GLU A O   1 
ATOM   350  C  CB  . GLU A 1 42 ? -22.623 -12.187 1.963   1.00 34.69 ? 41  GLU A CB  1 
ATOM   351  C  CG  . GLU A 1 42 ? -23.621 -12.870 1.041   1.00 49.75 ? 41  GLU A CG  1 
ATOM   352  C  CD  . GLU A 1 42 ? -23.857 -14.374 1.188   1.00 57.97 ? 41  GLU A CD  1 
ATOM   353  O  OE1 . GLU A 1 42 ? -23.790 -14.961 2.286   1.00 69.18 ? 41  GLU A OE1 1 
ATOM   354  O  OE2 . GLU A 1 42 ? -24.131 -15.073 0.190   1.00 62.19 ? 41  GLU A OE2 1 
ATOM   355  N  N   . TRP A 1 43 ? -21.139 -9.904  3.216   1.00 34.37 ? 42  TRP A N   1 
ATOM   356  C  CA  . TRP A 1 43 ? -21.100 -8.833  4.168   1.00 31.70 ? 42  TRP A CA  1 
ATOM   357  C  C   . TRP A 1 43 ? -20.464 -7.541  3.704   1.00 38.77 ? 42  TRP A C   1 
ATOM   358  O  O   . TRP A 1 43 ? -20.895 -6.465  4.140   1.00 37.50 ? 42  TRP A O   1 
ATOM   359  C  CB  . TRP A 1 43 ? -20.319 -9.184  5.441   1.00 32.94 ? 42  TRP A CB  1 
ATOM   360  C  CG  . TRP A 1 43 ? -21.001 -10.186 6.234   1.00 27.45 ? 42  TRP A CG  1 
ATOM   361  C  CD1 . TRP A 1 43 ? -22.249 -10.587 6.023   1.00 29.07 ? 42  TRP A CD1 1 
ATOM   362  C  CD2 . TRP A 1 43 ? -20.472 -10.990 7.280   1.00 32.59 ? 42  TRP A CD2 1 
ATOM   363  N  NE1 . TRP A 1 43 ? -22.580 -11.567 6.919   1.00 32.23 ? 42  TRP A NE1 1 
ATOM   364  C  CE2 . TRP A 1 43 ? -21.497 -11.835 7.706   1.00 34.13 ? 42  TRP A CE2 1 
ATOM   365  C  CE3 . TRP A 1 43 ? -19.245 -11.040 7.943   1.00 38.10 ? 42  TRP A CE3 1 
ATOM   366  C  CZ2 . TRP A 1 43 ? -21.354 -12.734 8.761   1.00 38.00 ? 42  TRP A CZ2 1 
ATOM   367  C  CZ3 . TRP A 1 43 ? -19.099 -11.923 8.969   1.00 44.19 ? 42  TRP A CZ3 1 
ATOM   368  C  CH2 . TRP A 1 43 ? -20.144 -12.760 9.374   1.00 44.98 ? 42  TRP A CH2 1 
ATOM   369  N  N   . LEU A 1 44 ? -19.421 -7.660  2.879   1.00 41.89 ? 43  LEU A N   1 
ATOM   370  C  CA  . LEU A 1 44 ? -18.708 -6.513  2.343   1.00 40.51 ? 43  LEU A CA  1 
ATOM   371  C  C   . LEU A 1 44 ? -19.544 -6.025  1.156   1.00 43.30 ? 43  LEU A C   1 
ATOM   372  O  O   . LEU A 1 44 ? -19.729 -4.812  1.034   1.00 43.94 ? 43  LEU A O   1 
ATOM   373  C  CB  . LEU A 1 44 ? -17.290 -6.793  1.884   1.00 36.42 ? 43  LEU A CB  1 
ATOM   374  C  CG  . LEU A 1 44 ? -16.221 -7.122  2.912   1.00 37.77 ? 43  LEU A CG  1 
ATOM   375  C  CD1 . LEU A 1 44 ? -14.833 -7.287  2.323   1.00 32.88 ? 43  LEU A CD1 1 
ATOM   376  C  CD2 . LEU A 1 44 ? -16.237 -6.084  3.983   1.00 29.07 ? 43  LEU A CD2 1 
ATOM   377  N  N   . GLU A 1 45 ? -20.057 -6.890  0.285   1.00 42.29 ? 44  GLU A N   1 
ATOM   378  C  CA  . GLU A 1 45 ? -20.798 -6.349  -0.849  1.00 43.05 ? 44  GLU A CA  1 
ATOM   379  C  C   . GLU A 1 45 ? -22.116 -5.731  -0.380  1.00 45.38 ? 44  GLU A C   1 
ATOM   380  O  O   . GLU A 1 45 ? -22.698 -4.842  -0.988  1.00 42.97 ? 44  GLU A O   1 
ATOM   381  C  CB  . GLU A 1 45 ? -20.764 -7.269  -2.070  1.00 42.72 ? 44  GLU A CB  1 
ATOM   382  C  CG  . GLU A 1 45 ? -21.625 -8.500  -2.321  1.00 50.67 ? 44  GLU A CG  1 
ATOM   383  C  CD  . GLU A 1 45 ? -21.199 -8.935  -3.717  1.00 64.93 ? 44  GLU A CD  1 
ATOM   384  O  OE1 . GLU A 1 45 ? -20.278 -9.795  -3.834  1.00 56.65 ? 44  GLU A OE1 1 
ATOM   385  O  OE2 . GLU A 1 45 ? -21.784 -8.354  -4.679  1.00 70.86 ? 44  GLU A OE2 1 
ATOM   386  N  N   . THR A 1 46 ? -22.578 -6.189  0.782   1.00 45.71 ? 45  THR A N   1 
ATOM   387  C  CA  . THR A 1 46 ? -23.715 -5.564  1.424   1.00 43.87 ? 45  THR A CA  1 
ATOM   388  C  C   . THR A 1 46 ? -23.451 -4.156  1.917   1.00 43.50 ? 45  THR A C   1 
ATOM   389  O  O   . THR A 1 46 ? -24.339 -3.288  1.896   1.00 45.99 ? 45  THR A O   1 
ATOM   390  C  CB  . THR A 1 46 ? -24.251 -6.415  2.598   1.00 43.00 ? 45  THR A CB  1 
ATOM   391  O  OG1 . THR A 1 46 ? -24.860 -7.615  2.097   1.00 39.63 ? 45  THR A OG1 1 
ATOM   392  C  CG2 . THR A 1 46 ? -25.494 -5.753  3.221   1.00 47.32 ? 45  THR A CG2 1 
ATOM   393  N  N   . ILE A 1 47 ? -22.232 -3.914  2.360   1.00 42.40 ? 46  ILE A N   1 
ATOM   394  C  CA  . ILE A 1 47 ? -21.913 -2.665  3.000   1.00 42.67 ? 46  ILE A CA  1 
ATOM   395  C  C   . ILE A 1 47 ? -21.670 -1.725  1.842   1.00 44.95 ? 46  ILE A C   1 
ATOM   396  O  O   . ILE A 1 47 ? -21.875 -0.515  1.959   1.00 47.69 ? 46  ILE A O   1 
ATOM   397  C  CB  . ILE A 1 47 ? -20.617 -2.840  3.780   1.00 43.57 ? 46  ILE A CB  1 
ATOM   398  C  CG1 . ILE A 1 47 ? -21.007 -3.436  5.113   1.00 37.88 ? 46  ILE A CG1 1 
ATOM   399  C  CG2 . ILE A 1 47 ? -19.911 -1.535  4.177   1.00 49.53 ? 46  ILE A CG2 1 
ATOM   400  C  CD1 . ILE A 1 47 ? -19.655 -3.616  5.735   1.00 44.00 ? 46  ILE A CD1 1 
ATOM   401  N  N   . LEU A 1 48 ? -21.226 -2.294  0.733   1.00 45.53 ? 47  LEU A N   1 
ATOM   402  C  CA  . LEU A 1 48 ? -20.949 -1.518  -0.462  1.00 46.88 ? 47  LEU A CA  1 
ATOM   403  C  C   . LEU A 1 48 ? -22.273 -1.519  -1.221  1.00 48.97 ? 47  LEU A C   1 
ATOM   404  O  O   . LEU A 1 48 ? -23.386 -1.764  -0.744  1.00 48.86 ? 47  LEU A O   1 
ATOM   405  C  CB  . LEU A 1 48 ? -19.855 -2.210  -1.272  1.00 44.12 ? 47  LEU A CB  1 
ATOM   406  C  CG  . LEU A 1 48 ? -18.427 -2.335  -0.765  1.00 47.73 ? 47  LEU A CG  1 
ATOM   407  C  CD1 . LEU A 1 48 ? -17.512 -3.286  -1.496  1.00 49.44 ? 47  LEU A CD1 1 
ATOM   408  C  CD2 . LEU A 1 48 ? -17.687 -1.017  -0.645  1.00 54.17 ? 47  LEU A CD2 1 
ATOM   409  N  N   . GLY A 1 49 ? -22.154 -1.240  -2.506  1.00 50.80 ? 48  GLY A N   1 
ATOM   410  C  CA  . GLY A 1 49 ? -23.306 -1.374  -3.397  1.00 52.47 ? 48  GLY A CA  1 
ATOM   411  C  C   . GLY A 1 49 ? -24.521 -2.218  -3.046  1.00 52.94 ? 48  GLY A C   1 
ATOM   412  O  O   . GLY A 1 49 ? -25.532 -2.020  -3.701  1.00 56.25 ? 48  GLY A O   1 
HETATM 413  N  N   . NH2 A 1 50 ? -24.755 -3.199  -2.180  1.00 53.26 ? 49  NH2 A N   1 
HETATM 414  C  C   . ACE B 1 1  ? 19.160  -2.771  -9.528  1.00 53.29 ? 0   ACE B C   1 
HETATM 415  O  O   . ACE B 1 1  ? 18.122  -3.012  -10.176 1.00 55.46 ? 0   ACE B O   1 
HETATM 416  C  CH3 . ACE B 1 1  ? 20.308  -3.608  -10.004 1.00 54.75 ? 0   ACE B CH3 1 
ATOM   417  N  N   . ASP B 1 2  ? 19.531  -1.681  -8.843  1.00 50.53 ? 1   ASP B N   1 
ATOM   418  C  CA  . ASP B 1 2  ? 20.010  -1.239  -7.522  1.00 50.24 ? 1   ASP B CA  1 
ATOM   419  C  C   . ASP B 1 2  ? 19.369  0.088   -7.143  1.00 46.45 ? 1   ASP B C   1 
ATOM   420  O  O   . ASP B 1 2  ? 19.191  0.402   -5.932  1.00 49.46 ? 1   ASP B O   1 
ATOM   421  C  CB  . ASP B 1 2  ? 21.511  -1.107  -7.295  1.00 51.11 ? 1   ASP B CB  1 
ATOM   422  C  CG  . ASP B 1 2  ? 22.017  -2.116  -6.284  1.00 56.80 ? 1   ASP B CG  1 
ATOM   423  O  OD1 . ASP B 1 2  ? 22.371  -1.758  -5.114  1.00 66.34 ? 1   ASP B OD1 1 
ATOM   424  O  OD2 . ASP B 1 2  ? 22.040  -3.319  -6.640  1.00 60.81 ? 1   ASP B OD2 1 
ATOM   425  N  N   . TYR B 1 3  ? 18.957  0.723   -8.238  1.00 41.75 ? 2   TYR B N   1 
ATOM   426  C  CA  . TYR B 1 3  ? 18.137  1.923   -8.255  1.00 39.25 ? 2   TYR B CA  1 
ATOM   427  C  C   . TYR B 1 3  ? 16.813  1.678   -7.574  1.00 35.73 ? 2   TYR B C   1 
ATOM   428  O  O   . TYR B 1 3  ? 16.488  2.600   -6.853  1.00 34.82 ? 2   TYR B O   1 
ATOM   429  C  CB  . TYR B 1 3  ? 17.982  2.651   -9.614  1.00 42.31 ? 2   TYR B CB  1 
ATOM   430  C  CG  . TYR B 1 3  ? 17.359  1.882   -10.763 1.00 44.77 ? 2   TYR B CG  1 
ATOM   431  C  CD1 . TYR B 1 3  ? 16.021  2.070   -11.106 1.00 46.95 ? 2   TYR B CD1 1 
ATOM   432  C  CD2 . TYR B 1 3  ? 18.099  0.948   -11.485 1.00 40.05 ? 2   TYR B CD2 1 
ATOM   433  C  CE1 . TYR B 1 3  ? 15.440  1.352   -12.139 1.00 47.46 ? 2   TYR B CE1 1 
ATOM   434  C  CE2 . TYR B 1 3  ? 17.522  0.226   -12.516 1.00 44.96 ? 2   TYR B CE2 1 
ATOM   435  C  CZ  . TYR B 1 3  ? 16.195  0.435   -12.844 1.00 43.74 ? 2   TYR B CZ  1 
ATOM   436  O  OH  . TYR B 1 3  ? 15.617  -0.260  -13.882 1.00 46.35 ? 2   TYR B OH  1 
ATOM   437  N  N   . LEU B 1 4  ? 16.144  0.534   -7.751  1.00 35.10 ? 3   LEU B N   1 
ATOM   438  C  CA  . LEU B 1 4  ? 14.852  0.163   -7.166  1.00 35.40 ? 3   LEU B CA  1 
ATOM   439  C  C   . LEU B 1 4  ? 14.929  -0.249  -5.708  1.00 32.28 ? 3   LEU B C   1 
ATOM   440  O  O   . LEU B 1 4  ? 13.993  -0.009  -4.991  1.00 30.65 ? 3   LEU B O   1 
ATOM   441  C  CB  . LEU B 1 4  ? 14.171  -1.044  -7.824  1.00 39.38 ? 3   LEU B CB  1 
ATOM   442  C  CG  . LEU B 1 4  ? 13.366  -0.829  -9.107  1.00 41.05 ? 3   LEU B CG  1 
ATOM   443  C  CD1 . LEU B 1 4  ? 13.379  -2.092  -9.958  1.00 44.93 ? 3   LEU B CD1 1 
ATOM   444  C  CD2 . LEU B 1 4  ? 12.023  -0.158  -8.900  1.00 37.14 ? 3   LEU B CD2 1 
ATOM   445  N  N   . ARG B 1 5  ? 15.999  -0.896  -5.275  1.00 33.25 ? 4   ARG B N   1 
ATOM   446  C  CA  . ARG B 1 5  ? 16.396  -1.194  -3.920  1.00 31.99 ? 4   ARG B CA  1 
ATOM   447  C  C   . ARG B 1 5  ? 16.661  0.164   -3.250  1.00 29.53 ? 4   ARG B C   1 
ATOM   448  O  O   . ARG B 1 5  ? 16.314  0.393   -2.112  1.00 29.00 ? 4   ARG B O   1 
ATOM   449  C  CB  . ARG B 1 5  ? 17.685  -2.035  -4.027  1.00 32.71 ? 4   ARG B CB  1 
ATOM   450  C  CG  . ARG B 1 5  ? 17.754  -3.534  -3.961  1.00 38.13 ? 4   ARG B CG  1 
ATOM   451  C  CD  . ARG B 1 5  ? 19.210  -3.999  -4.163  1.00 43.57 ? 4   ARG B CD  1 
ATOM   452  N  NE  . ARG B 1 5  ? 19.626  -4.359  -5.531  1.00 53.69 ? 4   ARG B NE  1 
ATOM   453  C  CZ  . ARG B 1 5  ? 19.258  -5.534  -6.018  1.00 56.15 ? 4   ARG B CZ  1 
ATOM   454  N  NH1 . ARG B 1 5  ? 18.535  -6.325  -5.241  1.00 66.98 ? 4   ARG B NH1 1 
ATOM   455  N  NH2 . ARG B 1 5  ? 19.537  -5.992  -7.219  1.00 62.09 ? 4   ARG B NH2 1 
ATOM   456  N  N   . GLU B 1 6  ? 17.263  1.177   -3.850  1.00 29.13 ? 5   GLU B N   1 
ATOM   457  C  CA  . GLU B 1 6  ? 17.283  2.469   -3.157  1.00 29.06 ? 5   GLU B CA  1 
ATOM   458  C  C   . GLU B 1 6  ? 15.932  3.129   -2.986  1.00 26.12 ? 5   GLU B C   1 
ATOM   459  O  O   . GLU B 1 6  ? 15.660  3.701   -1.960  1.00 30.88 ? 5   GLU B O   1 
ATOM   460  C  CB  . GLU B 1 6  ? 18.106  3.539   -3.830  1.00 28.54 ? 5   GLU B CB  1 
ATOM   461  C  CG  . GLU B 1 6  ? 19.587  3.183   -3.966  1.00 40.16 ? 5   GLU B CG  1 
ATOM   462  C  CD  . GLU B 1 6  ? 20.238  3.088   -2.600  1.00 44.19 ? 5   GLU B CD  1 
ATOM   463  O  OE1 . GLU B 1 6  ? 19.848  3.924   -1.749  1.00 33.47 ? 5   GLU B OE1 1 
ATOM   464  O  OE2 . GLU B 1 6  ? 21.040  2.164   -2.320  1.00 35.28 ? 5   GLU B OE2 1 
ATOM   465  N  N   . LEU B 1 7  ? 15.053  3.044   -3.965  1.00 24.55 ? 6   LEU B N   1 
ATOM   466  C  CA  . LEU B 1 7  ? 13.692  3.538   -3.835  1.00 23.20 ? 6   LEU B CA  1 
ATOM   467  C  C   . LEU B 1 7  ? 12.902  2.852   -2.682  1.00 23.97 ? 6   LEU B C   1 
ATOM   468  O  O   . LEU B 1 7  ? 12.092  3.465   -1.921  1.00 22.82 ? 6   LEU B O   1 
ATOM   469  C  CB  . LEU B 1 7  ? 13.060  3.253   -5.204  1.00 24.01 ? 6   LEU B CB  1 
ATOM   470  C  CG  . LEU B 1 7  ? 12.755  4.269   -6.287  1.00 25.18 ? 6   LEU B CG  1 
ATOM   471  C  CD1 . LEU B 1 7  ? 13.262  5.684   -6.028  1.00 29.14 ? 6   LEU B CD1 1 
ATOM   472  C  CD2 . LEU B 1 7  ? 13.171  3.807   -7.662  1.00 20.46 ? 6   LEU B CD2 1 
ATOM   473  N  N   . LEU B 1 8  ? 13.155  1.554   -2.606  1.00 22.81 ? 7   LEU B N   1 
ATOM   474  C  CA  . LEU B 1 8  ? 12.639  0.751   -1.511  1.00 25.51 ? 7   LEU B CA  1 
ATOM   475  C  C   . LEU B 1 8  ? 13.254  1.126   -0.162  1.00 25.06 ? 7   LEU B C   1 
ATOM   476  O  O   . LEU B 1 8  ? 12.519  1.211   0.819   1.00 25.38 ? 7   LEU B O   1 
ATOM   477  C  CB  . LEU B 1 8  ? 12.916  -0.713  -1.873  1.00 26.57 ? 7   LEU B CB  1 
ATOM   478  C  CG  . LEU B 1 8  ? 12.178  -1.791  -1.057  1.00 32.34 ? 7   LEU B CG  1 
ATOM   479  C  CD1 . LEU B 1 8  ? 12.129  -3.124  -1.797  1.00 33.03 ? 7   LEU B CD1 1 
ATOM   480  C  CD2 . LEU B 1 8  ? 12.894  -1.996  0.263   1.00 34.79 ? 7   LEU B CD2 1 
ATOM   481  N  N   . LYS B 1 9  ? 14.567  1.355   -0.031  1.00 26.33 ? 8   LYS B N   1 
ATOM   482  C  CA  . LYS B 1 9  ? 15.125  1.870   1.212   1.00 21.22 ? 8   LYS B CA  1 
ATOM   483  C  C   . LYS B 1 9  ? 14.510  3.218   1.576   1.00 24.98 ? 8   LYS B C   1 
ATOM   484  O  O   . LYS B 1 9  ? 14.372  3.397   2.804   1.00 29.84 ? 8   LYS B O   1 
ATOM   485  C  CB  . LYS B 1 9  ? 16.646  1.999   1.104   1.00 23.54 ? 8   LYS B CB  1 
ATOM   486  C  CG  . LYS B 1 9  ? 17.330  0.785   0.499   1.00 25.27 ? 8   LYS B CG  1 
ATOM   487  C  CD  . LYS B 1 9  ? 18.753  1.107   0.072   1.00 36.83 ? 8   LYS B CD  1 
ATOM   488  C  CE  . LYS B 1 9  ? 19.449  -0.117  -0.498  1.00 45.52 ? 8   LYS B CE  1 
ATOM   489  N  NZ  . LYS B 1 9  ? 19.873  -1.062  0.573   1.00 34.63 ? 8   LYS B NZ  1 
ATOM   490  N  N   . LEU B 1 10 ? 14.164  4.121   0.649   1.00 22.11 ? 9   LEU B N   1 
ATOM   491  C  CA  . LEU B 1 10 ? 13.433  5.361   0.897   1.00 21.90 ? 9   LEU B CA  1 
ATOM   492  C  C   . LEU B 1 10 ? 12.016  5.119   1.273   1.00 21.47 ? 9   LEU B C   1 
ATOM   493  O  O   . LEU B 1 10 ? 11.465  5.895   2.003   1.00 29.11 ? 9   LEU B O   1 
ATOM   494  C  CB  . LEU B 1 10 ? 13.316  6.414   -0.199  1.00 22.28 ? 9   LEU B CB  1 
ATOM   495  C  CG  . LEU B 1 10 ? 14.512  6.777   -1.115  1.00 26.10 ? 9   LEU B CG  1 
ATOM   496  C  CD1 . LEU B 1 10 ? 13.975  7.683   -2.147  1.00 26.93 ? 9   LEU B CD1 1 
ATOM   497  C  CD2 . LEU B 1 10 ? 15.386  7.593   -0.160  1.00 11.77 ? 9   LEU B CD2 1 
ATOM   498  N  N   . GLU B 1 11 ? 11.355  4.053   0.924   1.00 21.55 ? 10  GLU B N   1 
ATOM   499  C  CA  . GLU B 1 11 ? 10.059  3.853   1.561   1.00 23.02 ? 10  GLU B CA  1 
ATOM   500  C  C   . GLU B 1 11 ? 10.036  3.265   2.980   1.00 23.42 ? 10  GLU B C   1 
ATOM   501  O  O   . GLU B 1 11 ? 9.044   3.507   3.655   1.00 22.41 ? 10  GLU B O   1 
ATOM   502  C  CB  . GLU B 1 11 ? 9.297   2.831   0.705   1.00 25.66 ? 10  GLU B CB  1 
ATOM   503  C  CG  . GLU B 1 11 ? 8.960   3.154   -0.742  1.00 17.54 ? 10  GLU B CG  1 
ATOM   504  C  CD  . GLU B 1 11 ? 7.962   4.279   -0.960  1.00 27.65 ? 10  GLU B CD  1 
ATOM   505  O  OE1 . GLU B 1 11 ? 7.068   4.807   -0.263  1.00 28.63 ? 10  GLU B OE1 1 
ATOM   506  O  OE2 . GLU B 1 11 ? 8.088   4.750   -2.076  1.00 32.47 ? 10  GLU B OE2 1 
ATOM   507  N  N   . LEU B 1 12 ? 11.027  2.439   3.363   1.00 25.49 ? 11  LEU B N   1 
ATOM   508  C  CA  . LEU B 1 12 ? 11.182  1.906   4.701   1.00 24.61 ? 11  LEU B CA  1 
ATOM   509  C  C   . LEU B 1 12 ? 11.521  2.997   5.713   1.00 25.45 ? 11  LEU B C   1 
ATOM   510  O  O   . LEU B 1 12 ? 10.992  2.943   6.819   1.00 25.77 ? 11  LEU B O   1 
ATOM   511  C  CB  . LEU B 1 12 ? 12.261  0.790   4.822   1.00 23.13 ? 11  LEU B CB  1 
ATOM   512  C  CG  . LEU B 1 12 ? 11.916  -0.524  4.129   1.00 22.00 ? 11  LEU B CG  1 
ATOM   513  C  CD1 . LEU B 1 12 ? 13.211  -1.339  3.937   1.00 27.84 ? 11  LEU B CD1 1 
ATOM   514  C  CD2 . LEU B 1 12 ? 10.781  -1.171  4.873   1.00 26.82 ? 11  LEU B CD2 1 
ATOM   515  N  N   . GLN B 1 13 ? 12.430  3.899   5.341   1.00 22.26 ? 12  GLN B N   1 
ATOM   516  C  CA  . GLN B 1 13 ? 12.594  5.119   6.087   1.00 26.06 ? 12  GLN B CA  1 
ATOM   517  C  C   . GLN B 1 13 ? 11.325  5.946   6.343   1.00 28.96 ? 12  GLN B C   1 
ATOM   518  O  O   . GLN B 1 13 ? 11.145  6.435   7.450   1.00 29.83 ? 12  GLN B O   1 
ATOM   519  C  CB  . GLN B 1 13 ? 13.552  5.978   5.269   1.00 24.76 ? 12  GLN B CB  1 
ATOM   520  C  CG  . GLN B 1 13 ? 14.018  7.138   6.106   1.00 25.87 ? 12  GLN B CG  1 
ATOM   521  C  CD  . GLN B 1 13 ? 14.800  8.182   5.367   1.00 34.39 ? 12  GLN B CD  1 
ATOM   522  O  OE1 . GLN B 1 13 ? 15.073  8.179   4.164   1.00 35.68 ? 12  GLN B OE1 1 
ATOM   523  N  NE2 . GLN B 1 13 ? 15.126  9.190   6.143   1.00 55.63 ? 12  GLN B NE2 1 
ATOM   524  N  N   . ALA B 1 14 ? 10.468  6.121   5.328   1.00 30.92 ? 13  ALA B N   1 
ATOM   525  C  CA  . ALA B 1 14 ? 9.255   6.889   5.482   1.00 30.81 ? 13  ALA B CA  1 
ATOM   526  C  C   . ALA B 1 14 ? 8.316   6.146   6.398   1.00 31.43 ? 13  ALA B C   1 
ATOM   527  O  O   . ALA B 1 14 ? 7.782   6.832   7.247   1.00 34.92 ? 13  ALA B O   1 
ATOM   528  C  CB  . ALA B 1 14 ? 8.538   7.220   4.114   1.00 30.14 ? 13  ALA B CB  1 
ATOM   529  N  N   . ILE B 1 15 ? 8.132   4.836   6.231   1.00 31.78 ? 14  ILE B N   1 
ATOM   530  C  CA  . ILE B 1 15 ? 7.185   4.064   6.990   1.00 31.54 ? 14  ILE B CA  1 
ATOM   531  C  C   . ILE B 1 15 ? 7.645   4.233   8.431   1.00 32.60 ? 14  ILE B C   1 
ATOM   532  O  O   . ILE B 1 15 ? 6.869   4.448   9.346   1.00 35.40 ? 14  ILE B O   1 
ATOM   533  C  CB  . ILE B 1 15 ? 7.376   2.666   6.440   1.00 32.79 ? 14  ILE B CB  1 
ATOM   534  C  CG1 . ILE B 1 15 ? 6.527   2.509   5.162   1.00 39.20 ? 14  ILE B CG1 1 
ATOM   535  C  CG2 . ILE B 1 15 ? 6.818   1.606   7.322   1.00 35.24 ? 14  ILE B CG2 1 
ATOM   536  C  CD1 . ILE B 1 15 ? 6.863   1.262   4.408   1.00 36.02 ? 14  ILE B CD1 1 
ATOM   537  N  N   . LYS B 1 16 ? 8.949   4.150   8.663   1.00 31.68 ? 15  LYS B N   1 
ATOM   538  C  CA  . LYS B 1 16 ? 9.464   4.468   9.970   1.00 31.03 ? 15  LYS B CA  1 
ATOM   539  C  C   . LYS B 1 16 ? 9.007   5.802   10.612  1.00 28.74 ? 15  LYS B C   1 
ATOM   540  O  O   . LYS B 1 16 ? 8.414   5.913   11.696  1.00 25.79 ? 15  LYS B O   1 
ATOM   541  C  CB  . LYS B 1 16 ? 11.001  4.372   9.953   1.00 30.80 ? 15  LYS B CB  1 
ATOM   542  C  CG  . LYS B 1 16 ? 11.423  3.932   11.335  1.00 27.30 ? 15  LYS B CG  1 
ATOM   543  C  CD  . LYS B 1 16 ? 12.899  3.715   11.570  1.00 40.61 ? 15  LYS B CD  1 
ATOM   544  C  CE  . LYS B 1 16 ? 13.709  4.830   10.967  1.00 44.96 ? 15  LYS B CE  1 
ATOM   545  N  NZ  . LYS B 1 16 ? 14.168  5.769   12.024  1.00 46.18 ? 15  LYS B NZ  1 
ATOM   546  N  N   . GLN B 1 17 ? 9.361   6.841   9.883   1.00 28.62 ? 16  GLN B N   1 
ATOM   547  C  CA  . GLN B 1 17 ? 9.093   8.229   10.208  1.00 29.97 ? 16  GLN B CA  1 
ATOM   548  C  C   . GLN B 1 17 ? 7.629   8.527   10.211  1.00 30.15 ? 16  GLN B C   1 
ATOM   549  O  O   . GLN B 1 17 ? 7.167   9.263   11.096  1.00 30.44 ? 16  GLN B O   1 
ATOM   550  C  CB  . GLN B 1 17 ? 9.767   9.224   9.265   1.00 30.11 ? 16  GLN B CB  1 
ATOM   551  C  CG  . GLN B 1 17 ? 11.274  9.089   9.346   1.00 35.80 ? 16  GLN B CG  1 
ATOM   552  C  CD  . GLN B 1 17 ? 11.961  10.237  8.633   1.00 55.58 ? 16  GLN B CD  1 
ATOM   553  O  OE1 . GLN B 1 17 ? 13.162  10.128  8.376   1.00 66.97 ? 16  GLN B OE1 1 
ATOM   554  N  NE2 . GLN B 1 17 ? 11.239  11.329  8.328   1.00 59.99 ? 16  GLN B NE2 1 
ATOM   555  N  N   . TYR B 1 18 ? 6.912   7.953   9.246   1.00 28.36 ? 17  TYR B N   1 
ATOM   556  C  CA  . TYR B 1 18 ? 5.465   8.160   9.360   1.00 25.77 ? 17  TYR B CA  1 
ATOM   557  C  C   . TYR B 1 18 ? 4.830   7.433   10.545  1.00 31.06 ? 17  TYR B C   1 
ATOM   558  O  O   . TYR B 1 18 ? 3.946   7.933   11.219  1.00 34.48 ? 17  TYR B O   1 
ATOM   559  C  CB  . TYR B 1 18 ? 4.717   7.837   8.072   1.00 22.85 ? 17  TYR B CB  1 
ATOM   560  C  CG  . TYR B 1 18 ? 4.778   8.894   7.006   1.00 23.64 ? 17  TYR B CG  1 
ATOM   561  C  CD1 . TYR B 1 18 ? 5.377   8.602   5.797   1.00 17.38 ? 17  TYR B CD1 1 
ATOM   562  C  CD2 . TYR B 1 18 ? 4.226   10.183  7.209   1.00 24.83 ? 17  TYR B CD2 1 
ATOM   563  C  CE1 . TYR B 1 18 ? 5.425   9.605   4.802   1.00 24.33 ? 17  TYR B CE1 1 
ATOM   564  C  CE2 . TYR B 1 18 ? 4.253   11.199  6.185   1.00 26.02 ? 17  TYR B CE2 1 
ATOM   565  C  CZ  . TYR B 1 18 ? 4.855   10.869  4.981   1.00 22.42 ? 17  TYR B CZ  1 
ATOM   566  O  OH  . TYR B 1 18 ? 4.963   11.725  3.909   1.00 27.39 ? 17  TYR B OH  1 
ATOM   567  N  N   . ARG B 1 19 ? 5.216   6.217   10.892  1.00 36.34 ? 18  ARG B N   1 
ATOM   568  C  CA  . ARG B 1 19 ? 4.648   5.632   12.112  1.00 38.74 ? 18  ARG B CA  1 
ATOM   569  C  C   . ARG B 1 19 ? 4.983   6.450   13.349  1.00 39.93 ? 18  ARG B C   1 
ATOM   570  O  O   . ARG B 1 19 ? 4.154   6.581   14.239  1.00 40.56 ? 18  ARG B O   1 
ATOM   571  C  CB  . ARG B 1 19 ? 5.127   4.206   12.378  1.00 38.94 ? 18  ARG B CB  1 
ATOM   572  C  CG  . ARG B 1 19 ? 4.377   3.154   11.613  1.00 43.16 ? 18  ARG B CG  1 
ATOM   573  C  CD  . ARG B 1 19 ? 5.067   1.803   11.437  1.00 53.82 ? 18  ARG B CD  1 
ATOM   574  N  NE  . ARG B 1 19 ? 4.448   0.922   10.439  1.00 54.56 ? 18  ARG B NE  1 
ATOM   575  C  CZ  . ARG B 1 19 ? 3.276   0.314   10.585  1.00 57.05 ? 18  ARG B CZ  1 
ATOM   576  N  NH1 . ARG B 1 19 ? 2.564   0.457   11.684  1.00 57.75 ? 18  ARG B NH1 1 
ATOM   577  N  NH2 . ARG B 1 19 ? 2.796   -0.466  9.635   1.00 66.08 ? 18  ARG B NH2 1 
ATOM   578  N  N   . GLU B 1 20 ? 6.203   6.978   13.432  1.00 41.40 ? 19  GLU B N   1 
ATOM   579  C  CA  . GLU B 1 20 ? 6.552   7.835   14.551  1.00 39.98 ? 19  GLU B CA  1 
ATOM   580  C  C   . GLU B 1 20 ? 5.628   9.078   14.524  1.00 42.52 ? 19  GLU B C   1 
ATOM   581  O  O   . GLU B 1 20 ? 5.047   9.465   15.528  1.00 41.35 ? 19  GLU B O   1 
ATOM   582  C  CB  . GLU B 1 20 ? 8.082   8.030   14.597  1.00 42.83 ? 19  GLU B CB  1 
ATOM   583  C  CG  . GLU B 1 20 ? 8.835   6.822   15.156  1.00 43.95 ? 19  GLU B CG  1 
ATOM   584  C  CD  . GLU B 1 20 ? 10.358  6.719   14.988  1.00 55.63 ? 19  GLU B CD  1 
ATOM   585  O  OE1 . GLU B 1 20 ? 10.992  7.769   14.692  1.00 58.35 ? 19  GLU B OE1 1 
ATOM   586  O  OE2 . GLU B 1 20 ? 10.932  5.589   15.169  1.00 46.82 ? 19  GLU B OE2 1 
ATOM   587  N  N   . ALA B 1 21 ? 5.429   9.754   13.392  1.00 42.75 ? 20  ALA B N   1 
ATOM   588  C  CA  . ALA B 1 21 ? 4.537   10.907  13.310  1.00 41.97 ? 20  ALA B CA  1 
ATOM   589  C  C   . ALA B 1 21 ? 3.138   10.450  13.709  1.00 43.33 ? 20  ALA B C   1 
ATOM   590  O  O   . ALA B 1 21 ? 2.417   11.030  14.523  1.00 41.90 ? 20  ALA B O   1 
ATOM   591  C  CB  . ALA B 1 21 ? 4.473   11.442  11.907  1.00 42.54 ? 20  ALA B CB  1 
ATOM   592  N  N   . LEU B 1 22 ? 2.716   9.326   13.171  1.00 42.60 ? 21  LEU B N   1 
ATOM   593  C  CA  . LEU B 1 22 ? 1.373   8.966   13.583  1.00 45.33 ? 21  LEU B CA  1 
ATOM   594  C  C   . LEU B 1 22 ? 1.148   8.786   15.070  1.00 48.00 ? 21  LEU B C   1 
ATOM   595  O  O   . LEU B 1 22 ? 0.084   9.127   15.557  1.00 50.06 ? 21  LEU B O   1 
ATOM   596  C  CB  . LEU B 1 22 ? 0.983   7.624   12.987  1.00 43.85 ? 21  LEU B CB  1 
ATOM   597  C  CG  . LEU B 1 22 ? -0.266  7.775   12.150  1.00 40.53 ? 21  LEU B CG  1 
ATOM   598  C  CD1 . LEU B 1 22 ? -0.535  6.290   12.107  1.00 38.31 ? 21  LEU B CD1 1 
ATOM   599  C  CD2 . LEU B 1 22 ? -1.486  8.787   12.273  1.00 29.06 ? 21  LEU B CD2 1 
ATOM   600  N  N   . GLU B 1 23 ? 2.134   8.238   15.768  1.00 53.18 ? 22  GLU B N   1 
ATOM   601  C  CA  . GLU B 1 23 ? 2.157   7.844   17.173  1.00 55.87 ? 22  GLU B CA  1 
ATOM   602  C  C   . GLU B 1 23 ? 1.895   9.067   18.041  1.00 58.60 ? 22  GLU B C   1 
ATOM   603  O  O   . GLU B 1 23 ? 1.054   8.957   18.939  1.00 58.03 ? 22  GLU B O   1 
ATOM   604  C  CB  . GLU B 1 23 ? 3.558   7.299   17.475  1.00 56.86 ? 22  GLU B CB  1 
ATOM   605  C  CG  . GLU B 1 23 ? 3.725   6.069   18.361  1.00 60.90 ? 22  GLU B CG  1 
ATOM   606  C  CD  . GLU B 1 23 ? 4.897   5.185   17.947  1.00 62.99 ? 22  GLU B CD  1 
ATOM   607  O  OE1 . GLU B 1 23 ? 4.635   4.206   17.220  1.00 59.70 ? 22  GLU B OE1 1 
ATOM   608  O  OE2 . GLU B 1 23 ? 6.067   5.441   18.327  1.00 62.72 ? 22  GLU B OE2 1 
ATOM   609  N  N   . TYR B 1 24 ? 2.613   10.155  17.748  1.00 60.62 ? 23  TYR B N   1 
ATOM   610  C  CA  . TYR B 1 24 ? 2.607   11.418  18.489  1.00 66.12 ? 23  TYR B CA  1 
ATOM   611  C  C   . TYR B 1 24 ? 1.513   12.446  18.147  1.00 65.49 ? 23  TYR B C   1 
ATOM   612  O  O   . TYR B 1 24 ? 1.346   13.470  18.813  1.00 67.17 ? 23  TYR B O   1 
ATOM   613  C  CB  . TYR B 1 24 ? 3.880   12.252  18.249  1.00 68.17 ? 23  TYR B CB  1 
ATOM   614  C  CG  . TYR B 1 24 ? 5.297   11.832  18.619  1.00 77.51 ? 23  TYR B CG  1 
ATOM   615  C  CD1 . TYR B 1 24 ? 6.009   10.915  17.848  1.00 85.90 ? 23  TYR B CD1 1 
ATOM   616  C  CD2 . TYR B 1 24 ? 5.951   12.382  19.722  1.00 84.64 ? 23  TYR B CD2 1 
ATOM   617  C  CE1 . TYR B 1 24 ? 7.310   10.542  18.172  1.00 88.03 ? 23  TYR B CE1 1 
ATOM   618  C  CE2 . TYR B 1 24 ? 7.251   12.019  20.057  1.00 87.05 ? 23  TYR B CE2 1 
ATOM   619  C  CZ  . TYR B 1 24 ? 7.923   11.104  19.277  1.00 89.51 ? 23  TYR B CZ  1 
ATOM   620  O  OH  . TYR B 1 24 ? 9.209   10.761  19.622  1.00 93.65 ? 23  TYR B OH  1 
ATOM   621  N  N   . VAL B 1 25 ? 0.753   12.255  17.081  1.00 64.28 ? 24  VAL B N   1 
ATOM   622  C  CA  . VAL B 1 25 ? -0.130  13.361  16.754  1.00 62.55 ? 24  VAL B CA  1 
ATOM   623  C  C   . VAL B 1 25 ? -1.441  12.749  16.255  1.00 60.60 ? 24  VAL B C   1 
ATOM   624  O  O   . VAL B 1 25 ? -2.460  13.433  16.163  1.00 62.02 ? 24  VAL B O   1 
ATOM   625  C  CB  . VAL B 1 25 ? 0.444   14.247  15.613  1.00 62.80 ? 24  VAL B CB  1 
ATOM   626  C  CG1 . VAL B 1 25 ? 0.235   15.710  15.933  1.00 63.77 ? 24  VAL B CG1 1 
ATOM   627  C  CG2 . VAL B 1 25 ? 1.940   14.038  15.323  1.00 63.80 ? 24  VAL B CG2 1 
ATOM   628  N  N   . LYS B 1 26 ? -1.416  11.462  15.925  1.00 54.05 ? 25  LYS B N   1 
ATOM   629  C  CA  . LYS B 1 26 ? -2.658  10.809  15.518  1.00 53.96 ? 25  LYS B CA  1 
ATOM   630  C  C   . LYS B 1 26 ? -3.610  11.401  14.470  1.00 51.60 ? 25  LYS B C   1 
ATOM   631  O  O   . LYS B 1 26 ? -4.779  11.398  14.835  1.00 53.07 ? 25  LYS B O   1 
ATOM   632  C  CB  . LYS B 1 26 ? -3.491  10.586  16.790  1.00 55.01 ? 25  LYS B CB  1 
ATOM   633  C  CG  . LYS B 1 26 ? -4.267  11.810  17.315  1.00 62.85 ? 25  LYS B CG  1 
ATOM   634  C  CD  . LYS B 1 26 ? -5.256  11.530  18.447  1.00 69.69 ? 25  LYS B CD  1 
ATOM   635  C  CE  . LYS B 1 26 ? -6.636  12.135  18.201  1.00 71.27 ? 25  LYS B CE  1 
ATOM   636  N  NZ  . LYS B 1 26 ? -7.098  12.912  19.398  1.00 77.36 ? 25  LYS B NZ  1 
ATOM   637  N  N   . LEU B 1 27 ? -3.215  11.843  13.271  1.00 48.39 ? 26  LEU B N   1 
ATOM   638  C  CA  . LEU B 1 27 ? -4.009  12.617  12.334  1.00 45.90 ? 26  LEU B CA  1 
ATOM   639  C  C   . LEU B 1 27 ? -4.144  11.512  11.331  1.00 44.38 ? 26  LEU B C   1 
ATOM   640  O  O   . LEU B 1 27 ? -3.200  10.953  10.763  1.00 45.52 ? 26  LEU B O   1 
ATOM   641  C  CB  . LEU B 1 27 ? -3.186  13.650  11.576  1.00 44.20 ? 26  LEU B CB  1 
ATOM   642  C  CG  . LEU B 1 27 ? -2.739  14.885  12.351  1.00 48.52 ? 26  LEU B CG  1 
ATOM   643  C  CD1 . LEU B 1 27 ? -2.309  15.977  11.372  1.00 50.07 ? 26  LEU B CD1 1 
ATOM   644  C  CD2 . LEU B 1 27 ? -3.961  15.221  13.196  1.00 47.66 ? 26  LEU B CD2 1 
ATOM   645  N  N   . PRO B 1 28 ? -5.400  11.205  11.047  1.00 42.49 ? 27  PRO B N   1 
ATOM   646  C  CA  . PRO B 1 28 ? -5.732  10.138  10.123  1.00 38.68 ? 27  PRO B CA  1 
ATOM   647  C  C   . PRO B 1 28 ? -5.049  10.309  8.783   1.00 37.71 ? 27  PRO B C   1 
ATOM   648  O  O   . PRO B 1 28 ? -4.952  9.245   8.189   1.00 37.39 ? 27  PRO B O   1 
ATOM   649  C  CB  . PRO B 1 28 ? -7.211  10.391  9.852   1.00 39.74 ? 27  PRO B CB  1 
ATOM   650  C  CG  . PRO B 1 28 ? -7.746  11.181  10.928  1.00 35.43 ? 27  PRO B CG  1 
ATOM   651  C  CD  . PRO B 1 28 ? -6.584  11.875  11.604  1.00 40.63 ? 27  PRO B CD  1 
ATOM   652  N  N   . VAL B 1 29 ? -4.661  11.498  8.329   1.00 36.95 ? 28  VAL B N   1 
ATOM   653  C  CA  . VAL B 1 29 ? -4.048  11.653  7.014   1.00 33.37 ? 28  VAL B CA  1 
ATOM   654  C  C   . VAL B 1 29 ? -2.648  11.064  6.995   1.00 31.03 ? 28  VAL B C   1 
ATOM   655  O  O   . VAL B 1 29 ? -2.140  10.649  5.949   1.00 30.50 ? 28  VAL B O   1 
ATOM   656  C  CB  . VAL B 1 29 ? -3.928  13.124  6.606   1.00 33.89 ? 28  VAL B CB  1 
ATOM   657  C  CG1 . VAL B 1 29 ? -3.044  13.912  7.504   1.00 33.29 ? 28  VAL B CG1 1 
ATOM   658  C  CG2 . VAL B 1 29 ? -3.291  13.220  5.230   1.00 31.23 ? 28  VAL B CG2 1 
ATOM   659  N  N   . LEU B 1 30 ? -2.032  10.990  8.153   1.00 29.16 ? 29  LEU B N   1 
ATOM   660  C  CA  . LEU B 1 30 ? -0.759  10.337  8.201   1.00 28.59 ? 29  LEU B CA  1 
ATOM   661  C  C   . LEU B 1 30 ? -0.868  8.780   8.043   1.00 33.97 ? 29  LEU B C   1 
ATOM   662  O  O   . LEU B 1 30 ? -0.125  8.139   7.275   1.00 34.17 ? 29  LEU B O   1 
ATOM   663  C  CB  . LEU B 1 30 ? -0.186  10.815  9.521   1.00 30.77 ? 29  LEU B CB  1 
ATOM   664  C  CG  . LEU B 1 30 ? 0.237   12.264  9.660   1.00 32.51 ? 29  LEU B CG  1 
ATOM   665  C  CD1 . LEU B 1 30 ? 1.254   12.371  10.778  1.00 40.37 ? 29  LEU B CD1 1 
ATOM   666  C  CD2 . LEU B 1 30 ? 0.903   12.742  8.387   1.00 29.61 ? 29  LEU B CD2 1 
ATOM   667  N  N   . ALA B 1 31 ? -1.800  8.128   8.737   1.00 32.97 ? 30  ALA B N   1 
ATOM   668  C  CA  . ALA B 1 31 ? -2.223  6.760   8.391   1.00 37.27 ? 30  ALA B CA  1 
ATOM   669  C  C   . ALA B 1 31 ? -2.599  6.412   6.939   1.00 36.73 ? 30  ALA B C   1 
ATOM   670  O  O   . ALA B 1 31 ? -2.395  5.306   6.432   1.00 36.83 ? 30  ALA B O   1 
ATOM   671  C  CB  . ALA B 1 31 ? -3.404  6.354   9.286   1.00 36.40 ? 30  ALA B CB  1 
ATOM   672  N  N   . LYS B 1 32 ? -3.176  7.357   6.213   1.00 36.54 ? 31  LYS B N   1 
ATOM   673  C  CA  . LYS B 1 32 ? -3.370  7.127   4.788   1.00 33.95 ? 31  LYS B CA  1 
ATOM   674  C  C   . LYS B 1 32 ? -2.081  7.269   3.971   1.00 32.73 ? 31  LYS B C   1 
ATOM   675  O  O   . LYS B 1 32 ? -1.950  6.520   3.015   1.00 33.13 ? 31  LYS B O   1 
ATOM   676  C  CB  . LYS B 1 32 ? -4.554  7.961   4.331   1.00 34.90 ? 31  LYS B CB  1 
ATOM   677  C  CG  . LYS B 1 32 ? -4.360  8.702   3.020   1.00 36.08 ? 31  LYS B CG  1 
ATOM   678  C  CD  . LYS B 1 32 ? -5.537  9.641   2.889   1.00 44.87 ? 31  LYS B CD  1 
ATOM   679  C  CE  . LYS B 1 32 ? -6.411  9.082   1.729   1.00 47.18 ? 31  LYS B CE  1 
ATOM   680  N  NZ  . LYS B 1 32 ? -6.364  7.613   1.343   1.00 47.05 ? 31  LYS B NZ  1 
ATOM   681  N  N   . ILE B 1 33 ? -1.135  8.155   4.295   1.00 32.09 ? 32  ILE B N   1 
ATOM   682  C  CA  . ILE B 1 33 ? 0.153   8.275   3.609   1.00 28.11 ? 32  ILE B CA  1 
ATOM   683  C  C   . ILE B 1 33 ? 0.909   6.946   3.756   1.00 27.45 ? 32  ILE B C   1 
ATOM   684  O  O   . ILE B 1 33 ? 1.375   6.329   2.854   1.00 30.52 ? 32  ILE B O   1 
ATOM   685  C  CB  . ILE B 1 33 ? 0.918   9.505   4.129   1.00 25.64 ? 32  ILE B CB  1 
ATOM   686  C  CG1 . ILE B 1 33 ? 0.217   10.828  3.789   1.00 22.48 ? 32  ILE B CG1 1 
ATOM   687  C  CG2 . ILE B 1 33 ? 2.416   9.556   3.641   1.00 20.95 ? 32  ILE B CG2 1 
ATOM   688  C  CD1 . ILE B 1 33 ? 1.037   12.134  4.320   1.00 24.02 ? 32  ILE B CD1 1 
ATOM   689  N  N   . LEU B 1 34 ? 0.998   6.399   4.956   1.00 31.46 ? 33  LEU B N   1 
ATOM   690  C  CA  . LEU B 1 34 ? 1.625   5.176   5.409   1.00 29.20 ? 33  LEU B CA  1 
ATOM   691  C  C   . LEU B 1 34 ? 1.271   3.892   4.659   1.00 29.40 ? 33  LEU B C   1 
ATOM   692  O  O   . LEU B 1 34 ? 2.108   3.036   4.327   1.00 26.95 ? 33  LEU B O   1 
ATOM   693  C  CB  . LEU B 1 34 ? 1.251   5.121   6.917   1.00 25.33 ? 33  LEU B CB  1 
ATOM   694  C  CG  . LEU B 1 34 ? 2.094   4.662   8.102   1.00 35.71 ? 33  LEU B CG  1 
ATOM   695  C  CD1 . LEU B 1 34 ? 1.534   3.833   9.266   1.00 37.10 ? 33  LEU B CD1 1 
ATOM   696  C  CD2 . LEU B 1 34 ? 3.249   3.805   7.609   1.00 31.08 ? 33  LEU B CD2 1 
ATOM   697  N  N   . GLU B 1 35 ? -0.030  3.785   4.432   1.00 31.81 ? 34  GLU B N   1 
ATOM   698  C  CA  . GLU B 1 35 ? -0.636  2.682   3.728   1.00 33.65 ? 34  GLU B CA  1 
ATOM   699  C  C   . GLU B 1 35 ? -0.175  2.778   2.290   1.00 30.37 ? 34  GLU B C   1 
ATOM   700  O  O   . GLU B 1 35 ? 0.081   1.765   1.664   1.00 33.33 ? 34  GLU B O   1 
ATOM   701  C  CB  . GLU B 1 35 ? -2.148  2.898   3.620   1.00 34.19 ? 34  GLU B CB  1 
ATOM   702  C  CG  . GLU B 1 35 ? -3.044  1.777   4.086   1.00 43.89 ? 34  GLU B CG  1 
ATOM   703  C  CD  . GLU B 1 35 ? -4.462  2.242   4.346   1.00 62.99 ? 34  GLU B CD  1 
ATOM   704  O  OE1 . GLU B 1 35 ? -4.932  2.274   5.509   1.00 74.75 ? 34  GLU B OE1 1 
ATOM   705  O  OE2 . GLU B 1 35 ? -5.146  2.591   3.365   1.00 70.94 ? 34  GLU B OE2 1 
ATOM   706  N  N   . ASP B 1 36 ? -0.093  3.984   1.757   1.00 27.02 ? 35  ASP B N   1 
ATOM   707  C  CA  . ASP B 1 36 ? 0.318   4.025   0.353   1.00 27.66 ? 35  ASP B CA  1 
ATOM   708  C  C   . ASP B 1 36 ? 1.795   3.627   0.334   1.00 25.20 ? 35  ASP B C   1 
ATOM   709  O  O   . ASP B 1 36 ? 2.275   3.011   -0.614  1.00 28.83 ? 35  ASP B O   1 
ATOM   710  C  CB  . ASP B 1 36 ? 0.226   5.518   -0.074  1.00 27.04 ? 35  ASP B CB  1 
ATOM   711  C  CG  . ASP B 1 36 ? -1.135  5.939   -0.618  1.00 24.09 ? 35  ASP B CG  1 
ATOM   712  O  OD1 . ASP B 1 36 ? -1.979  5.048   -0.888  1.00 31.46 ? 35  ASP B OD1 1 
ATOM   713  O  OD2 . ASP B 1 36 ? -1.435  7.172   -0.791  1.00 26.37 ? 35  ASP B OD2 1 
ATOM   714  N  N   . GLU B 1 37 ? 2.530   4.045   1.365   1.00 21.35 ? 36  GLU B N   1 
ATOM   715  C  CA  . GLU B 1 37 ? 3.899   3.626   1.516   1.00 23.62 ? 36  GLU B CA  1 
ATOM   716  C  C   . GLU B 1 37 ? 4.047   2.092   1.668   1.00 25.72 ? 36  GLU B C   1 
ATOM   717  O  O   . GLU B 1 37 ? 4.968   1.412   1.203   1.00 25.37 ? 36  GLU B O   1 
ATOM   718  C  CB  . GLU B 1 37 ? 4.498   4.510   2.635   1.00 27.32 ? 36  GLU B CB  1 
ATOM   719  C  CG  . GLU B 1 37 ? 4.316   6.052   2.727   1.00 18.46 ? 36  GLU B CG  1 
ATOM   720  C  CD  . GLU B 1 37 ? 4.681   6.754   1.444   1.00 23.18 ? 36  GLU B CD  1 
ATOM   721  O  OE1 . GLU B 1 37 ? 4.749   6.090   0.342   1.00 26.23 ? 36  GLU B OE1 1 
ATOM   722  O  OE2 . GLU B 1 37 ? 4.902   7.982   1.582   1.00 12.21 ? 36  GLU B OE2 1 
ATOM   723  N  N   . GLU B 1 38 ? 3.157   1.439   2.398   1.00 24.77 ? 37  GLU B N   1 
ATOM   724  C  CA  . GLU B 1 38 ? 3.322   0.018   2.584   1.00 26.64 ? 37  GLU B CA  1 
ATOM   725  C  C   . GLU B 1 38 ? 3.030   -0.600  1.195   1.00 30.41 ? 37  GLU B C   1 
ATOM   726  O  O   . GLU B 1 38 ? 3.497   -1.707  0.836   1.00 30.51 ? 37  GLU B O   1 
ATOM   727  C  CB  . GLU B 1 38 ? 2.155   -0.254  3.547   1.00 27.94 ? 37  GLU B CB  1 
ATOM   728  C  CG  . GLU B 1 38 ? 2.663   -0.251  4.963   1.00 38.20 ? 37  GLU B CG  1 
ATOM   729  C  CD  . GLU B 1 38 ? 1.604   -0.352  6.035   1.00 53.82 ? 37  GLU B CD  1 
ATOM   730  O  OE1 . GLU B 1 38 ? 0.390   -0.505  5.761   1.00 54.78 ? 37  GLU B OE1 1 
ATOM   731  O  OE2 . GLU B 1 38 ? 2.095   -0.272  7.183   1.00 57.89 ? 37  GLU B OE2 1 
ATOM   732  N  N   . LYS B 1 39 ? 2.228   0.142   0.418   1.00 31.05 ? 38  LYS B N   1 
ATOM   733  C  CA  . LYS B 1 39 ? 1.911   -0.330  -0.909  1.00 32.30 ? 38  LYS B CA  1 
ATOM   734  C  C   . LYS B 1 39 ? 3.020   -0.149  -1.938  1.00 30.16 ? 38  LYS B C   1 
ATOM   735  O  O   . LYS B 1 39 ? 3.294   -1.004  -2.773  1.00 30.99 ? 38  LYS B O   1 
ATOM   736  C  CB  . LYS B 1 39 ? 0.512   0.083   -1.345  1.00 31.41 ? 38  LYS B CB  1 
ATOM   737  C  CG  . LYS B 1 39 ? 0.187   -0.139  -2.843  1.00 35.28 ? 38  LYS B CG  1 
ATOM   738  C  CD  . LYS B 1 39 ? -0.861  0.852   -3.446  1.00 38.59 ? 38  LYS B CD  1 
ATOM   739  C  CE  . LYS B 1 39 ? -0.526  2.363   -3.304  1.00 39.50 ? 38  LYS B CE  1 
ATOM   740  N  NZ  . LYS B 1 39 ? -1.512  3.376   -3.854  1.00 27.54 ? 38  LYS B NZ  1 
ATOM   741  N  N   . HIS B 1 40 ? 3.681   0.991   -1.893  1.00 29.97 ? 39  HIS B N   1 
ATOM   742  C  CA  . HIS B 1 40 ? 4.899   1.222   -2.682  1.00 27.42 ? 39  HIS B CA  1 
ATOM   743  C  C   . HIS B 1 40 ? 5.943   0.144   -2.412  1.00 27.25 ? 39  HIS B C   1 
ATOM   744  O  O   . HIS B 1 40 ? 6.683   -0.273  -3.298  1.00 24.89 ? 39  HIS B O   1 
ATOM   745  C  CB  . HIS B 1 40 ? 5.370   2.629   -2.299  1.00 21.17 ? 39  HIS B CB  1 
ATOM   746  C  CG  . HIS B 1 40 ? 4.343   3.672   -2.654  1.00 24.52 ? 39  HIS B CG  1 
ATOM   747  N  ND1 . HIS B 1 40 ? 4.573   5.026   -2.517  1.00 30.83 ? 39  HIS B ND1 1 
ATOM   748  C  CD2 . HIS B 1 40 ? 3.090   3.570   -3.171  1.00 26.15 ? 39  HIS B CD2 1 
ATOM   749  C  CE1 . HIS B 1 40 ? 3.504   5.689   -2.939  1.00 35.06 ? 39  HIS B CE1 1 
ATOM   750  N  NE2 . HIS B 1 40 ? 2.591   4.832   -3.365  1.00 22.13 ? 39  HIS B NE2 1 
ATOM   751  N  N   . ILE B 1 41 ? 6.011   -0.277  -1.150  1.00 27.55 ? 40  ILE B N   1 
ATOM   752  C  CA  . ILE B 1 41 ? 6.999   -1.278  -0.806  1.00 28.25 ? 40  ILE B CA  1 
ATOM   753  C  C   . ILE B 1 41 ? 6.754   -2.635  -1.460  1.00 28.99 ? 40  ILE B C   1 
ATOM   754  O  O   . ILE B 1 41 ? 7.661   -3.272  -2.011  1.00 24.69 ? 40  ILE B O   1 
ATOM   755  C  CB  . ILE B 1 41 ? 7.075   -1.335  0.721   1.00 28.67 ? 40  ILE B CB  1 
ATOM   756  C  CG1 . ILE B 1 41 ? 8.073   -0.236  1.083   1.00 30.85 ? 40  ILE B CG1 1 
ATOM   757  C  CG2 . ILE B 1 41 ? 7.535   -2.733  1.152   1.00 30.41 ? 40  ILE B CG2 1 
ATOM   758  C  CD1 . ILE B 1 41 ? 8.816   -0.487  2.334   1.00 27.91 ? 40  ILE B CD1 1 
ATOM   759  N  N   . GLU B 1 42 ? 5.488   -3.029  -1.351  1.00 28.75 ? 41  GLU B N   1 
ATOM   760  C  CA  . GLU B 1 42 ? 4.978   -4.237  -1.949  1.00 32.97 ? 41  GLU B CA  1 
ATOM   761  C  C   . GLU B 1 42 ? 5.224   -4.214  -3.439  1.00 31.40 ? 41  GLU B C   1 
ATOM   762  O  O   . GLU B 1 42 ? 5.742   -5.170  -4.040  1.00 30.50 ? 41  GLU B O   1 
ATOM   763  C  CB  . GLU B 1 42 ? 3.489   -4.404  -1.588  1.00 35.84 ? 41  GLU B CB  1 
ATOM   764  C  CG  . GLU B 1 42 ? 3.364   -5.506  -0.540  1.00 49.72 ? 41  GLU B CG  1 
ATOM   765  C  CD  . GLU B 1 42 ? 2.006   -5.700  0.106   1.00 62.22 ? 41  GLU B CD  1 
ATOM   766  O  OE1 . GLU B 1 42 ? 1.068   -4.985  -0.310  1.00 69.52 ? 41  GLU B OE1 1 
ATOM   767  O  OE2 . GLU B 1 42 ? 1.902   -6.566  1.010   1.00 64.69 ? 41  GLU B OE2 1 
ATOM   768  N  N   . TRP B 1 43 ? 4.836   -3.123  -4.083  1.00 30.85 ? 42  TRP B N   1 
ATOM   769  C  CA  . TRP B 1 43 ? 5.109   -3.028  -5.528  1.00 31.47 ? 42  TRP B CA  1 
ATOM   770  C  C   . TRP B 1 43 ? 6.580   -3.078  -5.910  1.00 34.42 ? 42  TRP B C   1 
ATOM   771  O  O   . TRP B 1 43 ? 6.914   -3.736  -6.929  1.00 36.82 ? 42  TRP B O   1 
ATOM   772  C  CB  . TRP B 1 43 ? 4.669   -1.709  -6.146  1.00 32.96 ? 42  TRP B CB  1 
ATOM   773  C  CG  . TRP B 1 43 ? 3.196   -1.618  -6.093  1.00 36.57 ? 42  TRP B CG  1 
ATOM   774  C  CD1 . TRP B 1 43 ? 2.322   -2.663  -5.898  1.00 34.17 ? 42  TRP B CD1 1 
ATOM   775  C  CD2 . TRP B 1 43 ? 2.411   -0.433  -6.223  1.00 35.49 ? 42  TRP B CD2 1 
ATOM   776  N  NE1 . TRP B 1 43 ? 1.040   -2.165  -5.910  1.00 39.32 ? 42  TRP B NE1 1 
ATOM   777  C  CE2 . TRP B 1 43 ? 1.054   -0.813  -6.116  1.00 34.57 ? 42  TRP B CE2 1 
ATOM   778  C  CE3 . TRP B 1 43 ? 2.711   0.903   -6.433  1.00 26.55 ? 42  TRP B CE3 1 
ATOM   779  C  CZ2 . TRP B 1 43 ? -0.011  0.097   -6.213  1.00 41.59 ? 42  TRP B CZ2 1 
ATOM   780  C  CZ3 . TRP B 1 43 ? 1.645   1.793   -6.568  1.00 33.57 ? 42  TRP B CZ3 1 
ATOM   781  C  CH2 . TRP B 1 43 ? 0.300   1.404   -6.439  1.00 36.66 ? 42  TRP B CH2 1 
ATOM   782  N  N   . LEU B 1 44 ? 7.425   -2.408  -5.118  1.00 30.59 ? 43  LEU B N   1 
ATOM   783  C  CA  . LEU B 1 44 ? 8.854   -2.402  -5.427  1.00 30.43 ? 43  LEU B CA  1 
ATOM   784  C  C   . LEU B 1 44 ? 9.426   -3.782  -5.118  1.00 31.28 ? 43  LEU B C   1 
ATOM   785  O  O   . LEU B 1 44 ? 10.384  -4.249  -5.751  1.00 27.96 ? 43  LEU B O   1 
ATOM   786  C  CB  . LEU B 1 44 ? 9.680   -1.335  -4.682  1.00 26.78 ? 43  LEU B CB  1 
ATOM   787  C  CG  . LEU B 1 44 ? 9.448   0.134   -5.090  1.00 28.17 ? 43  LEU B CG  1 
ATOM   788  C  CD1 . LEU B 1 44 ? 9.911   1.233   -4.123  1.00 22.33 ? 43  LEU B CD1 1 
ATOM   789  C  CD2 . LEU B 1 44 ? 10.022  0.494   -6.457  1.00 23.56 ? 43  LEU B CD2 1 
ATOM   790  N  N   . GLU B 1 45 ? 8.862   -4.448  -4.129  1.00 31.99 ? 44  GLU B N   1 
ATOM   791  C  CA  . GLU B 1 45 ? 9.438   -5.746  -3.842  1.00 35.28 ? 44  GLU B CA  1 
ATOM   792  C  C   . GLU B 1 45 ? 9.121   -6.804  -4.852  1.00 37.13 ? 44  GLU B C   1 
ATOM   793  O  O   . GLU B 1 45 ? 9.858   -7.789  -4.902  1.00 38.75 ? 44  GLU B O   1 
ATOM   794  C  CB  . GLU B 1 45 ? 9.006   -6.392  -2.528  1.00 36.47 ? 44  GLU B CB  1 
ATOM   795  C  CG  . GLU B 1 45 ? 10.129  -6.166  -1.551  1.00 41.87 ? 44  GLU B CG  1 
ATOM   796  C  CD  . GLU B 1 45 ? 9.962   -7.197  -0.472  1.00 57.25 ? 44  GLU B CD  1 
ATOM   797  O  OE1 . GLU B 1 45 ? 9.726   -6.641  0.642   1.00 55.28 ? 44  GLU B OE1 1 
ATOM   798  O  OE2 . GLU B 1 45 ? 10.071  -8.409  -0.841  1.00 54.24 ? 44  GLU B OE2 1 
ATOM   799  N  N   . THR B 1 46 ? 8.020   -6.545  -5.542  1.00 37.14 ? 45  THR B N   1 
ATOM   800  C  CA  . THR B 1 46 ? 7.517   -7.408  -6.583  1.00 35.92 ? 45  THR B CA  1 
ATOM   801  C  C   . THR B 1 46 ? 8.454   -7.321  -7.762  1.00 36.48 ? 45  THR B C   1 
ATOM   802  O  O   . THR B 1 46 ? 8.743   -8.317  -8.410  1.00 38.13 ? 45  THR B O   1 
ATOM   803  C  CB  . THR B 1 46 ? 6.171   -6.909  -7.098  1.00 36.89 ? 45  THR B CB  1 
ATOM   804  O  OG1 . THR B 1 46 ? 5.209   -6.977  -6.038  1.00 38.83 ? 45  THR B OG1 1 
ATOM   805  C  CG2 . THR B 1 46 ? 5.662   -7.880  -8.151  1.00 35.44 ? 45  THR B CG2 1 
ATOM   806  N  N   . ILE B 1 47 ? 8.954   -6.145  -8.073  1.00 35.56 ? 46  ILE B N   1 
ATOM   807  C  CA  . ILE B 1 47 ? 9.852   -6.040  -9.208  1.00 34.96 ? 46  ILE B CA  1 
ATOM   808  C  C   . ILE B 1 47 ? 11.294  -6.562  -9.052  1.00 38.22 ? 46  ILE B C   1 
ATOM   809  O  O   . ILE B 1 47 ? 12.016  -6.986  -9.987  1.00 37.61 ? 46  ILE B O   1 
ATOM   810  C  CB  . ILE B 1 47 ? 9.697   -4.556  -9.404  1.00 37.05 ? 46  ILE B CB  1 
ATOM   811  C  CG1 . ILE B 1 47 ? 8.221   -4.322  -9.686  1.00 36.00 ? 46  ILE B CG1 1 
ATOM   812  C  CG2 . ILE B 1 47 ? 10.480  -4.122  -10.611 1.00 44.15 ? 46  ILE B CG2 1 
ATOM   813  C  CD1 . ILE B 1 47 ? 7.907   -2.928  -9.978  1.00 30.78 ? 46  ILE B CD1 1 
ATOM   814  N  N   . LEU B 1 48 ? 11.712  -6.545  -7.786  1.00 39.40 ? 47  LEU B N   1 
ATOM   815  C  CA  . LEU B 1 48 ? 12.900  -7.178  -7.206  1.00 40.22 ? 47  LEU B CA  1 
ATOM   816  C  C   . LEU B 1 48 ? 12.697  -8.669  -6.845  1.00 41.38 ? 47  LEU B C   1 
ATOM   817  O  O   . LEU B 1 48 ? 11.864  -9.451  -7.386  1.00 40.37 ? 47  LEU B O   1 
ATOM   818  C  CB  . LEU B 1 48 ? 13.263  -6.411  -5.913  1.00 37.32 ? 47  LEU B CB  1 
ATOM   819  C  CG  . LEU B 1 48 ? 13.771  -4.997  -6.202  1.00 35.35 ? 47  LEU B CG  1 
ATOM   820  C  CD1 . LEU B 1 48 ? 13.697  -4.088  -5.027  1.00 28.40 ? 47  LEU B CD1 1 
ATOM   821  C  CD2 . LEU B 1 48 ? 15.159  -4.877  -6.805  1.00 29.80 ? 47  LEU B CD2 1 
ATOM   822  N  N   . GLY B 1 49 ? 13.481  -9.041  -5.837  1.00 41.51 ? 48  GLY B N   1 
ATOM   823  C  CA  . GLY B 1 49 ? 13.184  -10.311 -5.198  1.00 49.42 ? 48  GLY B CA  1 
ATOM   824  C  C   . GLY B 1 49 ? 11.785  -10.928 -5.297  1.00 52.53 ? 48  GLY B C   1 
ATOM   825  O  O   . GLY B 1 49 ? 11.539  -12.102 -5.619  1.00 53.09 ? 48  GLY B O   1 
HETATM 826  N  N   . NH2 B 1 50 ? 10.775  -10.114 -5.014  1.00 52.24 ? 49  NH2 B N   1 
HETATM 827  C  C   . ACE C 1 1  ? 6.622   20.889  13.254  1.00 59.17 ? 0   ACE C C   1 
HETATM 828  O  O   . ACE C 1 1  ? 7.126   21.519  14.187  1.00 62.43 ? 0   ACE C O   1 
HETATM 829  C  CH3 . ACE C 1 1  ? 5.167   21.077  12.903  1.00 59.83 ? 0   ACE C CH3 1 
ATOM   830  N  N   . ASP C 1 2  ? 7.423   20.305  12.372  1.00 55.22 ? 1   ASP C N   1 
ATOM   831  C  CA  . ASP C 1 2  ? 8.869   20.185  12.268  1.00 52.42 ? 1   ASP C CA  1 
ATOM   832  C  C   . ASP C 1 2  ? 9.203   18.716  12.034  1.00 49.47 ? 1   ASP C C   1 
ATOM   833  O  O   . ASP C 1 2  ? 10.131  18.461  11.256  1.00 46.95 ? 1   ASP C O   1 
ATOM   834  C  CB  . ASP C 1 2  ? 9.641   20.777  13.403  1.00 53.18 ? 1   ASP C CB  1 
ATOM   835  C  CG  . ASP C 1 2  ? 10.907  21.426  12.910  1.00 60.16 ? 1   ASP C CG  1 
ATOM   836  O  OD1 . ASP C 1 2  ? 11.891  20.705  12.644  1.00 62.58 ? 1   ASP C OD1 1 
ATOM   837  O  OD2 . ASP C 1 2  ? 11.028  22.661  12.772  1.00 61.61 ? 1   ASP C OD2 1 
ATOM   838  N  N   . TYR C 1 3  ? 8.451   17.800  12.659  1.00 45.36 ? 2   TYR C N   1 
ATOM   839  C  CA  . TYR C 1 3  ? 8.544   16.366  12.395  1.00 44.90 ? 2   TYR C CA  1 
ATOM   840  C  C   . TYR C 1 3  ? 7.917   16.237  11.009  1.00 40.89 ? 2   TYR C C   1 
ATOM   841  O  O   . TYR C 1 3  ? 8.368   15.406  10.237  1.00 38.10 ? 2   TYR C O   1 
ATOM   842  C  CB  . TYR C 1 3  ? 7.876   15.436  13.440  1.00 46.33 ? 2   TYR C CB  1 
ATOM   843  C  CG  . TYR C 1 3  ? 6.457   15.851  13.726  1.00 48.63 ? 2   TYR C CG  1 
ATOM   844  C  CD1 . TYR C 1 3  ? 5.424   15.084  13.218  1.00 53.96 ? 2   TYR C CD1 1 
ATOM   845  C  CD2 . TYR C 1 3  ? 6.112   17.006  14.435  1.00 50.63 ? 2   TYR C CD2 1 
ATOM   846  C  CE1 . TYR C 1 3  ? 4.079   15.409  13.404  1.00 48.11 ? 2   TYR C CE1 1 
ATOM   847  C  CE2 . TYR C 1 3  ? 4.757   17.337  14.631  1.00 49.35 ? 2   TYR C CE2 1 
ATOM   848  C  CZ  . TYR C 1 3  ? 3.733   16.535  14.100  1.00 48.64 ? 2   TYR C CZ  1 
ATOM   849  O  OH  . TYR C 1 3  ? 2.369   16.745  14.215  1.00 46.28 ? 2   TYR C OH  1 
ATOM   850  N  N   . LEU C 1 4  ? 6.964   17.126  10.715  1.00 41.00 ? 3   LEU C N   1 
ATOM   851  C  CA  . LEU C 1 4  ? 6.185   17.233  9.483   1.00 39.66 ? 3   LEU C CA  1 
ATOM   852  C  C   . LEU C 1 4  ? 6.900   17.829  8.271   1.00 38.02 ? 3   LEU C C   1 
ATOM   853  O  O   . LEU C 1 4  ? 6.647   17.341  7.147   1.00 39.80 ? 3   LEU C O   1 
ATOM   854  C  CB  . LEU C 1 4  ? 4.839   17.963  9.639   1.00 35.24 ? 3   LEU C CB  1 
ATOM   855  C  CG  . LEU C 1 4  ? 3.741   17.368  10.518  1.00 45.50 ? 3   LEU C CG  1 
ATOM   856  C  CD1 . LEU C 1 4  ? 2.557   18.285  10.682  1.00 41.50 ? 3   LEU C CD1 1 
ATOM   857  C  CD2 . LEU C 1 4  ? 3.275   16.002  10.223  1.00 36.43 ? 3   LEU C CD2 1 
ATOM   858  N  N   . ARG C 1 5  ? 7.702   18.871  8.429   1.00 33.77 ? 4   ARG C N   1 
ATOM   859  C  CA  . ARG C 1 5  ? 8.608   19.517  7.481   1.00 36.69 ? 4   ARG C CA  1 
ATOM   860  C  C   . ARG C 1 5  ? 9.764   18.586  7.082   1.00 35.36 ? 4   ARG C C   1 
ATOM   861  O  O   . ARG C 1 5  ? 10.469  18.642  6.074   1.00 38.42 ? 4   ARG C O   1 
ATOM   862  C  CB  . ARG C 1 5  ? 9.228   20.680  8.286   1.00 35.01 ? 4   ARG C CB  1 
ATOM   863  C  CG  . ARG C 1 5  ? 8.238   21.705  8.872   1.00 42.12 ? 4   ARG C CG  1 
ATOM   864  C  CD  . ARG C 1 5  ? 8.697   23.175  9.058   1.00 53.22 ? 4   ARG C CD  1 
ATOM   865  N  NE  . ARG C 1 5  ? 8.371   23.490  10.447  1.00 58.95 ? 4   ARG C NE  1 
ATOM   866  C  CZ  . ARG C 1 5  ? 7.408   24.280  10.918  1.00 45.81 ? 4   ARG C CZ  1 
ATOM   867  N  NH1 . ARG C 1 5  ? 6.561   24.979  10.179  1.00 46.63 ? 4   ARG C NH1 1 
ATOM   868  N  NH2 . ARG C 1 5  ? 7.334   24.345  12.230  1.00 51.68 ? 4   ARG C NH2 1 
ATOM   869  N  N   . GLU C 1 6  ? 10.026  17.629  7.948   1.00 34.88 ? 5   GLU C N   1 
ATOM   870  C  CA  . GLU C 1 6  ? 11.071  16.655  7.664   1.00 35.27 ? 5   GLU C CA  1 
ATOM   871  C  C   . GLU C 1 6  ? 10.456  15.552  6.776   1.00 31.54 ? 5   GLU C C   1 
ATOM   872  O  O   . GLU C 1 6  ? 11.094  15.035  5.869   1.00 31.05 ? 5   GLU C O   1 
ATOM   873  C  CB  . GLU C 1 6  ? 11.537  16.000  8.975   1.00 40.94 ? 5   GLU C CB  1 
ATOM   874  C  CG  . GLU C 1 6  ? 12.507  16.861  9.753   1.00 42.08 ? 5   GLU C CG  1 
ATOM   875  C  CD  . GLU C 1 6  ? 13.633  17.195  8.799   1.00 58.60 ? 5   GLU C CD  1 
ATOM   876  O  OE1 . GLU C 1 6  ? 14.170  18.335  8.895   1.00 63.54 ? 5   GLU C OE1 1 
ATOM   877  O  OE2 . GLU C 1 6  ? 13.912  16.276  7.978   1.00 57.57 ? 5   GLU C OE2 1 
ATOM   878  N  N   . LEU C 1 7  ? 9.186   15.241  7.010   1.00 31.48 ? 6   LEU C N   1 
ATOM   879  C  CA  . LEU C 1 7  ? 8.380   14.221  6.334   1.00 31.20 ? 6   LEU C CA  1 
ATOM   880  C  C   . LEU C 1 7  ? 8.141   14.694  4.911   1.00 30.77 ? 6   LEU C C   1 
ATOM   881  O  O   . LEU C 1 7  ? 8.114   14.016  3.888   1.00 33.42 ? 6   LEU C O   1 
ATOM   882  C  CB  . LEU C 1 7  ? 7.010   14.179  7.003   1.00 29.85 ? 6   LEU C CB  1 
ATOM   883  C  CG  . LEU C 1 7  ? 6.624   12.971  7.858   1.00 36.18 ? 6   LEU C CG  1 
ATOM   884  C  CD1 . LEU C 1 7  ? 7.655   11.905  8.206   1.00 40.37 ? 6   LEU C CD1 1 
ATOM   885  C  CD2 . LEU C 1 7  ? 5.709   13.179  9.057   1.00 40.53 ? 6   LEU C CD2 1 
ATOM   886  N  N   . LEU C 1 8  ? 7.973   15.989  4.831   1.00 30.92 ? 7   LEU C N   1 
ATOM   887  C  CA  . LEU C 1 8  ? 7.860   16.598  3.525   1.00 30.45 ? 7   LEU C CA  1 
ATOM   888  C  C   . LEU C 1 8  ? 9.094   16.622  2.635   1.00 28.86 ? 7   LEU C C   1 
ATOM   889  O  O   . LEU C 1 8  ? 9.056   16.519  1.395   1.00 27.12 ? 7   LEU C O   1 
ATOM   890  C  CB  . LEU C 1 8  ? 7.392   18.026  3.830   1.00 26.57 ? 7   LEU C CB  1 
ATOM   891  C  CG  . LEU C 1 8  ? 7.480   19.147  2.793   1.00 28.61 ? 7   LEU C CG  1 
ATOM   892  C  CD1 . LEU C 1 8  ? 6.342   19.072  1.762   1.00 26.60 ? 7   LEU C CD1 1 
ATOM   893  C  CD2 . LEU C 1 8  ? 7.622   20.559  3.296   1.00 37.46 ? 7   LEU C CD2 1 
ATOM   894  N  N   . LYS C 1 9  ? 10.196  16.824  3.335   1.00 32.46 ? 8   LYS C N   1 
ATOM   895  C  CA  . LYS C 1 9  ? 11.517  16.836  2.717   1.00 32.79 ? 8   LYS C CA  1 
ATOM   896  C  C   . LYS C 1 9  ? 11.881  15.490  2.096   1.00 33.25 ? 8   LYS C C   1 
ATOM   897  O  O   . LYS C 1 9  ? 12.514  15.441  1.046   1.00 31.35 ? 8   LYS C O   1 
ATOM   898  C  CB  . LYS C 1 9  ? 12.611  17.243  3.707   1.00 31.01 ? 8   LYS C CB  1 
ATOM   899  C  CG  . LYS C 1 9  ? 12.860  18.749  3.688   1.00 36.62 ? 8   LYS C CG  1 
ATOM   900  C  CD  . LYS C 1 9  ? 13.225  19.338  5.039   1.00 45.11 ? 8   LYS C CD  1 
ATOM   901  C  CE  . LYS C 1 9  ? 12.756  20.798  5.196   1.00 48.74 ? 8   LYS C CE  1 
ATOM   902  N  NZ  . LYS C 1 9  ? 11.293  21.097  5.029   1.00 40.09 ? 8   LYS C NZ  1 
ATOM   903  N  N   . LEU C 1 10 ? 11.509  14.419  2.785   1.00 34.07 ? 9   LEU C N   1 
ATOM   904  C  CA  . LEU C 1 10 ? 11.640  13.044  2.339   1.00 33.31 ? 9   LEU C CA  1 
ATOM   905  C  C   . LEU C 1 10 ? 10.658  12.812  1.191   1.00 36.09 ? 9   LEU C C   1 
ATOM   906  O  O   . LEU C 1 10 ? 11.139  12.193  0.255   1.00 39.74 ? 9   LEU C O   1 
ATOM   907  C  CB  . LEU C 1 10 ? 11.268  12.118  3.502   1.00 32.89 ? 9   LEU C CB  1 
ATOM   908  C  CG  . LEU C 1 10 ? 12.220  11.769  4.656   1.00 34.24 ? 9   LEU C CG  1 
ATOM   909  C  CD1 . LEU C 1 10 ? 11.613  10.593  5.499   1.00 35.93 ? 9   LEU C CD1 1 
ATOM   910  C  CD2 . LEU C 1 10 ? 13.702  11.464  4.267   1.00 28.28 ? 9   LEU C CD2 1 
ATOM   911  N  N   . GLU C 1 11 ? 9.377   13.208  1.187   1.00 30.90 ? 10  GLU C N   1 
ATOM   912  C  CA  . GLU C 1 11 ? 8.650   13.151  -0.076  1.00 29.88 ? 10  GLU C CA  1 
ATOM   913  C  C   . GLU C 1 11 ? 9.324   13.872  -1.249  1.00 27.39 ? 10  GLU C C   1 
ATOM   914  O  O   . GLU C 1 11 ? 9.353   13.334  -2.349  1.00 25.90 ? 10  GLU C O   1 
ATOM   915  C  CB  . GLU C 1 11 ? 7.226   13.700  0.064   1.00 32.38 ? 10  GLU C CB  1 
ATOM   916  C  CG  . GLU C 1 11 ? 6.260   13.050  1.048   1.00 31.98 ? 10  GLU C CG  1 
ATOM   917  C  CD  . GLU C 1 11 ? 5.961   11.581  0.805   1.00 29.57 ? 10  GLU C CD  1 
ATOM   918  O  OE1 . GLU C 1 11 ? 6.104   10.933  -0.269  1.00 28.31 ? 10  GLU C OE1 1 
ATOM   919  O  OE2 . GLU C 1 11 ? 5.528   11.029  1.831   1.00 26.75 ? 10  GLU C OE2 1 
ATOM   920  N  N   . LEU C 1 12 ? 9.867   15.067  -1.029  1.00 27.36 ? 11  LEU C N   1 
ATOM   921  C  CA  . LEU C 1 12 ? 10.577  15.859  -2.030  1.00 28.36 ? 11  LEU C CA  1 
ATOM   922  C  C   . LEU C 1 12 ? 11.748  15.209  -2.697  1.00 25.69 ? 11  LEU C C   1 
ATOM   923  O  O   . LEU C 1 12 ? 11.957  15.176  -3.929  1.00 24.98 ? 11  LEU C O   1 
ATOM   924  C  CB  . LEU C 1 12 ? 11.015  17.252  -1.509  1.00 29.60 ? 11  LEU C CB  1 
ATOM   925  C  CG  . LEU C 1 12 ? 10.007  18.362  -1.831  1.00 32.90 ? 11  LEU C CG  1 
ATOM   926  C  CD1 . LEU C 1 12 ? 8.763   18.162  -2.690  1.00 33.24 ? 11  LEU C CD1 1 
ATOM   927  C  CD2 . LEU C 1 12 ? 9.629   18.953  -0.479  1.00 41.85 ? 11  LEU C CD2 1 
ATOM   928  N  N   . GLN C 1 13 ? 12.573  14.633  -1.857  1.00 26.84 ? 12  GLN C N   1 
ATOM   929  C  CA  . GLN C 1 13 ? 13.674  13.718  -2.202  1.00 31.46 ? 12  GLN C CA  1 
ATOM   930  C  C   . GLN C 1 13 ? 13.162  12.461  -2.876  1.00 29.67 ? 12  GLN C C   1 
ATOM   931  O  O   . GLN C 1 13 ? 13.625  12.021  -3.900  1.00 32.75 ? 12  GLN C O   1 
ATOM   932  C  CB  . GLN C 1 13 ? 14.262  13.201  -0.891  1.00 36.40 ? 12  GLN C CB  1 
ATOM   933  C  CG  . GLN C 1 13 ? 15.767  12.836  -0.998  1.00 45.01 ? 12  GLN C CG  1 
ATOM   934  C  CD  . GLN C 1 13 ? 16.148  11.474  -0.423  1.00 46.56 ? 12  GLN C CD  1 
ATOM   935  O  OE1 . GLN C 1 13 ? 15.930  11.098  0.730   1.00 42.59 ? 12  GLN C OE1 1 
ATOM   936  N  NE2 . GLN C 1 13 ? 16.715  10.714  -1.317  1.00 54.89 ? 12  GLN C NE2 1 
ATOM   937  N  N   . ALA C 1 14 ? 12.110  11.796  -2.433  1.00 29.94 ? 13  ALA C N   1 
ATOM   938  C  CA  . ALA C 1 14 ? 11.671  10.643  -3.217  1.00 29.32 ? 13  ALA C CA  1 
ATOM   939  C  C   . ALA C 1 14 ? 11.042  11.038  -4.543  1.00 29.66 ? 13  ALA C C   1 
ATOM   940  O  O   . ALA C 1 14 ? 10.869  10.297  -5.500  1.00 31.11 ? 13  ALA C O   1 
ATOM   941  C  CB  . ALA C 1 14 ? 10.719  9.862   -2.377  1.00 25.41 ? 13  ALA C CB  1 
ATOM   942  N  N   . ILE C 1 15 ? 10.635  12.277  -4.695  1.00 31.84 ? 14  ILE C N   1 
ATOM   943  C  CA  . ILE C 1 15 ? 9.952   12.496  -5.963  1.00 33.19 ? 14  ILE C CA  1 
ATOM   944  C  C   . ILE C 1 15 ? 11.046  12.699  -6.961  1.00 35.77 ? 14  ILE C C   1 
ATOM   945  O  O   . ILE C 1 15 ? 10.867  12.467  -8.164  1.00 39.41 ? 14  ILE C O   1 
ATOM   946  C  CB  . ILE C 1 15 ? 9.154   13.800  -5.869  1.00 31.99 ? 14  ILE C CB  1 
ATOM   947  C  CG1 . ILE C 1 15 ? 7.708   13.551  -5.425  1.00 29.54 ? 14  ILE C CG1 1 
ATOM   948  C  CG2 . ILE C 1 15 ? 9.282   14.462  -7.200  1.00 32.64 ? 14  ILE C CG2 1 
ATOM   949  C  CD1 . ILE C 1 15 ? 6.953   14.844  -5.616  1.00 31.58 ? 14  ILE C CD1 1 
ATOM   950  N  N   . LYS C 1 16 ? 12.171  13.194  -6.474  1.00 37.28 ? 15  LYS C N   1 
ATOM   951  C  CA  . LYS C 1 16 ? 13.217  13.407  -7.463  1.00 40.85 ? 15  LYS C CA  1 
ATOM   952  C  C   . LYS C 1 16 ? 13.983  12.121  -7.770  1.00 38.47 ? 15  LYS C C   1 
ATOM   953  O  O   . LYS C 1 16 ? 14.489  12.003  -8.854  1.00 37.38 ? 15  LYS C O   1 
ATOM   954  C  CB  . LYS C 1 16 ? 14.158  14.558  -7.160  1.00 44.11 ? 15  LYS C CB  1 
ATOM   955  C  CG  . LYS C 1 16 ? 15.469  14.396  -7.958  1.00 52.92 ? 15  LYS C CG  1 
ATOM   956  C  CD  . LYS C 1 16 ? 15.534  15.235  -9.235  1.00 56.13 ? 15  LYS C CD  1 
ATOM   957  C  CE  . LYS C 1 16 ? 16.774  16.114  -9.181  1.00 61.39 ? 15  LYS C CE  1 
ATOM   958  N  NZ  . LYS C 1 16 ? 17.337  16.460  -10.523 1.00 65.64 ? 15  LYS C NZ  1 
ATOM   959  N  N   . GLN C 1 17 ? 14.068  11.155  -6.863  1.00 37.99 ? 16  GLN C N   1 
ATOM   960  C  CA  . GLN C 1 17 ? 14.626  9.877   -7.251  1.00 34.97 ? 16  GLN C CA  1 
ATOM   961  C  C   . GLN C 1 17 ? 13.614  9.034   -8.084  1.00 31.75 ? 16  GLN C C   1 
ATOM   962  O  O   . GLN C 1 17 ? 14.039  8.471   -9.060  1.00 32.75 ? 16  GLN C O   1 
ATOM   963  C  CB  . GLN C 1 17 ? 15.271  9.301   -5.964  1.00 37.69 ? 16  GLN C CB  1 
ATOM   964  C  CG  . GLN C 1 17 ? 16.640  9.908   -5.714  1.00 41.73 ? 16  GLN C CG  1 
ATOM   965  C  CD  . GLN C 1 17 ? 17.479  8.982   -4.874  1.00 54.08 ? 16  GLN C CD  1 
ATOM   966  O  OE1 . GLN C 1 17 ? 18.648  9.256   -4.582  1.00 61.12 ? 16  GLN C OE1 1 
ATOM   967  N  NE2 . GLN C 1 17 ? 16.886  7.866   -4.474  1.00 57.31 ? 16  GLN C NE2 1 
ATOM   968  N  N   . TYR C 1 18 ? 12.318  8.929   -7.819  1.00 27.20 ? 17  TYR C N   1 
ATOM   969  C  CA  . TYR C 1 18 ? 11.377  8.213   -8.660  1.00 31.49 ? 17  TYR C CA  1 
ATOM   970  C  C   . TYR C 1 18 ? 11.296  8.831   -10.045 1.00 33.34 ? 17  TYR C C   1 
ATOM   971  O  O   . TYR C 1 18 ? 11.007  8.070   -10.974 1.00 30.82 ? 17  TYR C O   1 
ATOM   972  C  CB  . TYR C 1 18 ? 9.895   8.152   -8.179  1.00 31.25 ? 17  TYR C CB  1 
ATOM   973  C  CG  . TYR C 1 18 ? 9.697   7.187   -7.067  1.00 29.43 ? 17  TYR C CG  1 
ATOM   974  C  CD1 . TYR C 1 18 ? 9.571   7.588   -5.728  1.00 28.33 ? 17  TYR C CD1 1 
ATOM   975  C  CD2 . TYR C 1 18 ? 9.691   5.861   -7.442  1.00 31.62 ? 17  TYR C CD2 1 
ATOM   976  C  CE1 . TYR C 1 18 ? 9.416   6.649   -4.762  1.00 28.72 ? 17  TYR C CE1 1 
ATOM   977  C  CE2 . TYR C 1 18 ? 9.500   4.892   -6.530  1.00 32.88 ? 17  TYR C CE2 1 
ATOM   978  C  CZ  . TYR C 1 18 ? 9.366   5.309   -5.228  1.00 24.77 ? 17  TYR C CZ  1 
ATOM   979  O  OH  . TYR C 1 18 ? 9.246   4.153   -4.521  1.00 23.72 ? 17  TYR C OH  1 
ATOM   980  N  N   . ARG C 1 19 ? 11.478  10.150  -10.129 1.00 32.65 ? 18  ARG C N   1 
ATOM   981  C  CA  . ARG C 1 19 ? 11.506  10.768  -11.442 1.00 32.41 ? 18  ARG C CA  1 
ATOM   982  C  C   . ARG C 1 19 ? 12.784  10.364  -12.156 1.00 31.91 ? 18  ARG C C   1 
ATOM   983  O  O   . ARG C 1 19 ? 12.736  9.905   -13.271 1.00 36.33 ? 18  ARG C O   1 
ATOM   984  C  CB  . ARG C 1 19 ? 11.418  12.275  -11.286 1.00 32.93 ? 18  ARG C CB  1 
ATOM   985  C  CG  . ARG C 1 19 ? 10.163  12.980  -11.689 1.00 35.61 ? 18  ARG C CG  1 
ATOM   986  C  CD  . ARG C 1 19 ? 9.857   14.100  -10.723 1.00 38.50 ? 18  ARG C CD  1 
ATOM   987  N  NE  . ARG C 1 19 ? 8.821   15.053  -11.115 1.00 61.24 ? 18  ARG C NE  1 
ATOM   988  C  CZ  . ARG C 1 19 ? 7.873   14.981  -12.060 1.00 70.74 ? 18  ARG C CZ  1 
ATOM   989  N  NH1 . ARG C 1 19 ? 7.685   13.944  -12.884 1.00 68.62 ? 18  ARG C NH1 1 
ATOM   990  N  NH2 . ARG C 1 19 ? 7.090   16.057  -12.152 1.00 72.27 ? 18  ARG C NH2 1 
ATOM   991  N  N   . GLU C 1 20 ? 13.955  10.539  -11.590 1.00 33.72 ? 19  GLU C N   1 
ATOM   992  C  CA  . GLU C 1 20 ? 15.148  9.933   -12.132 1.00 39.25 ? 19  GLU C CA  1 
ATOM   993  C  C   . GLU C 1 20 ? 14.938  8.458   -12.542 1.00 41.02 ? 19  GLU C C   1 
ATOM   994  O  O   . GLU C 1 20 ? 15.341  8.048   -13.643 1.00 41.73 ? 19  GLU C O   1 
ATOM   995  C  CB  . GLU C 1 20 ? 16.293  10.258  -11.168 1.00 40.11 ? 19  GLU C CB  1 
ATOM   996  C  CG  . GLU C 1 20 ? 17.078  11.415  -11.759 1.00 46.81 ? 19  GLU C CG  1 
ATOM   997  C  CD  . GLU C 1 20 ? 17.226  12.703  -10.944 1.00 55.17 ? 19  GLU C CD  1 
ATOM   998  O  OE1 . GLU C 1 20 ? 17.373  12.778  -9.692  1.00 62.03 ? 19  GLU C OE1 1 
ATOM   999  O  OE2 . GLU C 1 20 ? 17.229  13.736  -11.646 1.00 43.41 ? 19  GLU C OE2 1 
ATOM   1000 N  N   . ALA C 1 21 ? 14.281  7.657   -11.709 1.00 39.56 ? 20  ALA C N   1 
ATOM   1001 C  CA  . ALA C 1 21 ? 14.085  6.252   -12.077 1.00 39.78 ? 20  ALA C CA  1 
ATOM   1002 C  C   . ALA C 1 21 ? 13.220  6.101   -13.339 1.00 38.79 ? 20  ALA C C   1 
ATOM   1003 O  O   . ALA C 1 21 ? 13.593  5.349   -14.215 1.00 32.60 ? 20  ALA C O   1 
ATOM   1004 C  CB  . ALA C 1 21 ? 13.644  5.362   -10.873 1.00 36.16 ? 20  ALA C CB  1 
ATOM   1005 N  N   . LEU C 1 22 ? 12.091  6.806   -13.434 1.00 40.18 ? 21  LEU C N   1 
ATOM   1006 C  CA  . LEU C 1 22 ? 11.229  6.819   -14.618 1.00 43.51 ? 21  LEU C CA  1 
ATOM   1007 C  C   . LEU C 1 22 ? 11.979  7.171   -15.893 1.00 46.00 ? 21  LEU C C   1 
ATOM   1008 O  O   . LEU C 1 22 ? 11.819  6.470   -16.904 1.00 46.12 ? 21  LEU C O   1 
ATOM   1009 C  CB  . LEU C 1 22 ? 10.085  7.819   -14.504 1.00 41.43 ? 21  LEU C CB  1 
ATOM   1010 C  CG  . LEU C 1 22 ? 8.664   7.336   -14.741 1.00 42.58 ? 21  LEU C CG  1 
ATOM   1011 C  CD1 . LEU C 1 22 ? 8.305   8.073   -15.973 1.00 48.41 ? 21  LEU C CD1 1 
ATOM   1012 C  CD2 . LEU C 1 22 ? 8.414   5.814   -14.786 1.00 39.15 ? 21  LEU C CD2 1 
ATOM   1013 N  N   . GLU C 1 23 ? 12.810  8.212   -15.816 1.00 45.37 ? 22  GLU C N   1 
ATOM   1014 C  CA  . GLU C 1 23 ? 13.509  8.660   -17.013 1.00 46.17 ? 22  GLU C CA  1 
ATOM   1015 C  C   . GLU C 1 23 ? 14.337  7.557   -17.652 1.00 45.12 ? 22  GLU C C   1 
ATOM   1016 O  O   . GLU C 1 23 ? 14.208  7.447   -18.872 1.00 43.23 ? 22  GLU C O   1 
ATOM   1017 C  CB  . GLU C 1 23 ? 14.492  9.768   -16.702 1.00 48.42 ? 22  GLU C CB  1 
ATOM   1018 C  CG  . GLU C 1 23 ? 14.941  10.533  -17.928 1.00 53.83 ? 22  GLU C CG  1 
ATOM   1019 C  CD  . GLU C 1 23 ? 15.083  11.937  -17.389 1.00 63.19 ? 22  GLU C CD  1 
ATOM   1020 O  OE1 . GLU C 1 23 ? 14.518  12.909  -17.957 1.00 64.35 ? 22  GLU C OE1 1 
ATOM   1021 O  OE2 . GLU C 1 23 ? 15.779  11.948  -16.339 1.00 61.04 ? 22  GLU C OE2 1 
ATOM   1022 N  N   . TYR C 1 24 ? 15.122  6.839   -16.843 1.00 42.90 ? 23  TYR C N   1 
ATOM   1023 C  CA  . TYR C 1 24 ? 16.041  5.749   -17.176 1.00 49.10 ? 23  TYR C CA  1 
ATOM   1024 C  C   . TYR C 1 24 ? 15.385  4.391   -17.538 1.00 49.62 ? 23  TYR C C   1 
ATOM   1025 O  O   . TYR C 1 24 ? 15.854  3.734   -18.456 1.00 48.83 ? 23  TYR C O   1 
ATOM   1026 C  CB  . TYR C 1 24 ? 17.061  5.560   -16.045 1.00 47.96 ? 23  TYR C CB  1 
ATOM   1027 C  CG  . TYR C 1 24 ? 17.861  4.278   -16.129 1.00 57.58 ? 23  TYR C CG  1 
ATOM   1028 C  CD1 . TYR C 1 24 ? 18.936  4.168   -17.006 1.00 60.08 ? 23  TYR C CD1 1 
ATOM   1029 C  CD2 . TYR C 1 24 ? 17.552  3.169   -15.339 1.00 59.07 ? 23  TYR C CD2 1 
ATOM   1030 C  CE1 . TYR C 1 24 ? 19.657  3.012   -17.092 1.00 56.76 ? 23  TYR C CE1 1 
ATOM   1031 C  CE2 . TYR C 1 24 ? 18.275  1.997   -15.420 1.00 60.60 ? 23  TYR C CE2 1 
ATOM   1032 C  CZ  . TYR C 1 24 ? 19.329  1.948   -16.303 1.00 60.71 ? 23  TYR C CZ  1 
ATOM   1033 O  OH  . TYR C 1 24 ? 20.147  0.862   -16.494 1.00 68.62 ? 23  TYR C OH  1 
ATOM   1034 N  N   . VAL C 1 25 ? 14.319  3.960   -16.861 1.00 52.43 ? 24  VAL C N   1 
ATOM   1035 C  CA  . VAL C 1 25 ? 13.571  2.754   -17.257 1.00 53.91 ? 24  VAL C CA  1 
ATOM   1036 C  C   . VAL C 1 25 ? 12.097  2.729   -17.708 1.00 53.94 ? 24  VAL C C   1 
ATOM   1037 O  O   . VAL C 1 25 ? 11.521  1.668   -17.963 1.00 56.18 ? 24  VAL C O   1 
ATOM   1038 C  CB  . VAL C 1 25 ? 13.432  1.786   -16.090 1.00 54.69 ? 24  VAL C CB  1 
ATOM   1039 C  CG1 . VAL C 1 25 ? 13.650  0.374   -16.638 1.00 52.45 ? 24  VAL C CG1 1 
ATOM   1040 C  CG2 . VAL C 1 25 ? 14.223  2.286   -14.902 1.00 47.09 ? 24  VAL C CG2 1 
ATOM   1041 N  N   . LYS C 1 26 ? 11.417  3.857   -17.787 1.00 52.40 ? 25  LYS C N   1 
ATOM   1042 C  CA  . LYS C 1 26 ? 10.036  3.828   -18.268 1.00 53.51 ? 25  LYS C CA  1 
ATOM   1043 C  C   . LYS C 1 26 ? 9.038   2.900   -17.577 1.00 51.72 ? 25  LYS C C   1 
ATOM   1044 O  O   . LYS C 1 26 ? 7.891   2.822   -17.919 1.00 53.49 ? 25  LYS C O   1 
ATOM   1045 C  CB  . LYS C 1 26 ? 9.977   3.659   -19.787 1.00 53.22 ? 25  LYS C CB  1 
ATOM   1046 C  CG  . LYS C 1 26 ? 10.566  4.827   -20.577 1.00 55.56 ? 25  LYS C CG  1 
ATOM   1047 C  CD  . LYS C 1 26 ? 11.834  5.513   -20.027 1.00 52.76 ? 25  LYS C CD  1 
ATOM   1048 C  CE  . LYS C 1 26 ? 11.943  6.910   -20.655 1.00 59.82 ? 25  LYS C CE  1 
ATOM   1049 N  NZ  . LYS C 1 26 ? 11.268  7.971   -19.820 1.00 59.20 ? 25  LYS C NZ  1 
ATOM   1050 N  N   . LEU C 1 27 ? 9.366   2.129   -16.563 1.00 49.91 ? 26  LEU C N   1 
ATOM   1051 C  CA  . LEU C 1 27 ? 8.301   1.377   -15.912 1.00 45.15 ? 26  LEU C CA  1 
ATOM   1052 C  C   . LEU C 1 27 ? 7.081   2.154   -15.471 1.00 42.03 ? 26  LEU C C   1 
ATOM   1053 O  O   . LEU C 1 27 ? 7.060   3.098   -14.711 1.00 39.43 ? 26  LEU C O   1 
ATOM   1054 C  CB  . LEU C 1 27 ? 8.928   0.741   -14.656 1.00 45.56 ? 26  LEU C CB  1 
ATOM   1055 C  CG  . LEU C 1 27 ? 9.935   -0.400  -14.902 1.00 44.68 ? 26  LEU C CG  1 
ATOM   1056 C  CD1 . LEU C 1 27 ? 10.811  -0.984  -13.757 1.00 38.02 ? 26  LEU C CD1 1 
ATOM   1057 C  CD2 . LEU C 1 27 ? 9.248   -1.620  -15.576 1.00 44.00 ? 26  LEU C CD2 1 
ATOM   1058 N  N   . PRO C 1 28 ? 5.907   1.788   -15.963 1.00 38.16 ? 27  PRO C N   1 
ATOM   1059 C  CA  . PRO C 1 28 ? 4.684   2.449   -15.501 1.00 36.08 ? 27  PRO C CA  1 
ATOM   1060 C  C   . PRO C 1 28 ? 4.348   2.517   -13.999 1.00 32.61 ? 27  PRO C C   1 
ATOM   1061 O  O   . PRO C 1 28 ? 3.588   3.383   -13.605 1.00 32.98 ? 27  PRO C O   1 
ATOM   1062 C  CB  . PRO C 1 28 ? 3.570   1.689   -16.283 1.00 36.51 ? 27  PRO C CB  1 
ATOM   1063 C  CG  . PRO C 1 28 ? 4.274   1.131   -17.431 1.00 32.01 ? 27  PRO C CG  1 
ATOM   1064 C  CD  . PRO C 1 28 ? 5.632   0.786   -16.992 1.00 36.09 ? 27  PRO C CD  1 
ATOM   1065 N  N   . VAL C 1 29 ? 4.832   1.606   -13.171 1.00 31.47 ? 28  VAL C N   1 
ATOM   1066 C  CA  . VAL C 1 29 ? 4.556   1.546   -11.739 1.00 30.05 ? 28  VAL C CA  1 
ATOM   1067 C  C   . VAL C 1 29 ? 5.280   2.753   -11.091 1.00 27.78 ? 28  VAL C C   1 
ATOM   1068 O  O   . VAL C 1 29 ? 4.875   3.283   -10.067 1.00 27.49 ? 28  VAL C O   1 
ATOM   1069 C  CB  . VAL C 1 29 ? 4.895   0.114   -11.140 1.00 27.66 ? 28  VAL C CB  1 
ATOM   1070 C  CG1 . VAL C 1 29 ? 6.290   -0.362  -11.158 1.00 28.56 ? 28  VAL C CG1 1 
ATOM   1071 C  CG2 . VAL C 1 29 ? 4.452   -0.094  -9.720  1.00 29.49 ? 28  VAL C CG2 1 
ATOM   1072 N  N   . LEU C 1 30 ? 6.365   3.205   -11.691 1.00 27.92 ? 29  LEU C N   1 
ATOM   1073 C  CA  . LEU C 1 30 ? 7.130   4.311   -11.184 1.00 30.60 ? 29  LEU C CA  1 
ATOM   1074 C  C   . LEU C 1 30 ? 6.273   5.571   -11.242 1.00 33.13 ? 29  LEU C C   1 
ATOM   1075 O  O   . LEU C 1 30 ? 6.295   6.497   -10.408 1.00 30.62 ? 29  LEU C O   1 
ATOM   1076 C  CB  . LEU C 1 30 ? 8.337   4.501   -12.093 1.00 30.61 ? 29  LEU C CB  1 
ATOM   1077 C  CG  . LEU C 1 30 ? 9.516   3.740   -11.451 1.00 33.67 ? 29  LEU C CG  1 
ATOM   1078 C  CD1 . LEU C 1 30 ? 9.414   2.872   -10.232 1.00 30.27 ? 29  LEU C CD1 1 
ATOM   1079 C  CD2 . LEU C 1 30 ? 10.761  3.377   -12.209 1.00 24.87 ? 29  LEU C CD2 1 
ATOM   1080 N  N   . ALA C 1 31 ? 5.486   5.586   -12.312 1.00 33.92 ? 30  ALA C N   1 
ATOM   1081 C  CA  . ALA C 1 31 ? 4.684   6.756   -12.619 1.00 28.51 ? 30  ALA C CA  1 
ATOM   1082 C  C   . ALA C 1 31 ? 3.507   6.844   -11.651 1.00 29.37 ? 30  ALA C C   1 
ATOM   1083 O  O   . ALA C 1 31 ? 3.157   7.966   -11.194 1.00 25.49 ? 30  ALA C O   1 
ATOM   1084 C  CB  . ALA C 1 31 ? 4.283   6.746   -14.075 1.00 28.07 ? 30  ALA C CB  1 
ATOM   1085 N  N   . LYS C 1 32 ? 2.913   5.682   -11.400 1.00 24.61 ? 31  LYS C N   1 
ATOM   1086 C  CA  . LYS C 1 32 ? 1.810   5.575   -10.444 1.00 29.80 ? 31  LYS C CA  1 
ATOM   1087 C  C   . LYS C 1 32 ? 2.203   5.916   -8.981  1.00 31.74 ? 31  LYS C C   1 
ATOM   1088 O  O   . LYS C 1 32 ? 1.448   6.432   -8.162  1.00 30.87 ? 31  LYS C O   1 
ATOM   1089 C  CB  . LYS C 1 32 ? 1.450   4.091   -10.571 1.00 33.17 ? 31  LYS C CB  1 
ATOM   1090 C  CG  . LYS C 1 32 ? 0.002   3.569   -10.541 1.00 45.17 ? 31  LYS C CG  1 
ATOM   1091 C  CD  . LYS C 1 32 ? -0.564  3.443   -9.124  1.00 49.16 ? 31  LYS C CD  1 
ATOM   1092 C  CE  . LYS C 1 32 ? -1.099  4.790   -8.619  1.00 56.49 ? 31  LYS C CE  1 
ATOM   1093 N  NZ  . LYS C 1 32 ? -0.601  5.315   -7.319  1.00 58.83 ? 31  LYS C NZ  1 
ATOM   1094 N  N   . ILE C 1 33 ? 3.439   5.575   -8.596  1.00 30.80 ? 32  ILE C N   1 
ATOM   1095 C  CA  . ILE C 1 33 ? 4.049   5.864   -7.293  1.00 29.15 ? 32  ILE C CA  1 
ATOM   1096 C  C   . ILE C 1 33 ? 4.269   7.377   -7.181  1.00 25.90 ? 32  ILE C C   1 
ATOM   1097 O  O   . ILE C 1 33 ? 3.859   8.052   -6.251  1.00 26.63 ? 32  ILE C O   1 
ATOM   1098 C  CB  . ILE C 1 33 ? 5.411   5.070   -7.025  1.00 23.60 ? 32  ILE C CB  1 
ATOM   1099 C  CG1 . ILE C 1 33 ? 5.105   3.603   -6.687  1.00 21.98 ? 32  ILE C CG1 1 
ATOM   1100 C  CG2 . ILE C 1 33 ? 6.115   5.762   -5.857  1.00 22.59 ? 32  ILE C CG2 1 
ATOM   1101 C  CD1 . ILE C 1 33 ? 6.347   2.662   -6.655  1.00 17.93 ? 32  ILE C CD1 1 
ATOM   1102 N  N   . LEU C 1 34 ? 4.946   7.946   -8.168  1.00 25.98 ? 33  LEU C N   1 
ATOM   1103 C  CA  . LEU C 1 34 ? 5.084   9.359   -8.275  1.00 26.53 ? 33  LEU C CA  1 
ATOM   1104 C  C   . LEU C 1 34 ? 3.808   10.162  -8.010  1.00 33.10 ? 33  LEU C C   1 
ATOM   1105 O  O   . LEU C 1 34 ? 3.860   11.226  -7.351  1.00 32.43 ? 33  LEU C O   1 
ATOM   1106 C  CB  . LEU C 1 34 ? 5.700   9.670   -9.652  1.00 32.40 ? 33  LEU C CB  1 
ATOM   1107 C  CG  . LEU C 1 34 ? 7.224   9.897   -9.939  1.00 31.52 ? 33  LEU C CG  1 
ATOM   1108 C  CD1 . LEU C 1 34 ? 7.664   10.560  -11.338 1.00 23.10 ? 33  LEU C CD1 1 
ATOM   1109 C  CD2 . LEU C 1 34 ? 7.592   10.885  -8.753  1.00 24.63 ? 33  LEU C CD2 1 
ATOM   1110 N  N   . GLU C 1 35 ? 2.684   9.645   -8.505  1.00 32.06 ? 34  GLU C N   1 
ATOM   1111 C  CA  . GLU C 1 35 ? 1.372   10.205  -8.263  1.00 33.20 ? 34  GLU C CA  1 
ATOM   1112 C  C   . GLU C 1 35 ? 0.855   10.155  -6.852  1.00 33.63 ? 34  GLU C C   1 
ATOM   1113 O  O   . GLU C 1 35 ? 0.199   11.108  -6.411  1.00 36.72 ? 34  GLU C O   1 
ATOM   1114 C  CB  . GLU C 1 35 ? 0.303   9.407   -8.969  1.00 32.94 ? 34  GLU C CB  1 
ATOM   1115 C  CG  . GLU C 1 35 ? -0.374  10.125  -10.107 1.00 41.73 ? 34  GLU C CG  1 
ATOM   1116 C  CD  . GLU C 1 35 ? -1.334  9.130   -10.735 1.00 53.38 ? 34  GLU C CD  1 
ATOM   1117 O  OE1 . GLU C 1 35 ? -2.551  9.249   -10.421 1.00 60.43 ? 34  GLU C OE1 1 
ATOM   1118 O  OE2 . GLU C 1 35 ? -0.837  8.256   -11.490 1.00 47.09 ? 34  GLU C OE2 1 
ATOM   1119 N  N   . ASP C 1 36 ? 1.127   9.044   -6.178  1.00 33.88 ? 35  ASP C N   1 
ATOM   1120 C  CA  . ASP C 1 36 ? 0.975   8.986   -4.722  1.00 31.35 ? 35  ASP C CA  1 
ATOM   1121 C  C   . ASP C 1 36 ? 1.891   9.946   -4.011  1.00 26.97 ? 35  ASP C C   1 
ATOM   1122 O  O   . ASP C 1 36 ? 1.401   10.590  -3.108  1.00 29.96 ? 35  ASP C O   1 
ATOM   1123 C  CB  . ASP C 1 36 ? 1.136   7.626   -4.076  1.00 26.86 ? 35  ASP C CB  1 
ATOM   1124 C  CG  . ASP C 1 36 ? 0.056   6.665   -4.520  1.00 35.36 ? 35  ASP C CG  1 
ATOM   1125 O  OD1 . ASP C 1 36 ? -1.040  7.081   -4.990  1.00 23.89 ? 35  ASP C OD1 1 
ATOM   1126 O  OD2 . ASP C 1 36 ? 0.265   5.428   -4.436  1.00 35.26 ? 35  ASP C OD2 1 
ATOM   1127 N  N   . GLU C 1 37 ? 3.155   10.114  -4.371  1.00 27.53 ? 36  GLU C N   1 
ATOM   1128 C  CA  . GLU C 1 37 ? 4.057   10.994  -3.595  1.00 21.23 ? 36  GLU C CA  1 
ATOM   1129 C  C   . GLU C 1 37 ? 3.574   12.434  -3.639  1.00 25.31 ? 36  GLU C C   1 
ATOM   1130 O  O   . GLU C 1 37 ? 3.601   13.212  -2.677  1.00 27.58 ? 36  GLU C O   1 
ATOM   1131 C  CB  . GLU C 1 37 ? 5.531   10.890  -4.057  1.00 14.48 ? 36  GLU C CB  1 
ATOM   1132 C  CG  . GLU C 1 37 ? 5.966   9.434   -4.201  1.00 17.55 ? 36  GLU C CG  1 
ATOM   1133 C  CD  . GLU C 1 37 ? 5.764   8.693   -2.893  1.00 21.41 ? 36  GLU C CD  1 
ATOM   1134 O  OE1 . GLU C 1 37 ? 5.196   9.349   -1.960  1.00 22.01 ? 36  GLU C OE1 1 
ATOM   1135 O  OE2 . GLU C 1 37 ? 6.316   7.544   -2.772  1.00 13.98 ? 36  GLU C OE2 1 
ATOM   1136 N  N   . GLU C 1 38 ? 3.152   12.777  -4.840  1.00 23.36 ? 37  GLU C N   1 
ATOM   1137 C  CA  . GLU C 1 38 ? 2.547   14.079  -5.173  1.00 28.53 ? 37  GLU C CA  1 
ATOM   1138 C  C   . GLU C 1 38 ? 1.196   14.222  -4.454  1.00 24.21 ? 37  GLU C C   1 
ATOM   1139 O  O   . GLU C 1 38 ? 0.846   15.323  -4.052  1.00 27.56 ? 37  GLU C O   1 
ATOM   1140 C  CB  . GLU C 1 38 ? 2.395   14.342  -6.703  1.00 23.15 ? 37  GLU C CB  1 
ATOM   1141 C  CG  . GLU C 1 38 ? 3.527   15.278  -7.149  1.00 31.64 ? 37  GLU C CG  1 
ATOM   1142 C  CD  . GLU C 1 38 ? 4.042   14.677  -8.450  1.00 43.07 ? 37  GLU C CD  1 
ATOM   1143 O  OE1 . GLU C 1 38 ? 3.223   13.983  -9.112  1.00 42.86 ? 37  GLU C OE1 1 
ATOM   1144 O  OE2 . GLU C 1 38 ? 5.205   14.823  -8.883  1.00 54.64 ? 37  GLU C OE2 1 
ATOM   1145 N  N   . LYS C 1 39 ? 0.376   13.225  -4.159  1.00 28.74 ? 38  LYS C N   1 
ATOM   1146 C  CA  . LYS C 1 39 ? -0.642  13.672  -3.205  1.00 29.42 ? 38  LYS C CA  1 
ATOM   1147 C  C   . LYS C 1 39 ? -0.218  13.752  -1.735  1.00 30.33 ? 38  LYS C C   1 
ATOM   1148 O  O   . LYS C 1 39 ? -0.856  14.466  -0.943  1.00 32.39 ? 38  LYS C O   1 
ATOM   1149 C  CB  . LYS C 1 39 ? -1.992  12.973  -3.318  1.00 32.01 ? 38  LYS C CB  1 
ATOM   1150 C  CG  . LYS C 1 39 ? -2.300  11.800  -2.418  1.00 45.02 ? 38  LYS C CG  1 
ATOM   1151 C  CD  . LYS C 1 39 ? -3.177  10.872  -3.286  1.00 52.88 ? 38  LYS C CD  1 
ATOM   1152 C  CE  . LYS C 1 39 ? -3.180  9.450   -2.746  1.00 54.12 ? 38  LYS C CE  1 
ATOM   1153 N  NZ  . LYS C 1 39 ? -1.886  9.185   -2.119  1.00 52.81 ? 38  LYS C NZ  1 
ATOM   1154 N  N   . HIS C 1 40 ? 0.843   13.017  -1.391  1.00 26.96 ? 39  HIS C N   1 
ATOM   1155 C  CA  . HIS C 1 40 ? 1.392   12.960  -0.037  1.00 27.18 ? 39  HIS C CA  1 
ATOM   1156 C  C   . HIS C 1 40 ? 1.862   14.368  0.348   1.00 26.21 ? 39  HIS C C   1 
ATOM   1157 O  O   . HIS C 1 40 ? 1.540   14.958  1.388   1.00 20.51 ? 39  HIS C O   1 
ATOM   1158 C  CB  . HIS C 1 40 ? 2.554   11.956  0.104   1.00 20.19 ? 39  HIS C CB  1 
ATOM   1159 C  CG  . HIS C 1 40 ? 2.134   10.530  -0.075  1.00 23.32 ? 39  HIS C CG  1 
ATOM   1160 N  ND1 . HIS C 1 40 ? 3.051   9.513   -0.253  1.00 27.50 ? 39  HIS C ND1 1 
ATOM   1161 C  CD2 . HIS C 1 40 ? 0.918   9.939   -0.076  1.00 23.20 ? 39  HIS C CD2 1 
ATOM   1162 C  CE1 . HIS C 1 40 ? 2.420   8.360   -0.372  1.00 30.71 ? 39  HIS C CE1 1 
ATOM   1163 N  NE2 . HIS C 1 40 ? 1.131   8.597   -0.260  1.00 21.62 ? 39  HIS C NE2 1 
ATOM   1164 N  N   . ILE C 1 41 ? 2.659   14.908  -0.564  1.00 25.36 ? 40  ILE C N   1 
ATOM   1165 C  CA  . ILE C 1 41 ? 3.144   16.279  -0.519  1.00 25.86 ? 40  ILE C CA  1 
ATOM   1166 C  C   . ILE C 1 41 ? 2.086   17.398  -0.376  1.00 28.87 ? 40  ILE C C   1 
ATOM   1167 O  O   . ILE C 1 41 ? 2.144   18.294  0.439   1.00 29.12 ? 40  ILE C O   1 
ATOM   1168 C  CB  . ILE C 1 41 ? 3.935   16.494  -1.841  1.00 26.84 ? 40  ILE C CB  1 
ATOM   1169 C  CG1 . ILE C 1 41 ? 5.407   16.312  -1.436  1.00 30.31 ? 40  ILE C CG1 1 
ATOM   1170 C  CG2 . ILE C 1 41 ? 3.941   18.043  -2.118  1.00 34.54 ? 40  ILE C CG2 1 
ATOM   1171 C  CD1 . ILE C 1 41 ? 6.352   16.265  -2.615  1.00 41.37 ? 40  ILE C CD1 1 
ATOM   1172 N  N   . GLU C 1 42 ? 1.105   17.368  -1.247  1.00 29.21 ? 41  GLU C N   1 
ATOM   1173 C  CA  . GLU C 1 42 ? -0.127  18.118  -1.279  1.00 31.31 ? 41  GLU C CA  1 
ATOM   1174 C  C   . GLU C 1 42 ? -0.775  18.141  0.116   1.00 32.05 ? 41  GLU C C   1 
ATOM   1175 O  O   . GLU C 1 42 ? -1.042  19.216  0.678   1.00 30.39 ? 41  GLU C O   1 
ATOM   1176 C  CB  . GLU C 1 42 ? -0.910  17.773  -2.577  1.00 28.10 ? 41  GLU C CB  1 
ATOM   1177 C  CG  . GLU C 1 42 ? -1.548  18.935  -3.380  1.00 39.64 ? 41  GLU C CG  1 
ATOM   1178 C  CD  . GLU C 1 42 ? -1.786  18.702  -4.888  1.00 55.97 ? 41  GLU C CD  1 
ATOM   1179 O  OE1 . GLU C 1 42 ? -1.518  17.641  -5.535  1.00 65.77 ? 41  GLU C OE1 1 
ATOM   1180 O  OE2 . GLU C 1 42 ? -2.282  19.611  -5.594  1.00 54.70 ? 41  GLU C OE2 1 
ATOM   1181 N  N   . TRP C 1 43 ? -0.986  16.984  0.725   1.00 33.46 ? 42  TRP C N   1 
ATOM   1182 C  CA  . TRP C 1 43 ? -1.413  16.789  2.129   1.00 33.95 ? 42  TRP C CA  1 
ATOM   1183 C  C   . TRP C 1 43 ? -0.433  17.268  3.228   1.00 36.30 ? 42  TRP C C   1 
ATOM   1184 O  O   . TRP C 1 43 ? -0.790  17.723  4.319   1.00 37.72 ? 42  TRP C O   1 
ATOM   1185 C  CB  . TRP C 1 43 ? -1.648  15.287  2.397   1.00 30.98 ? 42  TRP C CB  1 
ATOM   1186 C  CG  . TRP C 1 43 ? -2.675  14.645  1.448   1.00 33.63 ? 42  TRP C CG  1 
ATOM   1187 C  CD1 . TRP C 1 43 ? -3.569  15.297  0.627   1.00 31.14 ? 42  TRP C CD1 1 
ATOM   1188 C  CD2 . TRP C 1 43 ? -2.917  13.247  1.231   1.00 33.62 ? 42  TRP C CD2 1 
ATOM   1189 N  NE1 . TRP C 1 43 ? -4.347  14.393  -0.057  1.00 37.69 ? 42  TRP C NE1 1 
ATOM   1190 C  CE2 . TRP C 1 43 ? -3.965  13.131  0.308   1.00 35.20 ? 42  TRP C CE2 1 
ATOM   1191 C  CE3 . TRP C 1 43 ? -2.333  12.081  1.735   1.00 32.13 ? 42  TRP C CE3 1 
ATOM   1192 C  CZ2 . TRP C 1 43 ? -4.427  11.907  -0.144  1.00 41.95 ? 42  TRP C CZ2 1 
ATOM   1193 C  CZ3 . TRP C 1 43 ? -2.803  10.860  1.297   1.00 29.03 ? 42  TRP C CZ3 1 
ATOM   1194 C  CH2 . TRP C 1 43 ? -3.839  10.787  0.373   1.00 39.56 ? 42  TRP C CH2 1 
ATOM   1195 N  N   . LEU C 1 44 ? 0.868   17.207  3.000   1.00 36.06 ? 43  LEU C N   1 
ATOM   1196 C  CA  . LEU C 1 44 ? 1.654   17.659  4.132   1.00 36.69 ? 43  LEU C CA  1 
ATOM   1197 C  C   . LEU C 1 44 ? 1.563   19.165  4.088   1.00 34.51 ? 43  LEU C C   1 
ATOM   1198 O  O   . LEU C 1 44 ? 1.438   19.820  5.099   1.00 35.00 ? 43  LEU C O   1 
ATOM   1199 C  CB  . LEU C 1 44 ? 3.129   17.170  4.091   1.00 34.15 ? 43  LEU C CB  1 
ATOM   1200 C  CG  . LEU C 1 44 ? 3.225   15.668  4.402   1.00 29.47 ? 43  LEU C CG  1 
ATOM   1201 C  CD1 . LEU C 1 44 ? 4.354   14.926  3.722   1.00 18.93 ? 43  LEU C CD1 1 
ATOM   1202 C  CD2 . LEU C 1 44 ? 3.260   15.333  5.880   1.00 26.91 ? 43  LEU C CD2 1 
ATOM   1203 N  N   . GLU C 1 45 ? 1.662   19.666  2.869   1.00 37.40 ? 44  GLU C N   1 
ATOM   1204 C  CA  . GLU C 1 45 ? 1.691   21.076  2.510   1.00 40.21 ? 44  GLU C CA  1 
ATOM   1205 C  C   . GLU C 1 45 ? 0.382   21.691  2.935   1.00 41.43 ? 44  GLU C C   1 
ATOM   1206 O  O   . GLU C 1 45 ? 0.406   22.867  3.241   1.00 44.11 ? 44  GLU C O   1 
ATOM   1207 C  CB  . GLU C 1 45 ? 2.209   21.414  1.122   1.00 34.14 ? 44  GLU C CB  1 
ATOM   1208 C  CG  . GLU C 1 45 ? 1.879   22.788  0.561   1.00 48.94 ? 44  GLU C CG  1 
ATOM   1209 C  CD  . GLU C 1 45 ? 3.032   23.409  -0.242  1.00 56.00 ? 44  GLU C CD  1 
ATOM   1210 O  OE1 . GLU C 1 45 ? 3.468   22.787  -1.264  1.00 53.29 ? 44  GLU C OE1 1 
ATOM   1211 O  OE2 . GLU C 1 45 ? 3.499   24.499  0.213   1.00 44.32 ? 44  GLU C OE2 1 
ATOM   1212 N  N   . THR C 1 46 ? -0.700  20.939  3.075   1.00 43.23 ? 45  THR C N   1 
ATOM   1213 C  CA  . THR C 1 46 ? -1.935  21.493  3.644   1.00 43.44 ? 45  THR C CA  1 
ATOM   1214 C  C   . THR C 1 46 ? -1.934  21.431  5.168   1.00 43.62 ? 45  THR C C   1 
ATOM   1215 O  O   . THR C 1 46 ? -2.642  22.198  5.803   1.00 43.38 ? 45  THR C O   1 
ATOM   1216 C  CB  . THR C 1 46 ? -3.136  20.723  3.099   1.00 45.17 ? 45  THR C CB  1 
ATOM   1217 O  OG1 . THR C 1 46 ? -3.278  21.117  1.727   1.00 51.08 ? 45  THR C OG1 1 
ATOM   1218 C  CG2 . THR C 1 46 ? -4.486  21.098  3.776   1.00 46.92 ? 45  THR C CG2 1 
ATOM   1219 N  N   . ILE C 1 47 ? -1.158  20.541  5.789   1.00 42.74 ? 46  ILE C N   1 
ATOM   1220 C  CA  . ILE C 1 47 ? -1.109  20.450  7.237   1.00 38.91 ? 46  ILE C CA  1 
ATOM   1221 C  C   . ILE C 1 47 ? -0.216  21.606  7.608   1.00 37.53 ? 46  ILE C C   1 
ATOM   1222 O  O   . ILE C 1 47 ? -0.313  22.295  8.645   1.00 39.86 ? 46  ILE C O   1 
ATOM   1223 C  CB  . ILE C 1 47 ? -0.328  19.190  7.666   1.00 41.30 ? 46  ILE C CB  1 
ATOM   1224 C  CG1 . ILE C 1 47 ? -1.113  17.893  7.447   1.00 38.18 ? 46  ILE C CG1 1 
ATOM   1225 C  CG2 . ILE C 1 47 ? 0.365   19.430  9.010   1.00 35.51 ? 46  ILE C CG2 1 
ATOM   1226 C  CD1 . ILE C 1 47 ? -0.282  16.579  7.156   1.00 35.63 ? 46  ILE C CD1 1 
ATOM   1227 N  N   . LEU C 1 48 ? 0.730   21.851  6.721   1.00 35.42 ? 47  LEU C N   1 
ATOM   1228 C  CA  . LEU C 1 48 ? 1.624   22.909  7.179   1.00 36.67 ? 47  LEU C CA  1 
ATOM   1229 C  C   . LEU C 1 48 ? 1.014   24.281  6.957   1.00 42.20 ? 47  LEU C C   1 
ATOM   1230 O  O   . LEU C 1 48 ? 1.683   25.284  7.181   1.00 46.34 ? 47  LEU C O   1 
ATOM   1231 C  CB  . LEU C 1 48 ? 2.918   22.713  6.401   1.00 37.44 ? 47  LEU C CB  1 
ATOM   1232 C  CG  . LEU C 1 48 ? 3.834   21.537  6.761   1.00 37.20 ? 47  LEU C CG  1 
ATOM   1233 C  CD1 . LEU C 1 48 ? 5.036   21.170  5.910   1.00 32.65 ? 47  LEU C CD1 1 
ATOM   1234 C  CD2 . LEU C 1 48 ? 4.247   21.715  8.220   1.00 44.41 ? 47  LEU C CD2 1 
ATOM   1235 N  N   . GLY C 1 49 ? -0.235  24.338  6.487   1.00 45.63 ? 48  GLY C N   1 
ATOM   1236 C  CA  . GLY C 1 49 ? -0.940  25.545  6.114   1.00 49.97 ? 48  GLY C CA  1 
ATOM   1237 C  C   . GLY C 1 49 ? -0.266  26.441  5.091   1.00 51.69 ? 48  GLY C C   1 
ATOM   1238 O  O   . GLY C 1 49 ? 0.359   27.461  5.379   1.00 56.08 ? 48  GLY C O   1 
HETATM 1239 N  N   . NH2 C 1 50 ? -0.357  26.173  3.806   1.00 50.22 ? 49  NH2 C N   1 
HETATM 1240 MN MN  . MN  D 2 .  ? -12.259 -13.504 4.981   1.00 33.24 ? 401 MN  A MN  1 
HETATM 1241 S  S   . DMS E 3 .  ? -8.600  -13.275 4.458   0.50 29.97 ? 302 DMS A S   1 
HETATM 1242 O  O   . DMS E 3 .  ? -9.926  -13.826 4.826   0.50 33.93 ? 302 DMS A O   1 
HETATM 1243 C  C1  . DMS E 3 .  ? -7.533  -14.424 3.547   0.50 37.25 ? 302 DMS A C1  1 
HETATM 1244 C  C2  . DMS E 3 .  ? -9.296  -12.375 3.041   0.50 37.67 ? 302 DMS A C2  1 
HETATM 1245 MN MN  . MN  F 2 .  ? 6.157   6.095   -1.363  1.00 22.78 ? 402 MN  B MN  1 
HETATM 1246 S  S   A DMS G 3 .  ? 8.376   8.546   -0.410  0.50 28.29 ? 301 DMS B S   1 
HETATM 1247 S  S   B DMS G 3 .  ? 8.273   7.690   0.945   0.50 26.51 ? 301 DMS B S   1 
HETATM 1248 O  O   A DMS G 3 .  ? 7.250   7.845   0.225   0.50 29.13 ? 301 DMS B O   1 
HETATM 1249 O  O   B DMS G 3 .  ? 7.137   7.905   0.030   0.50 29.92 ? 301 DMS B O   1 
HETATM 1250 C  C1  A DMS G 3 .  ? 8.757   9.372   1.167   0.50 23.34 ? 301 DMS B C1  1 
HETATM 1251 C  C1  B DMS G 3 .  ? 9.530   7.203   -0.260  0.50 26.63 ? 301 DMS B C1  1 
HETATM 1252 C  C2  A DMS G 3 .  ? 9.639   7.256   -0.240  0.50 25.29 ? 301 DMS B C2  1 
HETATM 1253 C  C2  B DMS G 3 .  ? 8.756   9.347   1.502   0.50 24.11 ? 301 DMS B C2  1 
HETATM 1254 MN MN  . MN  H 2 .  ? 4.969   9.346   0.157   1.00 25.35 ? 403 MN  C MN  1 
HETATM 1255 O  O   . HOH I 4 .  ? -26.963 -8.677  3.027   1.00 57.21 ? 402 HOH A O   1 
HETATM 1256 O  O   . HOH I 4 .  ? -6.067  -8.682  -6.225  1.00 47.26 ? 403 HOH A O   1 
HETATM 1257 O  O   . HOH I 4 .  ? -8.540  -1.387  3.711   1.00 63.44 ? 404 HOH A O   1 
HETATM 1258 O  O   . HOH I 4 .  ? -6.298  -29.787 -10.095 1.00 62.95 ? 405 HOH A O   1 
HETATM 1259 O  O   . HOH I 4 .  ? -24.597 -11.434 -4.133  1.00 46.04 ? 406 HOH A O   1 
HETATM 1260 O  O   . HOH I 4 .  ? -21.653 -19.876 3.937   1.00 53.80 ? 407 HOH A O   1 
HETATM 1261 O  O   . HOH I 4 .  ? -1.972  -28.462 -3.516  1.00 56.06 ? 408 HOH A O   1 
HETATM 1262 O  O   . HOH I 4 .  ? -18.338 -27.600 5.124   1.00 56.99 ? 409 HOH A O   1 
HETATM 1263 O  O   . HOH I 4 .  ? -20.262 -19.258 8.214   1.00 41.16 ? 410 HOH A O   1 
HETATM 1264 O  O   . HOH I 4 .  ? -25.703 -9.596  0.849   1.00 53.11 ? 411 HOH A O   1 
HETATM 1265 O  O   . HOH J 4 .  ? 13.496  -6.675  -0.900  1.00 38.79 ? 403 HOH B O   1 
HETATM 1266 O  O   . HOH J 4 .  ? 18.663  5.470   -6.832  1.00 35.45 ? 404 HOH B O   1 
HETATM 1267 O  O   . HOH J 4 .  ? 5.925   -5.274  2.303   1.00 41.51 ? 405 HOH B O   1 
HETATM 1268 O  O   . HOH J 4 .  ? 18.055  5.318   -0.998  1.00 32.51 ? 406 HOH B O   1 
HETATM 1269 O  O   . HOH J 4 .  ? 13.549  -0.691  14.613  1.00 40.47 ? 407 HOH B O   1 
HETATM 1270 O  O   . HOH J 4 .  ? 8.920   12.151  11.905  1.00 39.38 ? 408 HOH B O   1 
HETATM 1271 O  O   . HOH J 4 .  ? 7.278   3.071   17.889  1.00 55.18 ? 409 HOH B O   1 
HETATM 1272 O  O   . HOH J 4 .  ? 6.481   -10.597 -4.398  1.00 37.94 ? 410 HOH B O   1 
HETATM 1273 O  O   . HOH J 4 .  ? 16.350  13.016  6.063   1.00 55.05 ? 411 HOH B O   1 
HETATM 1274 O  O   . HOH J 4 .  ? -4.891  -0.727  3.530   1.00 47.64 ? 412 HOH B O   1 
HETATM 1275 O  O   . HOH K 4 .  ? -4.693  23.306  -2.846  1.00 40.59 ? 404 HOH C O   1 
HETATM 1276 O  O   . HOH K 4 .  ? 17.114  6.448   -9.234  1.00 42.44 ? 405 HOH C O   1 
HETATM 1277 O  O   . HOH K 4 .  ? 15.444  17.680  -11.260 1.00 25.85 ? 406 HOH C O   1 
HETATM 1278 O  O   . HOH K 4 .  ? -6.196  16.229  -2.364  1.00 41.86 ? 407 HOH C O   1 
HETATM 1279 O  O   . HOH K 4 .  ? 8.634   15.574  17.062  1.00 37.72 ? 408 HOH C O   1 
HETATM 1280 O  O   . HOH K 4 .  ? -2.489  23.508  -1.949  1.00 34.42 ? 409 HOH C O   1 
HETATM 1281 O  O   . HOH K 4 .  ? 17.591  12.689  -15.089 1.00 24.36 ? 410 HOH C O   1 
HETATM 1282 O  O   . HOH K 4 .  ? 0.432   14.098  -10.487 1.00 39.10 ? 411 HOH C O   1 
HETATM 1283 O  O   . HOH K 4 .  ? 9.019   26.935  7.334   1.00 46.62 ? 412 HOH C O   1 
HETATM 1284 O  O   . HOH K 4 .  ? 21.121  8.188   -5.823  1.00 66.59 ? 413 HOH C O   1 
HETATM 1285 O  O   . HOH K 4 .  ? 16.864  15.374  -13.327 1.00 15.22 ? 414 HOH C O   1 
# 
